data_5HDR
#
_entry.id   5HDR
#
_cell.length_a   56.500
_cell.length_b   188.760
_cell.length_c   98.140
_cell.angle_alpha   90.000
_cell.angle_beta   93.890
_cell.angle_gamma   90.000
#
_symmetry.space_group_name_H-M   'P 1 21 1'
#
loop_
_entity.id
_entity.type
_entity.pdbx_description
1 polymer Alpha-L-fucosidase
2 non-polymer 'SULFATE ION'
3 non-polymer IMIDAZOLE
4 non-polymer [(1,2,3,4,5-eta)-cyclopentadienyl][(1,2,3,4,5-eta)-1-{3-[4-(3,4-dihydroxy-5-methylpyrrolidin-2-yl)-1H-1,2,3-triazol-1-yl]prop-1-en-1-yl}cyclopentadienyl]iron
5 water water
#
_entity_poly.entity_id   1
_entity_poly.type   'polypeptide(L)'
_entity_poly.pdbx_seq_one_letter_code
;AEIPLKYGATNEGKRQDPAMQKFRDNRLGAFIHWGLYAIPGGEWNGKVYGGAAEWLKSWAKVPADEWLKLMDQWNPTKFD
AKKWAKMAKEMGTKYVKITTKHHEGFCLWPSKYTKYTVANTPYKRDILGELVKAYNDEGIDVHFYFSVMDWSNPDYRYDI
KSKEDSIAFSRFLEFTDNQLKELATRYPTVKDFWFDGTWDASVKKNGWWTAHAEQMLKELVPGVAINSRLRADDKGKRHF
DSNGRLMGDYESGYERRLPDPVKDLKVTQWDWEACMTIPENQWGYHKDWSLSYVKTPIEVIDRIVHAVSMGGNMVVNFGP
QADGDFRPEEKAMATAIGKWMNRYGKAVYACDYAGFEKQDWGYYTRGKNDEVYMVVFNQPYSERLIVKTPKGITVEKATL
LTTGEDITVVETTRNEYNVSVPKKNPGEPYVIQLKVRAAKGTKSIYR
;
_entity_poly.pdbx_strand_id   A,B,C,D
#
# COMPACT_ATOMS: atom_id res chain seq x y z
N GLU A 2 69.21 44.36 1.04
CA GLU A 2 68.48 43.27 1.79
C GLU A 2 67.70 43.77 3.03
N ILE A 3 66.36 43.87 2.89
CA ILE A 3 65.45 44.37 3.94
C ILE A 3 64.78 43.26 4.78
N PRO A 4 64.86 43.33 6.12
CA PRO A 4 64.11 42.35 6.93
C PRO A 4 62.61 42.67 7.02
N LEU A 5 61.78 41.63 6.98
CA LEU A 5 60.32 41.77 6.89
C LEU A 5 59.63 40.66 7.67
N LYS A 6 58.63 41.02 8.47
CA LYS A 6 57.76 40.03 9.15
C LYS A 6 56.67 39.47 8.25
N TYR A 7 56.16 40.28 7.30
CA TYR A 7 54.97 39.95 6.49
C TYR A 7 55.28 39.94 4.98
N GLY A 8 56.49 39.51 4.64
CA GLY A 8 56.90 39.38 3.26
C GLY A 8 56.64 37.98 2.77
N ALA A 9 57.43 37.53 1.81
CA ALA A 9 57.19 36.24 1.16
C ALA A 9 57.46 35.07 2.09
N THR A 10 56.70 33.98 1.89
CA THR A 10 56.80 32.75 2.69
C THR A 10 57.41 31.60 1.86
N ASN A 11 56.82 31.29 0.69
CA ASN A 11 57.36 30.32 -0.28
C ASN A 11 58.74 30.71 -0.84
N GLU A 12 59.56 29.70 -1.12
CA GLU A 12 60.90 29.90 -1.70
C GLU A 12 60.84 30.02 -3.23
N GLY A 13 60.28 29.00 -3.88
CA GLY A 13 60.05 29.05 -5.33
C GLY A 13 58.63 28.57 -5.59
N LYS A 14 58.44 27.72 -6.60
CA LYS A 14 57.11 27.18 -6.91
C LYS A 14 56.74 26.11 -5.91
N ARG A 15 55.53 26.17 -5.38
CA ARG A 15 54.97 25.03 -4.63
C ARG A 15 54.93 23.78 -5.54
N GLN A 16 55.44 22.65 -5.04
CA GLN A 16 55.37 21.40 -5.81
C GLN A 16 54.55 20.28 -5.13
N ASP A 17 53.77 20.61 -4.10
CA ASP A 17 52.80 19.66 -3.53
C ASP A 17 51.73 19.30 -4.56
N PRO A 18 51.04 18.14 -4.38
CA PRO A 18 50.01 17.74 -5.35
C PRO A 18 48.86 18.74 -5.61
N ALA A 19 48.49 19.52 -4.60
CA ALA A 19 47.37 20.44 -4.74
C ALA A 19 47.69 21.65 -5.67
N MET A 20 48.91 22.19 -5.54
CA MET A 20 49.40 23.20 -6.47
C MET A 20 49.63 22.61 -7.87
N GLN A 21 50.16 21.38 -7.97
CA GLN A 21 50.30 20.68 -9.28
C GLN A 21 48.97 20.55 -10.03
N LYS A 22 47.88 20.39 -9.29
CA LYS A 22 46.57 20.25 -9.87
C LYS A 22 46.06 21.61 -10.34
N PHE A 23 46.25 22.61 -9.50
CA PHE A 23 45.92 24.00 -9.85
C PHE A 23 46.58 24.36 -11.20
N ARG A 24 47.88 24.07 -11.29
CA ARG A 24 48.72 24.32 -12.46
C ARG A 24 48.25 23.51 -13.65
N ASP A 25 48.13 22.20 -13.48
CA ASP A 25 47.77 21.30 -14.58
C ASP A 25 46.38 21.59 -15.16
N ASN A 26 45.45 22.06 -14.34
CA ASN A 26 44.16 22.47 -14.85
C ASN A 26 44.28 23.43 -16.07
N ARG A 27 45.13 24.47 -15.93
CA ARG A 27 45.39 25.54 -16.94
C ARG A 27 44.25 26.40 -17.40
N LEU A 28 43.14 25.80 -17.82
CA LEU A 28 42.04 26.57 -18.31
C LEU A 28 40.85 26.60 -17.34
N GLY A 29 40.43 27.81 -17.00
CA GLY A 29 39.29 28.02 -16.12
C GLY A 29 38.29 29.02 -16.66
N ALA A 30 37.14 29.11 -15.98
CA ALA A 30 36.11 30.12 -16.27
C ALA A 30 35.86 30.98 -15.06
N PHE A 31 35.49 32.23 -15.31
CA PHE A 31 35.20 33.21 -14.28
C PHE A 31 33.72 33.47 -14.38
N ILE A 32 33.06 33.56 -13.24
CA ILE A 32 31.64 33.91 -13.16
C ILE A 32 31.52 35.16 -12.32
N HIS A 33 31.00 36.22 -12.94
CA HIS A 33 30.63 37.47 -12.24
C HIS A 33 29.13 37.55 -12.20
N TRP A 34 28.58 37.35 -11.00
CA TRP A 34 27.13 37.44 -10.80
C TRP A 34 26.82 38.11 -9.50
N GLY A 35 25.97 39.12 -9.59
CA GLY A 35 25.59 39.91 -8.45
C GLY A 35 24.45 40.80 -8.87
N LEU A 36 24.15 41.76 -8.01
CA LEU A 36 22.98 42.63 -8.20
C LEU A 36 23.10 43.48 -9.44
N TYR A 37 24.35 43.77 -9.84
CA TYR A 37 24.63 44.52 -11.09
C TYR A 37 24.05 43.87 -12.34
N ALA A 38 23.77 42.57 -12.30
CA ALA A 38 23.16 41.89 -13.44
C ALA A 38 21.74 42.37 -13.78
N ILE A 39 21.05 42.92 -12.79
CA ILE A 39 19.65 43.33 -12.94
C ILE A 39 19.55 44.60 -13.79
N PRO A 40 20.15 45.73 -13.35
CA PRO A 40 20.15 46.91 -14.23
C PRO A 40 20.92 46.68 -15.53
N GLY A 41 22.06 45.98 -15.44
CA GLY A 41 22.84 45.56 -16.60
C GLY A 41 23.42 46.72 -17.40
N GLY A 42 24.00 47.69 -16.69
CA GLY A 42 24.61 48.85 -17.32
C GLY A 42 23.76 50.10 -17.44
N GLU A 43 22.46 49.98 -17.13
CA GLU A 43 21.52 51.07 -17.27
C GLU A 43 20.95 51.48 -15.92
N TRP A 44 20.99 52.79 -15.65
CA TRP A 44 20.40 53.37 -14.45
C TRP A 44 19.58 54.62 -14.79
N ASN A 45 18.30 54.57 -14.43
CA ASN A 45 17.35 55.66 -14.66
C ASN A 45 17.32 56.07 -16.13
N GLY A 46 17.19 55.09 -17.03
CA GLY A 46 17.16 55.39 -18.45
C GLY A 46 18.46 55.83 -19.15
N LYS A 47 19.56 55.98 -18.41
CA LYS A 47 20.89 56.26 -19.00
C LYS A 47 21.71 54.98 -19.02
N VAL A 48 22.15 54.57 -20.22
CA VAL A 48 23.06 53.42 -20.40
C VAL A 48 24.50 53.91 -20.26
N TYR A 49 25.22 53.36 -19.29
CA TYR A 49 26.61 53.73 -19.06
C TYR A 49 27.53 52.72 -19.77
N GLY A 50 28.58 53.24 -20.42
CA GLY A 50 29.57 52.43 -21.18
C GLY A 50 30.64 51.75 -20.34
N GLY A 51 30.88 52.21 -19.12
CA GLY A 51 31.79 51.53 -18.18
C GLY A 51 31.34 50.13 -17.77
N ALA A 52 32.23 49.44 -17.05
CA ALA A 52 31.95 48.08 -16.56
C ALA A 52 30.64 48.01 -15.73
N ALA A 53 29.73 47.14 -16.15
CA ALA A 53 28.40 47.04 -15.54
C ALA A 53 28.43 46.71 -14.06
N GLU A 54 29.45 45.98 -13.61
CA GLU A 54 29.60 45.70 -12.18
C GLU A 54 30.03 46.91 -11.32
N TRP A 55 30.41 48.01 -11.98
CA TRP A 55 30.76 49.27 -11.34
C TRP A 55 29.67 50.33 -11.56
N LEU A 56 28.48 49.94 -12.03
CA LEU A 56 27.37 50.89 -12.26
C LEU A 56 26.99 51.76 -11.05
N LYS A 57 27.04 51.19 -9.83
CA LYS A 57 26.82 51.97 -8.59
C LYS A 57 27.75 53.18 -8.53
N SER A 58 28.98 53.04 -9.04
CA SER A 58 29.94 54.15 -9.06
C SER A 58 29.67 55.12 -10.20
N TRP A 59 29.44 54.60 -11.41
CA TRP A 59 29.19 55.48 -12.58
C TRP A 59 27.94 56.33 -12.42
N ALA A 60 26.87 55.72 -11.95
CA ALA A 60 25.59 56.43 -11.75
C ALA A 60 25.43 57.07 -10.34
N LYS A 61 26.52 57.15 -9.56
CA LYS A 61 26.53 57.79 -8.22
C LYS A 61 25.35 57.34 -7.32
N VAL A 62 25.09 56.04 -7.27
CA VAL A 62 23.95 55.46 -6.55
C VAL A 62 24.31 55.16 -5.10
N PRO A 63 23.49 55.64 -4.12
CA PRO A 63 23.81 55.35 -2.70
C PRO A 63 23.59 53.87 -2.34
N ALA A 64 24.35 53.38 -1.35
CA ALA A 64 24.32 51.97 -0.92
C ALA A 64 22.88 51.46 -0.65
N ASP A 65 22.17 52.13 0.27
CA ASP A 65 20.78 51.82 0.60
C ASP A 65 19.95 51.57 -0.64
N GLU A 66 19.99 52.51 -1.60
CA GLU A 66 19.20 52.38 -2.85
C GLU A 66 19.71 51.26 -3.79
N TRP A 67 21.04 51.09 -3.87
CA TRP A 67 21.65 50.03 -4.69
C TRP A 67 21.29 48.63 -4.16
N LEU A 68 21.42 48.45 -2.85
CA LEU A 68 21.12 47.15 -2.22
C LEU A 68 19.61 46.80 -2.23
N LYS A 69 18.73 47.79 -2.41
CA LYS A 69 17.29 47.55 -2.66
C LYS A 69 17.03 46.72 -3.93
N LEU A 70 18.03 46.54 -4.79
CA LEU A 70 17.94 45.59 -5.92
C LEU A 70 17.74 44.11 -5.48
N MET A 71 18.17 43.78 -4.27
CA MET A 71 17.85 42.50 -3.62
C MET A 71 16.37 42.10 -3.73
N ASP A 72 15.47 43.09 -3.70
CA ASP A 72 14.02 42.84 -3.84
C ASP A 72 13.62 42.32 -5.21
N GLN A 73 14.44 42.55 -6.24
CA GLN A 73 14.21 41.96 -7.59
C GLN A 73 15.08 40.75 -7.92
N TRP A 74 15.90 40.30 -6.98
CA TRP A 74 16.77 39.14 -7.19
C TRP A 74 15.99 37.84 -7.15
N ASN A 75 15.62 37.38 -8.34
CA ASN A 75 14.80 36.20 -8.49
C ASN A 75 15.13 35.47 -9.81
N PRO A 76 16.33 34.87 -9.87
CA PRO A 76 16.79 34.16 -11.07
C PRO A 76 16.05 32.84 -11.32
N THR A 77 14.87 32.97 -11.93
CA THR A 77 13.97 31.84 -12.15
C THR A 77 14.57 30.72 -13.01
N LYS A 78 15.34 31.10 -14.03
CA LYS A 78 15.98 30.12 -14.94
C LYS A 78 17.28 29.51 -14.41
N PHE A 79 17.74 29.90 -13.23
CA PHE A 79 18.96 29.36 -12.65
C PHE A 79 18.90 27.86 -12.42
N ASP A 80 19.91 27.14 -12.90
CA ASP A 80 20.03 25.68 -12.70
C ASP A 80 21.50 25.31 -12.63
N ALA A 81 21.98 25.03 -11.42
CA ALA A 81 23.41 24.77 -11.19
C ALA A 81 23.96 23.62 -12.03
N LYS A 82 23.13 22.62 -12.30
CA LYS A 82 23.53 21.46 -13.11
C LYS A 82 23.77 21.86 -14.57
N LYS A 83 22.96 22.79 -15.09
CA LYS A 83 23.17 23.30 -16.45
C LYS A 83 24.49 24.10 -16.59
N TRP A 84 24.72 24.98 -15.62
CA TRP A 84 25.94 25.76 -15.55
C TRP A 84 27.14 24.86 -15.58
N ALA A 85 27.08 23.78 -14.81
CA ALA A 85 28.23 22.90 -14.70
C ALA A 85 28.48 22.12 -15.97
N LYS A 86 27.39 21.75 -16.66
CA LYS A 86 27.49 21.01 -17.93
C LYS A 86 28.08 21.98 -18.95
N MET A 87 27.67 23.24 -18.89
CA MET A 87 28.25 24.25 -19.81
C MET A 87 29.76 24.40 -19.64
N ALA A 88 30.21 24.41 -18.39
CA ALA A 88 31.64 24.44 -18.08
C ALA A 88 32.40 23.20 -18.51
N LYS A 89 31.80 22.03 -18.30
CA LYS A 89 32.39 20.74 -18.78
C LYS A 89 32.58 20.72 -20.30
N GLU A 90 31.55 21.17 -21.01
CA GLU A 90 31.52 21.19 -22.47
C GLU A 90 32.59 22.16 -23.00
N MET A 91 32.81 23.26 -22.31
CA MET A 91 33.80 24.25 -22.70
C MET A 91 35.24 23.76 -22.56
N GLY A 92 35.45 22.75 -21.70
CA GLY A 92 36.79 22.21 -21.44
C GLY A 92 37.49 22.85 -20.24
N THR A 93 36.75 23.59 -19.41
CA THR A 93 37.31 24.22 -18.21
C THR A 93 37.49 23.17 -17.12
N LYS A 94 38.63 23.20 -16.44
CA LYS A 94 38.92 22.30 -15.36
C LYS A 94 38.62 22.95 -14.00
N TYR A 95 38.39 24.26 -13.99
CA TYR A 95 37.98 24.97 -12.79
C TYR A 95 37.13 26.18 -13.12
N VAL A 96 36.47 26.68 -12.08
CA VAL A 96 35.64 27.85 -12.16
C VAL A 96 35.89 28.76 -10.92
N LYS A 97 36.04 30.07 -11.16
CA LYS A 97 36.22 31.06 -10.12
C LYS A 97 34.93 31.82 -10.02
N ILE A 98 34.36 31.87 -8.82
CA ILE A 98 33.01 32.44 -8.63
C ILE A 98 33.09 33.67 -7.74
N THR A 99 32.39 34.75 -8.14
CA THR A 99 32.26 35.93 -7.28
C THR A 99 31.38 35.60 -6.05
N THR A 100 32.00 35.28 -4.93
CA THR A 100 31.25 35.03 -3.67
C THR A 100 30.64 36.32 -3.18
N LYS A 101 31.40 37.40 -3.31
CA LYS A 101 30.95 38.79 -3.00
C LYS A 101 31.78 39.79 -3.84
N HIS A 102 31.12 40.67 -4.59
CA HIS A 102 31.85 41.72 -5.34
C HIS A 102 31.91 43.00 -4.46
N HIS A 103 32.38 44.11 -5.03
CA HIS A 103 32.50 45.39 -4.32
C HIS A 103 31.19 45.88 -3.70
N GLU A 104 30.09 45.65 -4.42
CA GLU A 104 28.75 46.03 -3.94
C GLU A 104 28.36 45.46 -2.55
N GLY A 105 28.97 44.34 -2.14
CA GLY A 105 28.79 43.75 -0.81
C GLY A 105 27.79 42.57 -0.75
N PHE A 106 26.98 42.39 -1.78
CA PHE A 106 26.00 41.31 -1.87
C PHE A 106 26.62 39.92 -1.90
N CYS A 107 26.29 39.07 -0.92
CA CYS A 107 26.85 37.72 -0.81
C CYS A 107 26.00 36.65 -1.51
N LEU A 108 26.62 35.77 -2.26
CA LEU A 108 25.91 34.68 -2.95
C LEU A 108 25.74 33.44 -2.08
N TRP A 109 26.18 33.53 -0.82
CA TRP A 109 25.95 32.52 0.19
C TRP A 109 25.24 33.22 1.35
N PRO A 110 24.47 32.47 2.19
CA PRO A 110 23.69 33.10 3.25
C PRO A 110 24.58 33.38 4.46
N SER A 111 25.39 34.43 4.35
CA SER A 111 26.31 34.78 5.42
C SER A 111 25.50 35.12 6.65
N LYS A 112 26.04 34.75 7.80
CA LYS A 112 25.43 35.10 9.06
C LYS A 112 25.94 36.46 9.57
N TYR A 113 26.99 37.03 8.92
CA TYR A 113 27.57 38.31 9.36
C TYR A 113 27.07 39.59 8.64
N THR A 114 26.07 39.47 7.78
CA THR A 114 25.44 40.66 7.17
C THR A 114 24.06 40.28 6.63
N LYS A 115 23.23 41.29 6.47
CA LYS A 115 21.86 41.19 5.95
C LYS A 115 21.81 41.21 4.40
N TYR A 116 22.93 41.57 3.76
CA TYR A 116 22.98 41.69 2.28
C TYR A 116 23.42 40.37 1.65
N THR A 117 22.52 39.39 1.67
CA THR A 117 22.79 38.06 1.14
C THR A 117 21.59 37.52 0.34
N VAL A 118 21.85 36.48 -0.44
CA VAL A 118 20.80 35.69 -1.11
C VAL A 118 19.60 35.27 -0.25
N ALA A 119 19.85 35.01 1.05
CA ALA A 119 18.78 34.60 2.02
C ALA A 119 17.64 35.63 2.12
N ASN A 120 17.99 36.91 2.10
CA ASN A 120 16.99 37.98 2.18
C ASN A 120 16.59 38.49 0.81
N THR A 121 16.42 37.56 -0.14
CA THR A 121 15.90 37.88 -1.47
C THR A 121 14.72 36.97 -1.71
N PRO A 122 13.86 37.29 -2.71
CA PRO A 122 12.77 36.38 -3.05
C PRO A 122 13.24 34.94 -3.33
N TYR A 123 14.43 34.82 -3.94
CA TYR A 123 14.99 33.53 -4.30
C TYR A 123 15.47 32.70 -3.10
N LYS A 124 15.97 33.34 -2.05
CA LYS A 124 16.31 32.68 -0.76
C LYS A 124 17.47 31.67 -0.77
N ARG A 125 17.68 30.97 -1.89
CA ARG A 125 18.56 29.82 -1.93
C ARG A 125 20.07 30.14 -1.89
N ASP A 126 20.83 29.19 -1.35
CA ASP A 126 22.27 29.26 -1.28
C ASP A 126 22.87 28.93 -2.67
N ILE A 127 22.85 29.94 -3.53
CA ILE A 127 23.38 29.82 -4.90
C ILE A 127 24.82 29.31 -4.94
N LEU A 128 25.67 29.89 -4.12
CA LEU A 128 27.04 29.45 -4.05
C LEU A 128 27.17 27.94 -3.72
N GLY A 129 26.40 27.47 -2.73
CA GLY A 129 26.42 26.05 -2.32
C GLY A 129 25.95 25.11 -3.41
N GLU A 130 24.90 25.51 -4.12
CA GLU A 130 24.43 24.78 -5.28
C GLU A 130 25.49 24.67 -6.39
N LEU A 131 26.18 25.78 -6.66
CA LEU A 131 27.25 25.79 -7.66
C LEU A 131 28.40 24.89 -7.23
N VAL A 132 28.85 25.00 -6.00
CA VAL A 132 29.98 24.16 -5.52
C VAL A 132 29.72 22.68 -5.75
N LYS A 133 28.52 22.24 -5.37
CA LYS A 133 28.12 20.85 -5.52
C LYS A 133 28.02 20.44 -7.00
N ALA A 134 27.34 21.25 -7.80
CA ALA A 134 27.16 20.94 -9.23
C ALA A 134 28.49 20.88 -10.00
N TYR A 135 29.39 21.85 -9.74
CA TYR A 135 30.70 21.83 -10.38
C TYR A 135 31.52 20.65 -9.90
N ASN A 136 31.60 20.45 -8.59
CA ASN A 136 32.33 19.29 -8.02
C ASN A 136 31.84 17.94 -8.53
N ASP A 137 30.52 17.80 -8.71
CA ASP A 137 29.95 16.61 -9.37
C ASP A 137 30.46 16.36 -10.80
N GLU A 138 30.83 17.41 -11.53
CA GLU A 138 31.37 17.27 -12.87
C GLU A 138 32.88 17.09 -12.89
N GLY A 139 33.51 17.03 -11.70
CA GLY A 139 34.97 16.92 -11.58
C GLY A 139 35.69 18.23 -11.83
N ILE A 140 35.01 19.35 -11.56
CA ILE A 140 35.51 20.68 -11.78
C ILE A 140 35.80 21.36 -10.44
N ASP A 141 37.05 21.71 -10.20
CA ASP A 141 37.45 22.46 -8.99
C ASP A 141 36.77 23.81 -8.92
N VAL A 142 36.53 24.28 -7.71
CA VAL A 142 35.93 25.60 -7.49
C VAL A 142 36.87 26.48 -6.69
N HIS A 143 36.99 27.73 -7.16
CA HIS A 143 37.83 28.78 -6.56
C HIS A 143 36.92 29.92 -6.21
N PHE A 144 37.24 30.65 -5.14
CA PHE A 144 36.37 31.73 -4.67
C PHE A 144 36.99 33.11 -4.88
N TYR A 145 36.29 33.93 -5.63
CA TYR A 145 36.62 35.34 -5.75
C TYR A 145 36.00 36.00 -4.54
N PHE A 146 36.78 36.89 -3.92
CA PHE A 146 36.35 37.68 -2.76
C PHE A 146 36.89 39.10 -2.84
N SER A 147 35.99 40.07 -2.84
CA SER A 147 36.36 41.47 -2.81
C SER A 147 36.48 41.99 -1.37
N VAL A 148 37.67 42.44 -0.97
CA VAL A 148 37.88 43.00 0.37
C VAL A 148 37.13 44.32 0.49
N MET A 149 37.34 45.22 -0.46
CA MET A 149 36.59 46.47 -0.54
C MET A 149 35.10 46.17 -0.60
N ASP A 150 34.33 46.82 0.28
CA ASP A 150 32.92 46.50 0.50
C ASP A 150 32.14 47.78 0.67
N TRP A 151 31.42 48.15 -0.38
CA TRP A 151 30.59 49.35 -0.43
C TRP A 151 29.32 49.27 0.44
N SER A 152 28.99 48.09 0.97
CA SER A 152 27.78 47.88 1.77
C SER A 152 28.01 48.10 3.28
N ASN A 153 29.26 47.97 3.73
CA ASN A 153 29.61 48.08 5.14
C ASN A 153 30.20 49.46 5.44
N PRO A 154 29.52 50.27 6.27
CA PRO A 154 30.00 51.61 6.59
C PRO A 154 31.30 51.68 7.43
N ASP A 155 31.77 50.57 7.99
CA ASP A 155 33.10 50.52 8.65
C ASP A 155 34.28 50.43 7.66
N TYR A 156 33.98 50.27 6.35
CA TYR A 156 35.04 50.27 5.34
C TYR A 156 35.71 51.66 5.30
N ARG A 157 37.03 51.66 5.13
CA ARG A 157 37.79 52.90 4.98
C ARG A 157 38.78 52.81 3.78
N TYR A 158 38.81 53.87 2.97
CA TYR A 158 39.74 54.01 1.83
C TYR A 158 41.16 54.35 2.31
N ASP A 159 41.24 55.16 3.36
CA ASP A 159 42.52 55.42 4.04
C ASP A 159 42.31 55.54 5.57
N ILE A 160 43.37 55.29 6.33
CA ILE A 160 43.44 55.52 7.77
C ILE A 160 44.10 56.90 8.01
N LYS A 161 43.27 57.94 8.16
CA LYS A 161 43.72 59.32 8.45
C LYS A 161 43.53 59.75 9.96
N SER A 162 42.74 58.99 10.76
CA SER A 162 42.50 59.25 12.21
C SER A 162 42.51 57.97 13.10
N LYS A 163 42.39 58.13 14.42
CA LYS A 163 42.22 56.99 15.35
C LYS A 163 40.82 56.35 15.21
N GLU A 164 39.78 57.15 14.87
CA GLU A 164 38.42 56.64 14.62
C GLU A 164 38.37 55.74 13.40
N ASP A 165 39.03 56.21 12.33
CA ASP A 165 39.20 55.43 11.09
C ASP A 165 39.83 54.09 11.41
N SER A 166 40.91 54.11 12.18
CA SER A 166 41.58 52.88 12.59
C SER A 166 40.69 51.90 13.42
N ILE A 167 39.87 52.45 14.33
CA ILE A 167 38.96 51.67 15.14
C ILE A 167 37.88 50.99 14.25
N ALA A 168 37.26 51.78 13.36
CA ALA A 168 36.25 51.29 12.37
C ALA A 168 36.81 50.19 11.45
N PHE A 169 37.98 50.47 10.89
CA PHE A 169 38.61 49.57 9.97
C PHE A 169 39.05 48.29 10.65
N SER A 170 39.44 48.35 11.92
CA SER A 170 39.80 47.11 12.63
C SER A 170 38.57 46.20 12.77
N ARG A 171 37.40 46.80 12.99
CA ARG A 171 36.13 46.07 13.07
C ARG A 171 35.78 45.45 11.69
N PHE A 172 36.03 46.21 10.63
CA PHE A 172 35.87 45.73 9.24
C PHE A 172 36.72 44.51 8.89
N LEU A 173 38.00 44.53 9.26
CA LEU A 173 38.86 43.35 9.11
C LEU A 173 38.43 42.10 9.91
N GLU A 174 37.78 42.29 11.07
CA GLU A 174 37.20 41.17 11.85
C GLU A 174 36.01 40.58 11.11
N PHE A 175 35.13 41.48 10.64
CA PHE A 175 34.02 41.12 9.76
C PHE A 175 34.49 40.32 8.53
N THR A 176 35.57 40.79 7.92
CA THR A 176 36.11 40.14 6.75
C THR A 176 36.64 38.78 7.12
N ASP A 177 37.42 38.71 8.19
CA ASP A 177 37.96 37.44 8.70
C ASP A 177 36.84 36.44 8.95
N ASN A 178 35.72 36.93 9.50
CA ASN A 178 34.58 36.10 9.83
C ASN A 178 33.93 35.50 8.57
N GLN A 179 33.70 36.33 7.55
CA GLN A 179 33.20 35.85 6.27
C GLN A 179 34.15 34.83 5.62
N LEU A 180 35.45 35.10 5.66
CA LEU A 180 36.41 34.14 5.11
C LEU A 180 36.40 32.77 5.81
N LYS A 181 36.41 32.80 7.15
CA LYS A 181 36.30 31.56 7.96
C LYS A 181 35.01 30.83 7.62
N GLU A 182 33.92 31.57 7.52
CA GLU A 182 32.63 31.01 7.18
C GLU A 182 32.66 30.27 5.82
N LEU A 183 33.26 30.89 4.81
CA LEU A 183 33.34 30.28 3.47
C LEU A 183 34.20 29.02 3.48
N ALA A 184 35.33 29.07 4.17
CA ALA A 184 36.26 27.94 4.22
C ALA A 184 35.70 26.71 4.96
N THR A 185 34.77 26.92 5.90
CA THR A 185 34.21 25.84 6.71
C THR A 185 32.88 25.37 6.14
N ARG A 186 32.04 26.30 5.63
CA ARG A 186 30.84 25.90 4.87
C ARG A 186 31.13 25.09 3.59
N TYR A 187 32.23 25.40 2.91
CA TYR A 187 32.49 24.86 1.56
C TYR A 187 33.91 24.35 1.49
N PRO A 188 34.19 23.28 2.25
CA PRO A 188 35.59 22.83 2.41
C PRO A 188 36.28 22.24 1.18
N THR A 189 35.55 21.98 0.10
CA THR A 189 36.18 21.55 -1.17
C THR A 189 36.88 22.68 -1.96
N VAL A 190 36.66 23.93 -1.56
CA VAL A 190 37.31 25.08 -2.17
C VAL A 190 38.84 24.91 -2.34
N LYS A 191 39.37 25.24 -3.52
CA LYS A 191 40.80 25.02 -3.81
C LYS A 191 41.65 26.29 -3.82
N ASP A 192 40.99 27.45 -3.82
CA ASP A 192 41.66 28.70 -4.05
C ASP A 192 40.81 29.85 -3.55
N PHE A 193 41.47 30.88 -3.00
CA PHE A 193 40.80 32.14 -2.75
C PHE A 193 41.51 33.24 -3.54
N TRP A 194 40.72 33.98 -4.33
CA TRP A 194 41.25 34.99 -5.23
C TRP A 194 40.77 36.33 -4.75
N PHE A 195 41.66 37.08 -4.10
CA PHE A 195 41.30 38.39 -3.56
C PHE A 195 41.38 39.53 -4.59
N ASP A 196 40.46 40.48 -4.44
CA ASP A 196 40.35 41.67 -5.28
C ASP A 196 39.96 42.85 -4.36
N GLY A 197 40.03 44.09 -4.86
CA GLY A 197 39.67 45.26 -4.08
C GLY A 197 40.61 45.51 -2.91
N THR A 198 41.89 45.20 -3.10
CA THR A 198 42.91 45.29 -2.04
C THR A 198 43.93 46.43 -2.26
N TRP A 199 43.59 47.38 -3.12
CA TRP A 199 44.54 48.40 -3.60
C TRP A 199 44.52 49.67 -2.76
N ASP A 200 43.45 49.88 -2.00
CA ASP A 200 43.30 51.10 -1.21
C ASP A 200 44.38 51.21 -0.13
N ALA A 201 44.69 52.47 0.21
CA ALA A 201 45.71 52.77 1.23
C ALA A 201 45.48 52.08 2.59
N SER A 202 44.21 51.94 2.99
CA SER A 202 43.85 51.21 4.22
C SER A 202 44.45 49.83 4.29
N VAL A 203 44.37 49.11 3.18
CA VAL A 203 44.89 47.76 3.11
C VAL A 203 46.43 47.78 3.01
N LYS A 204 46.99 48.69 2.19
CA LYS A 204 48.47 48.84 2.11
C LYS A 204 49.13 49.09 3.48
N LYS A 205 48.45 49.91 4.30
CA LYS A 205 48.89 50.19 5.68
C LYS A 205 48.73 49.00 6.69
N ASN A 206 47.99 47.95 6.31
CA ASN A 206 47.74 46.80 7.19
C ASN A 206 48.24 45.48 6.60
N GLY A 207 49.47 45.50 6.12
CA GLY A 207 50.10 44.32 5.52
C GLY A 207 49.96 43.07 6.38
N TRP A 208 50.19 43.26 7.69
CA TRP A 208 50.10 42.20 8.70
C TRP A 208 48.82 41.37 8.52
N TRP A 209 47.70 42.05 8.22
CA TRP A 209 46.41 41.39 8.07
C TRP A 209 46.36 40.49 6.82
N THR A 210 46.92 40.98 5.71
CA THR A 210 46.93 40.23 4.48
C THR A 210 47.67 38.92 4.71
N ALA A 211 48.81 38.99 5.39
CA ALA A 211 49.62 37.78 5.68
C ALA A 211 48.92 36.82 6.65
N HIS A 212 48.12 37.39 7.54
CA HIS A 212 47.34 36.64 8.51
C HIS A 212 46.19 35.91 7.84
N ALA A 213 45.50 36.58 6.91
CA ALA A 213 44.43 35.96 6.14
C ALA A 213 44.95 34.78 5.34
N GLU A 214 46.13 34.94 4.73
CA GLU A 214 46.75 33.86 3.96
C GLU A 214 46.98 32.65 4.87
N GLN A 215 47.68 32.87 5.99
CA GLN A 215 48.03 31.82 7.00
C GLN A 215 46.77 31.21 7.64
N MET A 216 45.78 32.04 7.98
CA MET A 216 44.51 31.56 8.51
C MET A 216 43.79 30.58 7.58
N LEU A 217 43.68 30.95 6.30
CA LEU A 217 42.97 30.11 5.31
C LEU A 217 43.71 28.82 5.01
N LYS A 218 45.04 28.87 5.01
CA LYS A 218 45.85 27.67 4.81
C LYS A 218 45.75 26.60 5.93
N GLU A 219 45.64 27.05 7.19
CA GLU A 219 45.39 26.13 8.32
C GLU A 219 43.95 25.54 8.24
N LEU A 220 42.97 26.32 7.76
CA LEU A 220 41.60 25.82 7.61
C LEU A 220 41.35 24.89 6.40
N VAL A 221 42.10 25.05 5.31
CA VAL A 221 41.86 24.29 4.07
C VAL A 221 43.17 23.73 3.56
N PRO A 222 43.45 22.45 3.82
CA PRO A 222 44.74 21.85 3.39
C PRO A 222 45.02 22.01 1.88
N GLY A 223 46.18 22.58 1.56
CA GLY A 223 46.61 22.78 0.17
C GLY A 223 45.90 23.86 -0.65
N VAL A 224 45.17 24.76 0.01
CA VAL A 224 44.49 25.85 -0.67
C VAL A 224 45.52 26.79 -1.29
N ALA A 225 45.12 27.47 -2.37
CA ALA A 225 45.97 28.47 -3.04
C ALA A 225 45.42 29.85 -2.77
N ILE A 226 46.32 30.82 -2.75
CA ILE A 226 45.98 32.21 -2.44
C ILE A 226 46.72 33.12 -3.43
N ASN A 227 46.01 34.07 -4.05
CA ASN A 227 46.63 34.94 -5.07
C ASN A 227 47.49 36.07 -4.50
N SER A 228 48.46 36.49 -5.29
CA SER A 228 49.36 37.58 -4.92
C SER A 228 48.63 38.88 -4.63
N ARG A 229 47.47 39.08 -5.24
CA ARG A 229 46.74 40.35 -5.13
C ARG A 229 46.31 40.67 -3.71
N LEU A 230 46.12 39.63 -2.91
CA LEU A 230 45.78 39.81 -1.50
C LEU A 230 46.83 40.62 -0.79
N ARG A 231 48.09 40.29 -1.08
CA ARG A 231 49.17 40.53 -0.17
C ARG A 231 49.88 41.89 -0.31
N ALA A 232 50.08 42.53 0.85
CA ALA A 232 50.98 43.67 1.03
C ALA A 232 51.99 43.30 2.11
N ASP A 233 53.18 43.87 2.05
CA ASP A 233 54.20 43.62 3.08
C ASP A 233 54.20 44.71 4.18
N ASP A 234 55.19 44.62 5.08
CA ASP A 234 55.39 45.58 6.19
C ASP A 234 55.35 47.04 5.70
N LYS A 235 55.94 47.29 4.51
CA LYS A 235 56.13 48.64 3.92
C LYS A 235 55.04 49.06 2.94
N GLY A 236 54.04 48.19 2.72
CA GLY A 236 52.92 48.50 1.82
C GLY A 236 53.14 48.22 0.33
N LYS A 237 54.21 47.47 -0.02
CA LYS A 237 54.45 47.00 -1.39
C LYS A 237 53.56 45.76 -1.67
N ARG A 238 52.79 45.83 -2.76
CA ARG A 238 51.80 44.79 -3.12
C ARG A 238 52.34 43.75 -4.12
N HIS A 239 51.78 42.53 -4.09
CA HIS A 239 52.15 41.40 -4.97
C HIS A 239 53.52 40.80 -4.70
N PHE A 240 54.57 41.58 -4.95
CA PHE A 240 55.93 41.19 -4.63
C PHE A 240 56.39 42.08 -3.49
N ASP A 241 57.03 41.47 -2.50
CA ASP A 241 57.50 42.23 -1.32
C ASP A 241 58.69 43.15 -1.66
N SER A 242 59.18 43.85 -0.64
CA SER A 242 60.27 44.83 -0.79
C SER A 242 61.63 44.23 -1.18
N ASN A 243 61.81 42.90 -1.03
CA ASN A 243 62.98 42.17 -1.59
C ASN A 243 62.69 41.51 -2.95
N GLY A 244 61.61 41.94 -3.63
CA GLY A 244 61.21 41.40 -4.93
C GLY A 244 60.77 39.95 -4.96
N ARG A 245 60.32 39.42 -3.82
CA ARG A 245 59.86 38.03 -3.75
C ARG A 245 58.34 37.99 -3.81
N LEU A 246 57.81 36.99 -4.52
CA LEU A 246 56.38 36.87 -4.75
C LEU A 246 55.66 36.43 -3.48
N MET A 247 54.64 37.19 -3.07
CA MET A 247 53.78 36.79 -1.96
C MET A 247 52.59 36.03 -2.46
N GLY A 248 52.04 35.18 -1.61
CA GLY A 248 50.99 34.28 -2.02
C GLY A 248 51.56 33.20 -2.93
N ASP A 249 50.67 32.38 -3.49
CA ASP A 249 51.10 31.16 -4.19
C ASP A 249 51.26 31.33 -5.68
N TYR A 250 50.64 32.38 -6.24
CA TYR A 250 50.75 32.64 -7.65
C TYR A 250 50.49 34.08 -7.99
N GLU A 251 51.11 34.53 -9.07
CA GLU A 251 51.01 35.92 -9.50
C GLU A 251 49.70 36.13 -10.24
N SER A 252 48.98 37.21 -9.91
CA SER A 252 47.64 37.46 -10.40
C SER A 252 47.41 38.92 -10.84
N GLY A 253 48.36 39.51 -11.52
CA GLY A 253 48.23 40.87 -12.05
C GLY A 253 47.83 41.02 -13.52
N TYR A 254 47.83 39.94 -14.29
CA TYR A 254 47.61 40.01 -15.75
C TYR A 254 46.12 39.90 -16.02
N GLU A 255 45.46 41.07 -16.03
CA GLU A 255 44.02 41.20 -16.12
C GLU A 255 43.75 41.97 -17.41
N ARG A 256 43.18 41.29 -18.39
CA ARG A 256 42.96 41.84 -19.73
C ARG A 256 44.26 42.27 -20.49
N ARG A 257 45.40 41.72 -20.08
CA ARG A 257 46.65 41.86 -20.84
C ARG A 257 47.55 40.67 -20.45
N LEU A 258 48.62 40.45 -21.21
CA LEU A 258 49.44 39.25 -21.07
C LEU A 258 50.93 39.58 -21.17
N PRO A 259 51.77 38.79 -20.51
CA PRO A 259 53.21 39.08 -20.65
C PRO A 259 53.70 38.93 -22.10
N ASP A 260 54.71 39.72 -22.45
CA ASP A 260 55.28 39.70 -23.79
C ASP A 260 56.10 38.43 -23.96
N PRO A 261 55.87 37.69 -25.05
CA PRO A 261 56.53 36.38 -25.23
C PRO A 261 58.06 36.42 -25.43
N VAL A 262 58.60 37.60 -25.72
CA VAL A 262 60.04 37.77 -25.88
C VAL A 262 60.68 38.47 -24.66
N LYS A 263 60.02 39.51 -24.15
CA LYS A 263 60.63 40.37 -23.12
C LYS A 263 60.29 40.01 -21.65
N ASP A 264 59.20 39.30 -21.43
CA ASP A 264 58.69 39.06 -20.07
C ASP A 264 58.84 37.59 -19.65
N LEU A 265 59.96 36.98 -20.03
CA LEU A 265 60.26 35.60 -19.68
C LEU A 265 60.51 35.37 -18.18
N LYS A 266 60.76 36.44 -17.43
CA LYS A 266 60.81 36.35 -15.97
C LYS A 266 59.59 35.60 -15.38
N VAL A 267 58.41 35.72 -16.02
CA VAL A 267 57.19 35.12 -15.43
C VAL A 267 57.20 33.58 -15.36
N THR A 268 58.10 32.93 -16.11
CA THR A 268 58.19 31.47 -16.11
C THR A 268 58.77 30.91 -14.80
N GLN A 269 59.40 31.79 -14.01
CA GLN A 269 59.99 31.44 -12.71
C GLN A 269 58.99 31.24 -11.60
N TRP A 270 57.75 31.68 -11.79
CA TRP A 270 56.70 31.48 -10.80
C TRP A 270 55.35 31.07 -11.42
N ASP A 271 54.48 30.55 -10.56
CA ASP A 271 53.12 30.23 -10.99
C ASP A 271 52.36 31.52 -11.13
N TRP A 272 51.50 31.58 -12.14
CA TRP A 272 50.66 32.75 -12.39
C TRP A 272 49.39 32.41 -13.12
N GLU A 273 48.43 33.31 -13.02
CA GLU A 273 47.15 33.16 -13.65
C GLU A 273 46.69 34.50 -14.21
N ALA A 274 46.21 34.46 -15.44
CA ALA A 274 45.60 35.62 -16.06
C ALA A 274 44.10 35.42 -16.17
N CYS A 275 43.39 36.54 -16.30
CA CYS A 275 41.97 36.51 -16.58
C CYS A 275 41.66 37.53 -17.65
N MET A 276 40.52 37.33 -18.30
CA MET A 276 40.12 38.14 -19.42
C MET A 276 38.61 38.20 -19.57
N THR A 277 38.18 39.25 -20.28
CA THR A 277 36.80 39.43 -20.69
C THR A 277 36.66 39.23 -22.17
N ILE A 278 35.42 38.95 -22.59
CA ILE A 278 35.10 38.71 -24.00
C ILE A 278 34.98 40.05 -24.74
N PRO A 279 34.13 40.98 -24.25
CA PRO A 279 34.20 42.37 -24.71
C PRO A 279 35.41 43.05 -24.09
N GLU A 280 35.62 44.33 -24.41
CA GLU A 280 36.85 44.99 -23.99
C GLU A 280 36.98 45.09 -22.47
N ASN A 281 35.90 45.56 -21.83
CA ASN A 281 35.88 45.71 -20.38
C ASN A 281 34.49 45.58 -19.72
N GLN A 282 33.92 44.38 -19.76
CA GLN A 282 32.68 44.05 -19.06
C GLN A 282 32.84 42.71 -18.34
N TRP A 283 32.76 42.73 -17.01
CA TRP A 283 32.81 41.48 -16.25
C TRP A 283 31.38 41.04 -15.89
N GLY A 284 30.63 41.90 -15.21
CA GLY A 284 29.22 41.65 -14.96
C GLY A 284 28.40 41.84 -16.23
N TYR A 285 27.20 41.26 -16.23
CA TYR A 285 26.28 41.37 -17.37
C TYR A 285 26.01 42.81 -17.72
N HIS A 286 26.21 43.15 -18.99
CA HIS A 286 25.85 44.45 -19.56
C HIS A 286 24.96 44.19 -20.77
N LYS A 287 23.84 44.88 -20.85
CA LYS A 287 22.81 44.54 -21.85
C LYS A 287 23.17 44.86 -23.31
N ASP A 288 24.09 45.80 -23.49
CA ASP A 288 24.54 46.23 -24.81
C ASP A 288 26.05 45.99 -25.10
N TRP A 289 26.33 44.85 -25.73
CA TRP A 289 27.68 44.49 -26.18
C TRP A 289 28.12 45.15 -27.50
N SER A 290 27.25 45.90 -28.16
CA SER A 290 27.65 46.68 -29.33
C SER A 290 28.51 47.93 -28.98
N LEU A 291 28.78 48.19 -27.70
CA LEU A 291 29.46 49.45 -27.32
C LEU A 291 30.98 49.41 -27.40
N SER A 292 31.56 48.21 -27.43
CA SER A 292 33.00 48.02 -27.52
C SER A 292 33.24 46.77 -28.38
N TYR A 293 34.51 46.51 -28.69
CA TYR A 293 34.86 45.33 -29.46
C TYR A 293 34.67 44.01 -28.66
N VAL A 294 34.13 43.01 -29.34
CA VAL A 294 33.89 41.70 -28.79
C VAL A 294 34.82 40.68 -29.44
N LYS A 295 35.58 39.96 -28.64
CA LYS A 295 36.57 39.02 -29.16
C LYS A 295 35.88 37.83 -29.81
N THR A 296 36.48 37.34 -30.91
CA THR A 296 36.08 36.12 -31.55
C THR A 296 36.70 34.94 -30.80
N PRO A 297 36.16 33.73 -30.99
CA PRO A 297 36.73 32.54 -30.34
C PRO A 297 38.21 32.25 -30.60
N ILE A 298 38.66 32.41 -31.83
CA ILE A 298 40.06 32.26 -32.12
C ILE A 298 40.90 33.29 -31.36
N GLU A 299 40.42 34.52 -31.23
CA GLU A 299 41.15 35.52 -30.46
C GLU A 299 41.27 35.09 -28.99
N VAL A 300 40.27 34.36 -28.49
CA VAL A 300 40.29 33.90 -27.10
C VAL A 300 41.23 32.71 -26.96
N ILE A 301 41.16 31.78 -27.89
CA ILE A 301 42.04 30.62 -27.90
C ILE A 301 43.53 31.03 -27.98
N ASP A 302 43.83 32.00 -28.84
CA ASP A 302 45.15 32.60 -28.89
C ASP A 302 45.67 33.01 -27.52
N ARG A 303 44.87 33.73 -26.76
CA ARG A 303 45.26 34.17 -25.43
C ARG A 303 45.44 33.02 -24.42
N ILE A 304 44.57 32.02 -24.50
CA ILE A 304 44.72 30.84 -23.67
C ILE A 304 46.07 30.18 -23.93
N VAL A 305 46.35 29.87 -25.18
CA VAL A 305 47.57 29.17 -25.50
C VAL A 305 48.79 30.02 -25.13
N HIS A 306 48.70 31.33 -25.37
CA HIS A 306 49.75 32.30 -25.03
C HIS A 306 50.12 32.15 -23.56
N ALA A 307 49.10 32.14 -22.71
CA ALA A 307 49.32 31.98 -21.27
C ALA A 307 50.04 30.71 -20.94
N VAL A 308 49.53 29.59 -21.45
CA VAL A 308 50.13 28.29 -21.15
C VAL A 308 51.58 28.25 -21.70
N SER A 309 51.82 28.86 -22.85
CA SER A 309 53.16 28.83 -23.45
C SER A 309 54.16 29.52 -22.55
N MET A 310 53.71 30.36 -21.63
CA MET A 310 54.61 31.09 -20.73
C MET A 310 54.44 30.67 -19.28
N GLY A 311 53.89 29.47 -19.10
CA GLY A 311 53.83 28.85 -17.81
C GLY A 311 52.72 29.33 -16.91
N GLY A 312 51.64 29.88 -17.47
CA GLY A 312 50.52 30.37 -16.66
C GLY A 312 49.15 29.86 -17.05
N ASN A 313 48.15 30.14 -16.21
CA ASN A 313 46.79 29.72 -16.43
C ASN A 313 46.05 30.83 -17.06
N MET A 314 44.93 30.52 -17.71
CA MET A 314 44.01 31.52 -18.22
C MET A 314 42.57 31.26 -17.80
N VAL A 315 41.87 32.32 -17.44
CA VAL A 315 40.50 32.23 -16.99
C VAL A 315 39.69 33.18 -17.83
N VAL A 316 38.67 32.63 -18.45
CA VAL A 316 37.76 33.36 -19.31
C VAL A 316 36.47 33.70 -18.57
N ASN A 317 36.08 34.96 -18.64
CA ASN A 317 34.95 35.45 -17.88
C ASN A 317 33.59 35.36 -18.57
N PHE A 318 32.57 35.11 -17.74
CA PHE A 318 31.17 35.08 -18.12
C PHE A 318 30.40 35.90 -17.11
N GLY A 319 29.47 36.70 -17.60
CA GLY A 319 28.60 37.54 -16.76
C GLY A 319 27.15 37.10 -16.95
N PRO A 320 26.70 36.10 -16.15
CA PRO A 320 25.31 35.60 -16.32
C PRO A 320 24.25 36.67 -16.24
N GLN A 321 23.16 36.47 -16.98
CA GLN A 321 21.99 37.36 -16.91
C GLN A 321 21.29 37.29 -15.55
N ALA A 322 20.45 38.30 -15.29
CA ALA A 322 19.68 38.40 -14.03
C ALA A 322 18.76 37.17 -13.83
N ASP A 323 18.20 36.64 -14.90
CA ASP A 323 17.36 35.45 -14.81
C ASP A 323 18.09 34.13 -14.50
N GLY A 324 19.42 34.12 -14.51
CA GLY A 324 20.18 32.91 -14.19
C GLY A 324 20.53 32.06 -15.41
N ASP A 325 20.28 32.59 -16.60
CA ASP A 325 20.78 31.98 -17.83
C ASP A 325 21.95 32.82 -18.46
N PHE A 326 22.70 32.20 -19.36
CA PHE A 326 23.75 32.88 -20.12
C PHE A 326 23.23 33.39 -21.46
N ARG A 327 23.68 34.59 -21.82
CA ARG A 327 23.36 35.20 -23.11
C ARG A 327 23.92 34.36 -24.27
N PRO A 328 23.36 34.52 -25.48
CA PRO A 328 23.75 33.67 -26.61
C PRO A 328 25.21 33.77 -27.05
N GLU A 329 25.79 34.96 -26.98
CA GLU A 329 27.19 35.18 -27.36
C GLU A 329 28.11 34.34 -26.46
N GLU A 330 27.79 34.25 -25.18
CA GLU A 330 28.61 33.47 -24.25
C GLU A 330 28.45 31.94 -24.45
N LYS A 331 27.24 31.49 -24.74
CA LYS A 331 27.03 30.07 -25.10
C LYS A 331 27.80 29.66 -26.36
N ALA A 332 27.77 30.53 -27.36
CA ALA A 332 28.49 30.30 -28.58
C ALA A 332 30.03 30.22 -28.34
N MET A 333 30.55 31.17 -27.57
CA MET A 333 31.95 31.16 -27.16
C MET A 333 32.34 29.89 -26.44
N ALA A 334 31.52 29.47 -25.49
CA ALA A 334 31.87 28.26 -24.69
C ALA A 334 31.88 27.03 -25.55
N THR A 335 30.88 26.88 -26.42
CA THR A 335 30.82 25.76 -27.36
C THR A 335 32.05 25.76 -28.29
N ALA A 336 32.38 26.91 -28.86
CA ALA A 336 33.56 27.04 -29.81
C ALA A 336 34.88 26.70 -29.16
N ILE A 337 35.09 27.20 -27.95
CA ILE A 337 36.28 26.84 -27.21
C ILE A 337 36.35 25.32 -26.94
N GLY A 338 35.24 24.79 -26.44
CA GLY A 338 35.15 23.34 -26.19
C GLY A 338 35.48 22.43 -27.36
N LYS A 339 34.98 22.78 -28.56
CA LYS A 339 35.25 22.03 -29.79
C LYS A 339 36.79 22.00 -30.01
N TRP A 340 37.43 23.18 -29.95
CA TRP A 340 38.86 23.28 -30.20
C TRP A 340 39.66 22.57 -29.11
N MET A 341 39.30 22.80 -27.85
CA MET A 341 40.00 22.13 -26.72
C MET A 341 39.90 20.61 -26.78
N ASN A 342 38.78 20.11 -27.23
CA ASN A 342 38.59 18.67 -27.34
C ASN A 342 39.52 18.04 -28.37
N ARG A 343 39.74 18.75 -29.47
CA ARG A 343 40.66 18.29 -30.51
C ARG A 343 42.16 18.54 -30.18
N TYR A 344 42.49 19.70 -29.61
CA TYR A 344 43.90 20.09 -29.48
C TYR A 344 44.37 20.30 -28.05
N GLY A 345 43.54 19.94 -27.08
CA GLY A 345 43.82 20.14 -25.66
C GLY A 345 44.97 19.39 -25.05
N LYS A 346 45.51 18.39 -25.73
CA LYS A 346 46.79 17.79 -25.30
C LYS A 346 47.96 18.78 -25.26
N ALA A 347 47.83 19.88 -26.01
CA ALA A 347 48.82 20.97 -26.03
C ALA A 347 48.58 22.07 -25.00
N VAL A 348 47.48 21.96 -24.24
CA VAL A 348 47.09 22.96 -23.24
C VAL A 348 47.10 22.38 -21.85
N TYR A 349 46.27 21.35 -21.59
CA TYR A 349 46.17 20.75 -20.24
C TYR A 349 47.45 20.11 -19.80
N ALA A 350 47.84 20.37 -18.58
CA ALA A 350 49.11 19.86 -18.02
C ALA A 350 50.38 20.25 -18.81
N CYS A 351 50.31 21.35 -19.56
CA CYS A 351 51.46 21.83 -20.32
C CYS A 351 52.08 23.08 -19.69
N ASP A 352 53.29 23.39 -20.13
CA ASP A 352 54.11 24.44 -19.53
C ASP A 352 55.05 25.07 -20.58
N TYR A 353 55.87 26.01 -20.14
CA TYR A 353 56.87 26.70 -20.94
C TYR A 353 57.86 25.73 -21.50
N ALA A 354 58.19 25.85 -22.77
CA ALA A 354 59.07 24.90 -23.43
C ALA A 354 60.53 25.28 -23.49
N GLY A 355 60.87 26.53 -23.21
CA GLY A 355 62.27 26.99 -23.29
C GLY A 355 62.81 27.28 -24.68
N PHE A 356 61.93 27.37 -25.68
CA PHE A 356 62.35 27.66 -27.05
C PHE A 356 62.15 29.14 -27.39
N GLU A 357 62.98 29.65 -28.27
CA GLU A 357 62.85 31.03 -28.73
C GLU A 357 61.53 31.16 -29.50
N LYS A 358 60.77 32.22 -29.19
CA LYS A 358 59.48 32.47 -29.83
C LYS A 358 59.57 32.71 -31.33
N GLN A 359 58.63 32.16 -32.09
CA GLN A 359 58.56 32.31 -33.53
C GLN A 359 57.20 32.86 -33.93
N ASP A 360 57.14 33.39 -35.15
CA ASP A 360 55.97 34.13 -35.60
C ASP A 360 54.73 33.28 -35.89
N TRP A 361 54.89 32.02 -36.16
CA TRP A 361 53.75 31.17 -36.50
C TRP A 361 52.80 30.89 -35.31
N GLY A 362 53.30 31.03 -34.09
CA GLY A 362 52.47 30.74 -32.93
C GLY A 362 53.26 30.48 -31.67
N TYR A 363 52.91 29.41 -30.97
CA TYR A 363 53.41 29.19 -29.61
C TYR A 363 53.88 27.77 -29.42
N TYR A 364 54.90 27.57 -28.59
CA TYR A 364 55.30 26.24 -28.21
C TYR A 364 54.72 25.97 -26.83
N THR A 365 54.30 24.74 -26.58
CA THR A 365 54.06 24.28 -25.21
C THR A 365 54.77 22.96 -25.00
N ARG A 366 55.15 22.70 -23.74
CA ARG A 366 55.85 21.47 -23.34
C ARG A 366 54.94 20.60 -22.50
N GLY A 367 54.89 19.31 -22.84
CA GLY A 367 54.07 18.32 -22.13
C GLY A 367 54.78 17.68 -20.94
N LYS A 368 54.05 16.84 -20.20
CA LYS A 368 54.61 16.15 -19.01
C LYS A 368 55.76 15.16 -19.27
N ASN A 369 55.75 14.54 -20.43
CA ASN A 369 56.82 13.66 -20.89
C ASN A 369 57.70 14.25 -22.02
N ASP A 370 58.02 15.55 -21.92
CA ASP A 370 58.91 16.23 -22.88
C ASP A 370 58.43 16.21 -24.33
N GLU A 371 57.10 16.15 -24.53
CA GLU A 371 56.50 16.42 -25.83
C GLU A 371 56.65 17.93 -26.00
N VAL A 372 57.00 18.37 -27.20
CA VAL A 372 57.02 19.83 -27.55
C VAL A 372 55.98 20.05 -28.64
N TYR A 373 54.96 20.83 -28.33
CA TYR A 373 53.87 21.07 -29.27
C TYR A 373 54.06 22.43 -29.92
N MET A 374 53.84 22.49 -31.22
CA MET A 374 53.83 23.78 -31.98
C MET A 374 52.40 24.08 -32.23
N VAL A 375 51.89 25.18 -31.71
CA VAL A 375 50.50 25.55 -31.91
C VAL A 375 50.50 26.69 -32.92
N VAL A 376 49.99 26.41 -34.12
CA VAL A 376 50.12 27.32 -35.22
C VAL A 376 48.86 28.17 -35.38
N PHE A 377 49.07 29.49 -35.28
CA PHE A 377 48.02 30.49 -35.45
C PHE A 377 48.17 31.37 -36.67
N ASN A 378 49.41 31.46 -37.21
CA ASN A 378 49.70 32.30 -38.35
C ASN A 378 50.43 31.47 -39.38
N GLN A 379 49.75 31.10 -40.45
CA GLN A 379 50.27 30.16 -41.45
C GLN A 379 51.23 30.86 -42.42
N PRO A 380 52.48 30.44 -42.47
CA PRO A 380 53.43 31.15 -43.38
C PRO A 380 53.23 30.80 -44.85
N TYR A 381 53.26 31.81 -45.72
CA TYR A 381 53.20 31.59 -47.16
C TYR A 381 54.40 30.80 -47.66
N SER A 382 55.51 30.89 -46.94
CA SER A 382 56.71 30.11 -47.22
C SER A 382 56.50 28.61 -47.11
N GLU A 383 55.45 28.20 -46.43
CA GLU A 383 55.12 26.76 -46.16
C GLU A 383 56.08 26.08 -45.21
N ARG A 384 56.90 26.89 -44.54
CA ARG A 384 57.88 26.39 -43.63
C ARG A 384 57.74 27.06 -42.28
N LEU A 385 57.70 26.25 -41.23
CA LEU A 385 57.58 26.73 -39.86
C LEU A 385 58.96 26.69 -39.20
N ILE A 386 59.55 27.84 -38.92
CA ILE A 386 60.91 27.89 -38.40
C ILE A 386 60.91 27.42 -36.99
N VAL A 387 61.86 26.56 -36.66
CA VAL A 387 62.05 26.05 -35.29
C VAL A 387 63.50 26.17 -34.99
N LYS A 388 63.83 27.05 -34.05
CA LYS A 388 65.20 27.21 -33.58
C LYS A 388 65.28 26.55 -32.19
N THR A 389 66.20 25.61 -32.02
CA THR A 389 66.31 24.82 -30.79
C THR A 389 67.36 25.40 -29.83
N PRO A 390 67.18 25.16 -28.51
CA PRO A 390 68.23 25.49 -27.56
C PRO A 390 69.47 24.64 -27.74
N LYS A 391 70.60 25.09 -27.18
CA LYS A 391 71.90 24.39 -27.25
C LYS A 391 71.70 22.95 -26.80
N GLY A 392 72.19 22.01 -27.58
CA GLY A 392 72.08 20.58 -27.24
C GLY A 392 70.77 19.87 -27.55
N ILE A 393 69.80 20.53 -28.17
CA ILE A 393 68.52 19.89 -28.45
C ILE A 393 68.42 19.64 -29.94
N THR A 394 67.91 18.47 -30.31
CA THR A 394 67.63 18.12 -31.71
C THR A 394 66.17 17.69 -31.87
N VAL A 395 65.67 17.78 -33.09
CA VAL A 395 64.30 17.41 -33.44
C VAL A 395 64.39 16.14 -34.25
N GLU A 396 63.87 15.03 -33.72
CA GLU A 396 63.93 13.72 -34.39
C GLU A 396 62.72 13.42 -35.25
N LYS A 397 61.57 13.96 -34.87
CA LYS A 397 60.33 13.65 -35.57
C LYS A 397 59.34 14.77 -35.36
N ALA A 398 58.49 14.97 -36.35
CA ALA A 398 57.35 15.88 -36.27
C ALA A 398 56.09 15.17 -36.76
N THR A 399 54.98 15.41 -36.08
CA THR A 399 53.76 14.65 -36.30
C THR A 399 52.57 15.58 -36.17
N LEU A 400 51.65 15.52 -37.12
CA LEU A 400 50.39 16.28 -36.98
C LEU A 400 49.50 15.63 -35.90
N LEU A 401 49.17 16.39 -34.86
CA LEU A 401 48.51 15.84 -33.69
C LEU A 401 47.19 15.12 -34.02
N THR A 402 46.37 15.71 -34.86
CA THR A 402 45.04 15.15 -35.09
C THR A 402 45.08 13.83 -35.86
N THR A 403 45.96 13.72 -36.86
CA THR A 403 45.95 12.56 -37.77
C THR A 403 47.08 11.55 -37.56
N GLY A 404 48.14 11.92 -36.86
CA GLY A 404 49.34 11.07 -36.74
C GLY A 404 50.29 11.12 -37.95
N GLU A 405 49.92 11.83 -39.01
CA GLU A 405 50.75 11.88 -40.23
C GLU A 405 52.14 12.51 -39.97
N ASP A 406 53.16 11.94 -40.60
CA ASP A 406 54.55 12.39 -40.45
C ASP A 406 54.73 13.72 -41.23
N ILE A 407 55.56 14.60 -40.67
CA ILE A 407 55.80 15.97 -41.15
C ILE A 407 57.30 16.12 -41.37
N THR A 408 57.66 16.56 -42.55
CA THR A 408 59.06 16.67 -42.96
C THR A 408 59.77 17.72 -42.10
N VAL A 409 60.95 17.39 -41.61
CA VAL A 409 61.78 18.31 -40.85
C VAL A 409 63.09 18.43 -41.58
N VAL A 410 63.47 19.63 -41.96
CA VAL A 410 64.74 19.85 -42.67
C VAL A 410 65.68 20.73 -41.84
N GLU A 411 66.89 20.24 -41.59
CA GLU A 411 67.91 21.07 -40.91
C GLU A 411 68.40 22.17 -41.85
N THR A 412 68.33 23.42 -41.42
CA THR A 412 68.76 24.56 -42.25
C THR A 412 70.08 25.14 -41.79
N THR A 413 70.36 25.07 -40.51
CA THR A 413 71.62 25.54 -39.96
C THR A 413 71.84 24.77 -38.64
N ARG A 414 72.97 25.04 -37.99
CA ARG A 414 73.19 24.58 -36.61
C ARG A 414 72.02 25.15 -35.76
N ASN A 415 71.33 24.27 -35.05
CA ASN A 415 70.25 24.70 -34.15
C ASN A 415 69.00 25.25 -34.80
N GLU A 416 68.78 24.97 -36.07
CA GLU A 416 67.59 25.47 -36.70
C GLU A 416 67.05 24.54 -37.76
N TYR A 417 65.73 24.40 -37.77
CA TYR A 417 65.03 23.59 -38.74
C TYR A 417 63.85 24.32 -39.37
N ASN A 418 63.45 23.82 -40.54
CA ASN A 418 62.21 24.19 -41.20
C ASN A 418 61.31 22.96 -41.03
N VAL A 419 60.21 23.10 -40.34
CA VAL A 419 59.20 22.06 -40.21
C VAL A 419 58.14 22.37 -41.23
N SER A 420 57.82 21.45 -42.12
CA SER A 420 56.83 21.75 -43.17
C SER A 420 55.44 21.89 -42.56
N VAL A 421 54.63 22.71 -43.20
CA VAL A 421 53.21 22.73 -42.90
C VAL A 421 52.61 21.40 -43.35
N PRO A 422 51.42 21.07 -42.85
CA PRO A 422 50.74 19.87 -43.36
C PRO A 422 50.38 20.00 -44.85
N LYS A 423 50.29 18.87 -45.55
CA LYS A 423 49.96 18.87 -46.98
C LYS A 423 48.59 19.53 -47.26
N LYS A 424 47.59 19.24 -46.43
CA LYS A 424 46.26 19.92 -46.48
C LYS A 424 46.20 20.95 -45.33
N ASN A 425 45.89 22.19 -45.69
CA ASN A 425 45.77 23.24 -44.71
C ASN A 425 44.65 22.95 -43.73
N PRO A 426 44.98 22.78 -42.45
CA PRO A 426 43.92 22.44 -41.49
C PRO A 426 42.75 23.41 -41.37
N GLY A 427 42.90 24.65 -41.84
CA GLY A 427 41.84 25.69 -41.80
C GLY A 427 41.49 26.27 -40.44
N GLU A 428 42.34 26.03 -39.45
CA GLU A 428 42.13 26.50 -38.11
C GLU A 428 43.47 26.45 -37.41
N PRO A 429 43.60 27.12 -36.28
CA PRO A 429 44.82 26.89 -35.51
C PRO A 429 45.03 25.40 -35.15
N TYR A 430 46.23 24.90 -35.39
CA TYR A 430 46.49 23.48 -35.30
C TYR A 430 47.76 23.16 -34.53
N VAL A 431 47.96 21.88 -34.19
CA VAL A 431 49.11 21.45 -33.44
C VAL A 431 49.99 20.46 -34.21
N ILE A 432 51.29 20.68 -34.17
CA ILE A 432 52.27 19.72 -34.61
C ILE A 432 53.06 19.33 -33.38
N GLN A 433 53.15 18.02 -33.12
CA GLN A 433 53.89 17.49 -32.01
C GLN A 433 55.29 17.10 -32.46
N LEU A 434 56.26 17.49 -31.66
CA LEU A 434 57.65 17.25 -31.95
C LEU A 434 58.16 16.24 -30.95
N LYS A 435 59.06 15.40 -31.43
CA LYS A 435 59.84 14.56 -30.58
C LYS A 435 61.24 15.15 -30.59
N VAL A 436 61.75 15.47 -29.41
CA VAL A 436 63.06 16.05 -29.25
C VAL A 436 63.97 15.19 -28.38
N ARG A 437 65.27 15.33 -28.62
CA ARG A 437 66.31 14.57 -27.91
C ARG A 437 67.36 15.57 -27.42
N ALA A 438 67.71 15.45 -26.16
CA ALA A 438 68.79 16.25 -25.58
C ALA A 438 70.08 15.45 -25.64
N ALA A 439 71.20 16.07 -25.99
CA ALA A 439 72.50 15.36 -26.00
C ALA A 439 73.01 15.10 -24.56
N LYS A 440 73.84 14.06 -24.39
CA LYS A 440 74.35 13.67 -23.05
C LYS A 440 75.40 14.62 -22.45
N TYR A 446 65.07 19.34 -20.21
CA TYR A 446 65.38 18.06 -20.88
C TYR A 446 66.83 17.67 -20.63
N GLU B 2 21.55 24.14 43.71
CA GLU B 2 21.60 24.77 42.35
C GLU B 2 23.07 24.79 41.86
N ILE B 3 23.45 23.71 41.18
CA ILE B 3 24.86 23.47 40.80
C ILE B 3 25.20 24.36 39.60
N PRO B 4 26.34 25.08 39.65
CA PRO B 4 26.68 25.88 38.46
C PRO B 4 27.29 25.01 37.35
N LEU B 5 26.94 25.30 36.09
CA LEU B 5 27.32 24.49 34.93
C LEU B 5 27.60 25.37 33.71
N LYS B 6 28.71 25.10 33.02
CA LYS B 6 29.02 25.71 31.72
C LYS B 6 28.26 25.07 30.52
N TYR B 7 28.02 23.75 30.62
CA TYR B 7 27.50 22.93 29.49
C TYR B 7 26.21 22.22 29.83
N GLY B 8 25.37 22.90 30.60
CA GLY B 8 24.07 22.38 30.96
C GLY B 8 23.03 22.88 30.00
N ALA B 9 21.79 23.02 30.47
CA ALA B 9 20.68 23.39 29.61
C ALA B 9 20.77 24.82 29.12
N THR B 10 20.26 25.06 27.90
CA THR B 10 20.25 26.37 27.25
C THR B 10 18.81 26.94 27.17
N ASN B 11 17.88 26.18 26.57
CA ASN B 11 16.44 26.53 26.52
C ASN B 11 15.80 26.61 27.91
N GLU B 12 14.83 27.51 28.05
CA GLU B 12 14.09 27.68 29.32
C GLU B 12 12.91 26.70 29.42
N GLY B 13 12.03 26.73 28.43
CA GLY B 13 10.93 25.75 28.34
C GLY B 13 10.87 25.23 26.90
N LYS B 14 9.68 25.14 26.33
CA LYS B 14 9.52 24.67 24.96
C LYS B 14 9.89 25.76 23.99
N ARG B 15 10.70 25.44 22.97
CA ARG B 15 10.87 26.34 21.82
C ARG B 15 9.50 26.61 21.16
N GLN B 16 9.19 27.87 20.90
CA GLN B 16 7.94 28.23 20.20
C GLN B 16 8.15 28.95 18.85
N ASP B 17 9.38 28.95 18.33
CA ASP B 17 9.63 29.41 16.95
C ASP B 17 8.90 28.52 15.94
N PRO B 18 8.67 29.03 14.71
CA PRO B 18 7.92 28.24 13.70
C PRO B 18 8.54 26.89 13.33
N ALA B 19 9.86 26.78 13.36
CA ALA B 19 10.51 25.53 12.98
C ALA B 19 10.26 24.37 14.00
N MET B 20 10.32 24.67 15.29
CA MET B 20 9.96 23.72 16.33
C MET B 20 8.46 23.42 16.27
N GLN B 21 7.61 24.43 16.02
CA GLN B 21 6.16 24.20 15.87
C GLN B 21 5.85 23.21 14.75
N LYS B 22 6.67 23.21 13.71
CA LYS B 22 6.50 22.31 12.57
C LYS B 22 6.94 20.88 12.94
N PHE B 23 8.08 20.78 13.60
CA PHE B 23 8.58 19.52 14.16
C PHE B 23 7.48 18.85 15.00
N ARG B 24 6.91 19.63 15.92
CA ARG B 24 5.83 19.23 16.80
C ARG B 24 4.58 18.87 16.07
N ASP B 25 4.09 19.76 15.22
CA ASP B 25 2.85 19.51 14.50
C ASP B 25 2.90 18.27 13.57
N ASN B 26 4.07 17.96 13.01
CA ASN B 26 4.21 16.79 12.18
C ASN B 26 3.69 15.55 12.90
N ARG B 27 4.08 15.38 14.18
CA ARG B 27 3.71 14.24 15.07
C ARG B 27 4.11 12.86 14.65
N LEU B 28 3.74 12.44 13.44
CA LEU B 28 4.03 11.09 12.98
C LEU B 28 5.17 11.05 11.97
N GLY B 29 6.18 10.25 12.27
CA GLY B 29 7.30 10.05 11.38
C GLY B 29 7.66 8.62 11.16
N ALA B 30 8.58 8.39 10.23
CA ALA B 30 9.16 7.07 9.99
C ALA B 30 10.64 7.07 10.20
N PHE B 31 11.17 5.93 10.62
CA PHE B 31 12.59 5.75 10.81
C PHE B 31 13.03 4.79 9.71
N ILE B 32 14.19 5.04 9.13
CA ILE B 32 14.82 4.14 8.15
C ILE B 32 16.17 3.73 8.71
N HIS B 33 16.35 2.44 8.97
CA HIS B 33 17.66 1.86 9.28
C HIS B 33 18.15 1.08 8.07
N TRP B 34 19.14 1.64 7.39
CA TRP B 34 19.76 0.97 6.22
C TRP B 34 21.26 1.14 6.24
N GLY B 35 21.93 0.01 6.13
CA GLY B 35 23.38 -0.04 6.16
C GLY B 35 23.82 -1.42 5.73
N LEU B 36 25.11 -1.72 5.95
CA LEU B 36 25.72 -2.97 5.50
C LEU B 36 25.12 -4.17 6.19
N TYR B 37 24.60 -3.98 7.40
CA TYR B 37 23.89 -5.05 8.13
C TYR B 37 22.72 -5.64 7.34
N ALA B 38 22.18 -4.89 6.39
CA ALA B 38 21.02 -5.41 5.62
C ALA B 38 21.36 -6.59 4.73
N ILE B 39 22.64 -6.70 4.37
CA ILE B 39 23.13 -7.77 3.49
C ILE B 39 23.10 -9.15 4.20
N PRO B 40 23.86 -9.33 5.29
CA PRO B 40 23.72 -10.59 6.00
C PRO B 40 22.32 -10.80 6.60
N GLY B 41 21.76 -9.73 7.16
CA GLY B 41 20.38 -9.74 7.68
C GLY B 41 20.16 -10.65 8.86
N GLY B 42 21.07 -10.59 9.81
CA GLY B 42 20.97 -11.42 11.02
C GLY B 42 21.79 -12.72 11.04
N GLU B 43 22.31 -13.11 9.89
CA GLU B 43 22.98 -14.39 9.74
C GLU B 43 24.43 -14.18 9.38
N TRP B 44 25.31 -14.85 10.13
CA TRP B 44 26.75 -14.84 9.85
C TRP B 44 27.31 -16.26 9.88
N ASN B 45 27.90 -16.66 8.74
CA ASN B 45 28.51 -17.97 8.56
C ASN B 45 27.55 -19.09 8.90
N GLY B 46 26.36 -19.02 8.34
CA GLY B 46 25.34 -20.07 8.57
C GLY B 46 24.66 -20.11 9.94
N LYS B 47 25.06 -19.25 10.87
CA LYS B 47 24.36 -19.12 12.15
C LYS B 47 23.46 -17.86 12.13
N VAL B 48 22.16 -18.05 12.40
CA VAL B 48 21.19 -16.95 12.53
C VAL B 48 21.16 -16.46 13.99
N TYR B 49 21.49 -15.19 14.21
CA TYR B 49 21.50 -14.61 15.54
C TYR B 49 20.19 -13.87 15.82
N GLY B 50 19.66 -14.05 17.02
CA GLY B 50 18.35 -13.49 17.42
C GLY B 50 18.37 -12.03 17.87
N GLY B 51 19.54 -11.53 18.26
CA GLY B 51 19.72 -10.10 18.54
C GLY B 51 19.45 -9.17 17.34
N ALA B 52 19.41 -7.88 17.62
CA ALA B 52 19.21 -6.86 16.60
C ALA B 52 20.22 -7.00 15.44
N ALA B 53 19.68 -7.13 14.22
CA ALA B 53 20.49 -7.37 13.03
C ALA B 53 21.54 -6.29 12.78
N GLU B 54 21.25 -5.05 13.17
CA GLU B 54 22.22 -3.96 12.99
C GLU B 54 23.43 -4.05 13.96
N TRP B 55 23.36 -4.98 14.92
CA TRP B 55 24.44 -5.26 15.86
C TRP B 55 25.09 -6.61 15.59
N LEU B 56 24.84 -7.22 14.42
CA LEU B 56 25.43 -8.52 14.07
C LEU B 56 26.94 -8.59 14.15
N LYS B 57 27.62 -7.52 13.75
CA LYS B 57 29.06 -7.42 13.92
C LYS B 57 29.49 -7.73 15.37
N SER B 58 28.69 -7.32 16.34
CA SER B 58 28.99 -7.58 17.74
C SER B 58 28.65 -9.02 18.13
N TRP B 59 27.45 -9.48 17.75
CA TRP B 59 26.99 -10.82 18.14
C TRP B 59 27.89 -11.92 17.58
N ALA B 60 28.27 -11.78 16.32
CA ALA B 60 29.13 -12.76 15.65
C ALA B 60 30.63 -12.43 15.76
N LYS B 61 31.01 -11.52 16.66
CA LYS B 61 32.42 -11.19 16.93
C LYS B 61 33.26 -10.98 15.61
N VAL B 62 32.71 -10.19 14.67
CA VAL B 62 33.31 -9.94 13.35
C VAL B 62 34.27 -8.71 13.39
N PRO B 63 35.52 -8.86 12.90
CA PRO B 63 36.42 -7.72 12.91
C PRO B 63 36.04 -6.65 11.86
N ALA B 64 36.41 -5.40 12.13
CA ALA B 64 36.05 -4.26 11.28
C ALA B 64 36.39 -4.50 9.80
N ASP B 65 37.68 -4.77 9.53
CA ASP B 65 38.17 -5.03 8.18
C ASP B 65 37.25 -5.99 7.44
N GLU B 66 36.91 -7.11 8.08
CA GLU B 66 36.05 -8.12 7.45
C GLU B 66 34.56 -7.69 7.32
N TRP B 67 34.05 -6.99 8.34
CA TRP B 67 32.70 -6.45 8.30
C TRP B 67 32.52 -5.41 7.18
N LEU B 68 33.45 -4.47 7.07
CA LEU B 68 33.38 -3.41 6.06
C LEU B 68 33.61 -3.91 4.62
N LYS B 69 34.20 -5.10 4.48
CA LYS B 69 34.26 -5.80 3.17
C LYS B 69 32.86 -6.10 2.57
N LEU B 70 31.80 -5.98 3.37
CA LEU B 70 30.44 -6.07 2.84
C LEU B 70 30.11 -4.98 1.81
N MET B 71 30.83 -3.85 1.88
CA MET B 71 30.79 -2.79 0.84
C MET B 71 30.90 -3.32 -0.59
N ASP B 72 31.67 -4.39 -0.78
CA ASP B 72 31.82 -5.03 -2.10
C ASP B 72 30.54 -5.70 -2.63
N GLN B 73 29.60 -6.05 -1.74
CA GLN B 73 28.28 -6.52 -2.15
C GLN B 73 27.13 -5.48 -2.09
N TRP B 74 27.45 -4.23 -1.76
CA TRP B 74 26.45 -3.19 -1.67
C TRP B 74 26.05 -2.74 -3.06
N ASN B 75 24.92 -3.28 -3.52
CA ASN B 75 24.42 -2.99 -4.85
C ASN B 75 22.87 -3.08 -4.89
N PRO B 76 22.18 -2.13 -4.23
CA PRO B 76 20.72 -2.13 -4.14
C PRO B 76 20.03 -1.78 -5.47
N THR B 77 19.91 -2.78 -6.34
CA THR B 77 19.41 -2.60 -7.70
C THR B 77 17.98 -2.10 -7.75
N LYS B 78 17.13 -2.59 -6.83
CA LYS B 78 15.72 -2.24 -6.75
C LYS B 78 15.46 -0.87 -6.02
N PHE B 79 16.51 -0.19 -5.54
CA PHE B 79 16.36 1.12 -4.90
C PHE B 79 15.81 2.20 -5.84
N ASP B 80 14.78 2.92 -5.36
CA ASP B 80 14.15 4.02 -6.09
C ASP B 80 13.64 5.02 -5.07
N ALA B 81 14.34 6.13 -4.92
CA ALA B 81 14.01 7.11 -3.90
C ALA B 81 12.58 7.65 -4.02
N LYS B 82 12.06 7.73 -5.25
CA LYS B 82 10.72 8.24 -5.50
C LYS B 82 9.68 7.28 -4.96
N LYS B 83 9.94 5.98 -5.04
CA LYS B 83 9.03 4.96 -4.50
C LYS B 83 8.98 5.02 -2.99
N TRP B 84 10.17 5.12 -2.39
CA TRP B 84 10.32 5.26 -0.93
C TRP B 84 9.51 6.45 -0.43
N ALA B 85 9.58 7.57 -1.16
CA ALA B 85 8.90 8.77 -0.73
C ALA B 85 7.38 8.69 -0.88
N LYS B 86 6.92 7.99 -1.94
CA LYS B 86 5.49 7.78 -2.15
C LYS B 86 5.01 6.84 -1.03
N MET B 87 5.79 5.84 -0.68
CA MET B 87 5.41 4.93 0.43
C MET B 87 5.22 5.68 1.77
N ALA B 88 6.13 6.62 2.07
CA ALA B 88 6.00 7.47 3.22
C ALA B 88 4.79 8.41 3.16
N LYS B 89 4.52 8.98 1.97
CA LYS B 89 3.32 9.86 1.79
C LYS B 89 2.02 9.11 2.02
N GLU B 90 1.94 7.91 1.46
CA GLU B 90 0.78 7.04 1.59
C GLU B 90 0.55 6.63 3.05
N MET B 91 1.62 6.41 3.80
CA MET B 91 1.53 6.02 5.22
C MET B 91 0.98 7.14 6.12
N GLY B 92 1.10 8.39 5.67
CA GLY B 92 0.71 9.55 6.44
C GLY B 92 1.82 10.16 7.28
N THR B 93 3.09 9.80 7.00
CA THR B 93 4.21 10.36 7.76
C THR B 93 4.52 11.75 7.25
N LYS B 94 4.79 12.66 8.15
CA LYS B 94 5.15 14.01 7.82
C LYS B 94 6.65 14.23 7.83
N TYR B 95 7.40 13.29 8.40
CA TYR B 95 8.84 13.30 8.38
C TYR B 95 9.43 11.91 8.38
N VAL B 96 10.71 11.85 8.03
CA VAL B 96 11.49 10.62 8.00
C VAL B 96 12.90 10.85 8.58
N LYS B 97 13.33 9.93 9.47
CA LYS B 97 14.62 10.01 10.12
C LYS B 97 15.44 8.92 9.47
N ILE B 98 16.61 9.27 8.95
CA ILE B 98 17.41 8.35 8.13
C ILE B 98 18.75 8.10 8.80
N THR B 99 19.17 6.85 8.87
CA THR B 99 20.51 6.53 9.35
C THR B 99 21.55 6.98 8.35
N THR B 100 22.11 8.15 8.58
CA THR B 100 23.21 8.64 7.74
C THR B 100 24.42 7.73 7.92
N LYS B 101 24.67 7.33 9.17
CA LYS B 101 25.76 6.44 9.55
C LYS B 101 25.39 5.73 10.84
N HIS B 102 25.43 4.40 10.85
CA HIS B 102 25.14 3.63 12.09
C HIS B 102 26.49 3.30 12.75
N HIS B 103 26.47 2.48 13.82
CA HIS B 103 27.66 2.16 14.62
C HIS B 103 28.77 1.57 13.76
N GLU B 104 28.38 0.78 12.77
CA GLU B 104 29.34 0.14 11.86
C GLU B 104 30.31 1.12 11.16
N GLY B 105 29.90 2.40 11.00
CA GLY B 105 30.73 3.42 10.37
C GLY B 105 30.44 3.71 8.88
N PHE B 106 29.70 2.84 8.20
CA PHE B 106 29.35 3.01 6.80
C PHE B 106 28.43 4.20 6.53
N CYS B 107 28.88 5.14 5.68
CA CYS B 107 28.14 6.37 5.40
C CYS B 107 27.27 6.25 4.16
N LEU B 108 26.02 6.71 4.24
CA LEU B 108 25.08 6.68 3.10
C LEU B 108 25.21 7.92 2.20
N TRP B 109 26.19 8.78 2.51
CA TRP B 109 26.55 9.89 1.66
C TRP B 109 28.03 9.74 1.37
N PRO B 110 28.52 10.35 0.29
CA PRO B 110 29.93 10.19 -0.07
C PRO B 110 30.81 11.15 0.74
N SER B 111 31.06 10.79 1.98
CA SER B 111 31.88 11.61 2.87
C SER B 111 33.28 11.68 2.30
N LYS B 112 33.89 12.84 2.47
CA LYS B 112 35.26 13.03 2.07
C LYS B 112 36.21 12.65 3.23
N TYR B 113 35.69 12.42 4.43
CA TYR B 113 36.54 12.14 5.61
C TYR B 113 36.73 10.67 5.99
N THR B 114 36.24 9.76 5.15
CA THR B 114 36.53 8.34 5.33
C THR B 114 36.28 7.61 4.00
N LYS B 115 36.90 6.45 3.84
CA LYS B 115 36.69 5.63 2.64
C LYS B 115 35.49 4.68 2.78
N TYR B 116 34.89 4.58 3.96
CA TYR B 116 33.75 3.67 4.18
C TYR B 116 32.43 4.36 3.87
N THR B 117 32.20 4.62 2.58
CA THR B 117 31.02 5.29 2.09
C THR B 117 30.43 4.62 0.84
N VAL B 118 29.19 4.97 0.54
CA VAL B 118 28.51 4.57 -0.70
C VAL B 118 29.31 4.76 -2.00
N ALA B 119 30.18 5.77 -2.03
CA ALA B 119 31.04 6.05 -3.20
C ALA B 119 31.96 4.88 -3.57
N ASN B 120 32.51 4.21 -2.57
CA ASN B 120 33.39 3.07 -2.80
C ASN B 120 32.65 1.75 -2.73
N THR B 121 31.46 1.71 -3.33
CA THR B 121 30.70 0.47 -3.50
C THR B 121 30.39 0.35 -4.98
N PRO B 122 30.01 -0.85 -5.42
CA PRO B 122 29.50 -0.98 -6.81
C PRO B 122 28.39 0.03 -7.21
N TYR B 123 27.51 0.34 -6.25
CA TYR B 123 26.41 1.25 -6.49
C TYR B 123 26.82 2.70 -6.67
N LYS B 124 27.87 3.14 -5.95
CA LYS B 124 28.48 4.50 -6.13
C LYS B 124 27.64 5.74 -5.72
N ARG B 125 26.33 5.65 -5.86
CA ARG B 125 25.45 6.82 -5.78
C ARG B 125 25.20 7.36 -4.35
N ASP B 126 24.92 8.66 -4.30
CA ASP B 126 24.65 9.38 -3.07
C ASP B 126 23.20 9.11 -2.63
N ILE B 127 23.03 7.96 -2.01
CA ILE B 127 21.71 7.49 -1.57
C ILE B 127 21.04 8.54 -0.70
N LEU B 128 21.78 9.05 0.27
CA LEU B 128 21.23 10.03 1.18
C LEU B 128 20.71 11.25 0.42
N GLY B 129 21.47 11.73 -0.55
CA GLY B 129 21.07 12.91 -1.36
C GLY B 129 19.82 12.66 -2.20
N GLU B 130 19.74 11.46 -2.75
CA GLU B 130 18.53 11.04 -3.51
C GLU B 130 17.29 10.98 -2.61
N LEU B 131 17.44 10.45 -1.39
CA LEU B 131 16.36 10.42 -0.43
C LEU B 131 15.92 11.82 -0.02
N VAL B 132 16.86 12.70 0.32
CA VAL B 132 16.52 14.05 0.75
C VAL B 132 15.66 14.76 -0.28
N LYS B 133 16.07 14.65 -1.53
CA LYS B 133 15.30 15.28 -2.62
C LYS B 133 13.93 14.67 -2.76
N ALA B 134 13.88 13.34 -2.84
CA ALA B 134 12.63 12.65 -3.10
C ALA B 134 11.60 12.91 -1.97
N TYR B 135 12.06 12.89 -0.71
CA TYR B 135 11.17 13.16 0.45
C TYR B 135 10.72 14.59 0.46
N ASN B 136 11.67 15.50 0.29
CA ASN B 136 11.35 16.94 0.17
C ASN B 136 10.34 17.24 -0.94
N ASP B 137 10.47 16.59 -2.09
CA ASP B 137 9.49 16.74 -3.20
C ASP B 137 8.09 16.33 -2.85
N GLU B 138 7.95 15.40 -1.90
CA GLU B 138 6.62 15.01 -1.41
C GLU B 138 6.12 15.86 -0.24
N GLY B 139 6.88 16.90 0.14
CA GLY B 139 6.53 17.77 1.27
C GLY B 139 6.82 17.13 2.64
N ILE B 140 7.80 16.24 2.67
CA ILE B 140 8.14 15.48 3.85
C ILE B 140 9.50 15.96 4.35
N ASP B 141 9.52 16.48 5.58
CA ASP B 141 10.78 16.86 6.23
C ASP B 141 11.72 15.67 6.42
N VAL B 142 13.03 15.93 6.37
CA VAL B 142 14.04 14.92 6.63
C VAL B 142 14.87 15.26 7.84
N HIS B 143 15.07 14.26 8.71
CA HIS B 143 15.87 14.33 9.90
C HIS B 143 17.01 13.34 9.71
N PHE B 144 18.16 13.62 10.31
CA PHE B 144 19.35 12.76 10.21
C PHE B 144 19.68 12.07 11.51
N TYR B 145 19.67 10.74 11.48
CA TYR B 145 20.22 9.93 12.53
C TYR B 145 21.72 9.89 12.30
N PHE B 146 22.47 10.04 13.39
CA PHE B 146 23.93 9.99 13.37
C PHE B 146 24.43 9.30 14.62
N SER B 147 25.20 8.23 14.43
CA SER B 147 25.81 7.53 15.51
C SER B 147 27.22 8.12 15.78
N VAL B 148 27.44 8.61 16.99
CA VAL B 148 28.77 9.09 17.38
C VAL B 148 29.73 7.92 17.46
N MET B 149 29.38 6.90 18.24
CA MET B 149 30.17 5.68 18.32
C MET B 149 30.38 5.13 16.91
N ASP B 150 31.63 4.83 16.58
CA ASP B 150 32.04 4.45 15.21
C ASP B 150 33.06 3.33 15.25
N TRP B 151 32.60 2.12 14.94
CA TRP B 151 33.39 0.89 14.96
C TRP B 151 34.43 0.81 13.81
N SER B 152 34.36 1.75 12.87
CA SER B 152 35.23 1.74 11.69
C SER B 152 36.50 2.57 11.90
N ASN B 153 36.45 3.51 12.82
CA ASN B 153 37.53 4.44 13.09
C ASN B 153 38.32 4.00 14.34
N PRO B 154 39.60 3.63 14.18
CA PRO B 154 40.40 3.16 15.32
C PRO B 154 40.75 4.21 16.38
N ASP B 155 40.51 5.50 16.09
CA ASP B 155 40.66 6.56 17.10
C ASP B 155 39.48 6.62 18.09
N TYR B 156 38.43 5.81 17.84
CA TYR B 156 37.30 5.77 18.79
C TYR B 156 37.77 5.19 20.11
N ARG B 157 37.26 5.71 21.21
CA ARG B 157 37.54 5.20 22.56
C ARG B 157 36.27 5.08 23.40
N TYR B 158 36.15 3.94 24.08
CA TYR B 158 35.02 3.66 24.99
C TYR B 158 35.18 4.41 26.30
N ASP B 159 36.43 4.54 26.75
CA ASP B 159 36.76 5.35 27.92
C ASP B 159 38.12 6.03 27.71
N ILE B 160 38.32 7.13 28.43
CA ILE B 160 39.59 7.83 28.54
C ILE B 160 40.31 7.41 29.83
N LYS B 161 41.23 6.45 29.69
CA LYS B 161 42.05 5.98 30.80
C LYS B 161 43.51 6.49 30.80
N SER B 162 43.99 6.99 29.67
CA SER B 162 45.37 7.49 29.50
C SER B 162 45.46 8.81 28.72
N LYS B 163 46.67 9.38 28.61
CA LYS B 163 46.90 10.56 27.79
C LYS B 163 46.81 10.21 26.29
N GLU B 164 47.22 8.98 25.91
CA GLU B 164 47.15 8.52 24.50
CA GLU B 164 47.12 8.55 24.49
C GLU B 164 45.69 8.41 24.04
N ASP B 165 44.86 7.83 24.92
CA ASP B 165 43.42 7.73 24.74
C ASP B 165 42.84 9.13 24.46
N SER B 166 43.21 10.09 25.29
CA SER B 166 42.75 11.46 25.14
C SER B 166 43.17 12.11 23.81
N ILE B 167 44.41 11.84 23.37
CA ILE B 167 44.91 12.37 22.09
C ILE B 167 44.07 11.80 20.92
N ALA B 168 43.94 10.47 20.91
CA ALA B 168 43.19 9.72 19.87
C ALA B 168 41.74 10.18 19.80
N PHE B 169 41.12 10.26 20.96
CA PHE B 169 39.74 10.67 21.04
C PHE B 169 39.52 12.11 20.64
N SER B 170 40.49 12.98 20.90
CA SER B 170 40.35 14.39 20.45
C SER B 170 40.36 14.46 18.92
N ARG B 171 41.15 13.60 18.28
CA ARG B 171 41.14 13.47 16.81
C ARG B 171 39.79 12.96 16.28
N PHE B 172 39.25 11.97 16.99
CA PHE B 172 37.95 11.39 16.66
C PHE B 172 36.82 12.43 16.69
N LEU B 173 36.79 13.27 17.71
CA LEU B 173 35.83 14.36 17.77
C LEU B 173 35.96 15.39 16.65
N GLU B 174 37.17 15.58 16.14
CA GLU B 174 37.38 16.50 14.99
C GLU B 174 36.79 15.87 13.74
N PHE B 175 37.11 14.58 13.54
CA PHE B 175 36.53 13.75 12.47
C PHE B 175 34.99 13.76 12.50
N THR B 176 34.44 13.65 13.71
CA THR B 176 33.01 13.69 13.88
C THR B 176 32.49 15.06 13.51
N ASP B 177 33.11 16.11 14.05
CA ASP B 177 32.72 17.49 13.73
C ASP B 177 32.71 17.71 12.23
N ASN B 178 33.72 17.16 11.55
CA ASN B 178 33.88 17.34 10.10
C ASN B 178 32.72 16.70 9.34
N GLN B 179 32.39 15.46 9.69
CA GLN B 179 31.23 14.80 9.09
C GLN B 179 29.93 15.55 9.36
N LEU B 180 29.75 16.04 10.59
CA LEU B 180 28.55 16.83 10.88
C LEU B 180 28.42 18.10 10.03
N LYS B 181 29.51 18.87 9.96
CA LYS B 181 29.57 20.09 9.12
C LYS B 181 29.27 19.75 7.66
N GLU B 182 29.86 18.66 7.19
CA GLU B 182 29.64 18.19 5.84
C GLU B 182 28.16 17.89 5.55
N LEU B 183 27.48 17.20 6.47
CA LEU B 183 26.07 16.88 6.31
C LEU B 183 25.20 18.12 6.30
N ALA B 184 25.48 19.04 7.21
CA ALA B 184 24.67 20.27 7.34
C ALA B 184 24.79 21.23 6.14
N THR B 185 25.91 21.16 5.43
CA THR B 185 26.16 22.07 4.29
C THR B 185 25.82 21.40 2.98
N ARG B 186 26.12 20.10 2.83
CA ARG B 186 25.65 19.34 1.65
C ARG B 186 24.11 19.27 1.54
N TYR B 187 23.41 19.21 2.69
CA TYR B 187 21.96 18.92 2.69
C TYR B 187 21.22 19.90 3.57
N PRO B 188 21.20 21.17 3.14
CA PRO B 188 20.77 22.23 4.04
C PRO B 188 19.27 22.24 4.37
N THR B 189 18.47 21.42 3.69
CA THR B 189 17.03 21.27 4.07
C THR B 189 16.78 20.42 5.35
N VAL B 190 17.82 19.76 5.87
CA VAL B 190 17.73 18.99 7.10
C VAL B 190 17.08 19.76 8.27
N LYS B 191 16.13 19.14 8.98
CA LYS B 191 15.40 19.81 10.06
C LYS B 191 15.77 19.37 11.47
N ASP B 192 16.54 18.28 11.57
CA ASP B 192 16.84 17.69 12.85
C ASP B 192 18.05 16.80 12.75
N PHE B 193 18.85 16.77 13.81
CA PHE B 193 19.91 15.77 13.96
C PHE B 193 19.63 14.96 15.22
N TRP B 194 19.56 13.64 15.05
CA TRP B 194 19.19 12.72 16.15
C TRP B 194 20.38 11.84 16.47
N PHE B 195 21.06 12.18 17.55
CA PHE B 195 22.26 11.49 17.92
C PHE B 195 21.97 10.19 18.68
N ASP B 196 22.85 9.22 18.44
CA ASP B 196 22.84 7.93 19.11
C ASP B 196 24.28 7.52 19.38
N GLY B 197 24.47 6.47 20.17
CA GLY B 197 25.80 5.96 20.43
C GLY B 197 26.63 6.95 21.25
N THR B 198 25.97 7.64 22.18
CA THR B 198 26.58 8.67 23.02
C THR B 198 26.66 8.30 24.50
N TRP B 199 26.54 7.02 24.80
CA TRP B 199 26.42 6.54 26.20
C TRP B 199 27.76 6.18 26.82
N ASP B 200 28.77 5.94 26.00
CA ASP B 200 30.09 5.53 26.49
C ASP B 200 30.73 6.61 27.38
N ALA B 201 31.54 6.15 28.34
CA ALA B 201 32.25 7.04 29.28
C ALA B 201 33.08 8.17 28.60
N SER B 202 33.68 7.85 27.44
CA SER B 202 34.40 8.87 26.65
C SER B 202 33.61 10.11 26.36
N VAL B 203 32.36 9.91 25.96
CA VAL B 203 31.46 11.02 25.64
C VAL B 203 30.95 11.68 26.91
N LYS B 204 30.59 10.89 27.92
CA LYS B 204 30.20 11.45 29.24
C LYS B 204 31.27 12.39 29.81
N LYS B 205 32.55 12.01 29.64
CA LYS B 205 33.67 12.84 30.11
C LYS B 205 33.94 14.11 29.27
N ASN B 206 33.30 14.23 28.11
CA ASN B 206 33.51 15.35 27.19
C ASN B 206 32.21 16.08 26.90
N GLY B 207 31.48 16.39 27.96
CA GLY B 207 30.24 17.14 27.87
C GLY B 207 30.36 18.38 27.00
N TRP B 208 31.46 19.12 27.19
CA TRP B 208 31.75 20.38 26.47
C TRP B 208 31.53 20.19 24.98
N TRP B 209 31.95 19.03 24.45
CA TRP B 209 31.87 18.74 23.02
C TRP B 209 30.41 18.60 22.57
N THR B 210 29.60 17.93 23.40
CA THR B 210 28.20 17.70 23.07
C THR B 210 27.50 19.06 22.94
N ALA B 211 27.78 19.97 23.86
CA ALA B 211 27.19 21.32 23.83
C ALA B 211 27.69 22.16 22.65
N HIS B 212 28.92 21.89 22.25
CA HIS B 212 29.55 22.54 21.10
C HIS B 212 28.94 22.07 19.75
N ALA B 213 28.71 20.76 19.64
CA ALA B 213 28.07 20.17 18.46
C ALA B 213 26.65 20.70 18.30
N GLU B 214 25.92 20.83 19.41
CA GLU B 214 24.60 21.43 19.37
C GLU B 214 24.67 22.85 18.80
N GLN B 215 25.50 23.68 19.41
CA GLN B 215 25.70 25.08 19.02
C GLN B 215 26.22 25.24 17.58
N MET B 216 27.22 24.46 17.22
CA MET B 216 27.77 24.47 15.89
C MET B 216 26.68 24.23 14.82
N LEU B 217 25.86 23.19 15.04
CA LEU B 217 24.83 22.81 14.05
C LEU B 217 23.72 23.84 13.95
N LYS B 218 23.39 24.48 15.07
CA LYS B 218 22.37 25.54 15.09
C LYS B 218 22.78 26.79 14.32
N GLU B 219 24.06 27.13 14.36
CA GLU B 219 24.60 28.21 13.55
C GLU B 219 24.55 27.88 12.05
N LEU B 220 24.83 26.63 11.71
CA LEU B 220 24.87 26.20 10.29
C LEU B 220 23.50 25.97 9.66
N VAL B 221 22.50 25.66 10.47
CA VAL B 221 21.18 25.33 9.96
C VAL B 221 20.12 26.06 10.78
N PRO B 222 19.62 27.19 10.28
CA PRO B 222 18.60 27.92 11.02
C PRO B 222 17.41 27.07 11.46
N GLY B 223 17.12 27.10 12.75
CA GLY B 223 15.96 26.43 13.33
C GLY B 223 16.01 24.89 13.44
N VAL B 224 17.19 24.32 13.29
CA VAL B 224 17.39 22.88 13.36
C VAL B 224 17.09 22.41 14.79
N ALA B 225 16.64 21.16 14.91
CA ALA B 225 16.37 20.56 16.21
C ALA B 225 17.44 19.55 16.51
N ILE B 226 17.70 19.37 17.79
CA ILE B 226 18.75 18.48 18.26
C ILE B 226 18.22 17.69 19.47
N ASN B 227 18.40 16.37 19.48
CA ASN B 227 17.83 15.52 20.55
C ASN B 227 18.64 15.51 21.83
N SER B 228 17.93 15.25 22.92
CA SER B 228 18.54 15.21 24.24
C SER B 228 19.64 14.18 24.34
N ARG B 229 19.56 13.15 23.53
CA ARG B 229 20.50 12.01 23.63
C ARG B 229 21.95 12.38 23.33
N LEU B 230 22.13 13.43 22.55
CA LEU B 230 23.45 13.97 22.27
C LEU B 230 24.15 14.38 23.54
N ARG B 231 23.39 15.02 24.42
CA ARG B 231 23.96 15.94 25.40
C ARG B 231 24.33 15.30 26.75
N ALA B 232 25.55 15.64 27.18
CA ALA B 232 26.02 15.43 28.55
C ALA B 232 26.44 16.78 29.10
N ASP B 233 26.38 16.94 30.43
CA ASP B 233 26.80 18.18 31.07
C ASP B 233 28.24 18.08 31.62
N ASP B 234 28.67 19.11 32.36
CA ASP B 234 30.03 19.22 32.95
C ASP B 234 30.40 17.97 33.76
N LYS B 235 29.40 17.41 34.45
CA LYS B 235 29.56 16.28 35.36
C LYS B 235 29.25 14.91 34.76
N GLY B 236 28.88 14.88 33.49
CA GLY B 236 28.59 13.63 32.77
C GLY B 236 27.16 13.08 32.87
N LYS B 237 26.21 13.88 33.38
CA LYS B 237 24.78 13.50 33.44
C LYS B 237 24.17 13.73 32.04
N ARG B 238 23.52 12.68 31.52
CA ARG B 238 22.98 12.69 30.15
C ARG B 238 21.50 13.08 30.09
N HIS B 239 21.06 13.65 28.96
CA HIS B 239 19.67 14.06 28.69
C HIS B 239 19.23 15.28 29.48
N PHE B 240 19.11 15.10 30.80
CA PHE B 240 18.79 16.19 31.68
C PHE B 240 20.06 16.49 32.45
N ASP B 241 20.41 17.76 32.57
CA ASP B 241 21.63 18.17 33.31
C ASP B 241 21.49 17.94 34.85
N SER B 242 22.54 18.28 35.58
CA SER B 242 22.62 18.03 37.02
C SER B 242 21.62 18.85 37.87
N ASN B 243 21.02 19.90 37.29
CA ASN B 243 19.89 20.61 37.90
C ASN B 243 18.51 20.14 37.40
N GLY B 244 18.46 18.96 36.77
CA GLY B 244 17.24 18.41 36.22
C GLY B 244 16.60 19.17 35.05
N ARG B 245 17.38 19.97 34.31
CA ARG B 245 16.85 20.71 33.15
C ARG B 245 17.20 20.00 31.84
N LEU B 246 16.25 20.00 30.91
CA LEU B 246 16.38 19.22 29.67
C LEU B 246 17.39 19.88 28.74
N MET B 247 18.39 19.12 28.29
CA MET B 247 19.33 19.60 27.29
C MET B 247 18.85 19.23 25.89
N GLY B 248 19.27 20.01 24.90
CA GLY B 248 18.77 19.86 23.53
C GLY B 248 17.32 20.31 23.48
N ASP B 249 16.70 20.09 22.34
CA ASP B 249 15.40 20.68 22.06
C ASP B 249 14.24 19.79 22.41
N TYR B 250 14.48 18.49 22.54
CA TYR B 250 13.40 17.55 22.84
C TYR B 250 13.94 16.28 23.44
N GLU B 251 13.12 15.66 24.27
CA GLU B 251 13.52 14.47 25.01
C GLU B 251 13.39 13.29 24.08
N SER B 252 14.39 12.43 24.06
CA SER B 252 14.49 11.31 23.13
C SER B 252 14.93 10.00 23.78
N GLY B 253 14.40 9.68 24.95
CA GLY B 253 14.71 8.44 25.65
C GLY B 253 13.70 7.29 25.52
N TYR B 254 12.51 7.57 24.98
CA TYR B 254 11.43 6.58 24.96
C TYR B 254 11.57 5.77 23.68
N GLU B 255 12.34 4.68 23.79
CA GLU B 255 12.74 3.82 22.67
C GLU B 255 12.15 2.45 22.96
N ARG B 256 11.13 2.05 22.19
CA ARG B 256 10.39 0.82 22.44
C ARG B 256 9.68 0.73 23.84
N ARG B 257 9.42 1.88 24.46
CA ARG B 257 8.53 2.00 25.63
C ARG B 257 7.93 3.42 25.64
N LEU B 258 6.89 3.64 26.43
CA LEU B 258 6.13 4.89 26.43
C LEU B 258 5.77 5.36 27.84
N PRO B 259 5.67 6.68 28.05
CA PRO B 259 5.32 7.11 29.42
C PRO B 259 3.94 6.67 29.84
N ASP B 260 3.77 6.47 31.13
CA ASP B 260 2.50 5.98 31.67
C ASP B 260 1.50 7.12 31.64
N PRO B 261 0.29 6.87 31.11
CA PRO B 261 -0.73 7.92 30.95
C PRO B 261 -1.30 8.53 32.22
N VAL B 262 -1.08 7.86 33.33
CA VAL B 262 -1.53 8.36 34.64
C VAL B 262 -0.36 8.91 35.49
N LYS B 263 0.77 8.21 35.52
CA LYS B 263 1.88 8.53 36.41
C LYS B 263 2.98 9.44 35.85
N ASP B 264 3.13 9.49 34.53
CA ASP B 264 4.27 10.18 33.88
C ASP B 264 3.84 11.43 33.16
N LEU B 265 2.91 12.18 33.77
CA LEU B 265 2.41 13.43 33.21
C LEU B 265 3.46 14.57 33.20
N LYS B 266 4.52 14.43 33.95
CA LYS B 266 5.67 15.33 33.80
C LYS B 266 6.12 15.54 32.32
N VAL B 267 5.97 14.53 31.46
CA VAL B 267 6.50 14.65 30.08
C VAL B 267 5.79 15.70 29.23
N THR B 268 4.61 16.15 29.65
CA THR B 268 3.85 17.13 28.90
C THR B 268 4.48 18.52 28.98
N GLN B 269 5.41 18.71 29.92
CA GLN B 269 6.13 19.98 30.11
C GLN B 269 7.20 20.27 29.09
N TRP B 270 7.59 19.26 28.32
CA TRP B 270 8.61 19.43 27.29
C TRP B 270 8.25 18.69 26.02
N ASP B 271 8.91 19.11 24.93
CA ASP B 271 8.79 18.39 23.65
C ASP B 271 9.53 17.08 23.76
N TRP B 272 8.96 16.02 23.19
CA TRP B 272 9.59 14.71 23.18
C TRP B 272 9.19 13.89 21.98
N GLU B 273 10.01 12.90 21.66
CA GLU B 273 9.78 12.01 20.55
C GLU B 273 10.12 10.59 20.98
N ALA B 274 9.18 9.68 20.73
CA ALA B 274 9.44 8.27 20.89
C ALA B 274 9.67 7.58 19.52
N CYS B 275 10.39 6.47 19.56
CA CYS B 275 10.54 5.62 18.40
CA CYS B 275 10.54 5.62 18.40
C CYS B 275 10.24 4.16 18.79
N MET B 276 9.88 3.37 17.80
CA MET B 276 9.48 1.97 18.01
C MET B 276 9.77 1.09 16.79
N THR B 277 9.87 -0.21 17.08
CA THR B 277 10.08 -1.23 16.09
C THR B 277 8.80 -2.01 15.95
N ILE B 278 8.68 -2.70 14.81
CA ILE B 278 7.49 -3.52 14.50
C ILE B 278 7.59 -4.88 15.20
N PRO B 279 8.69 -5.65 14.97
CA PRO B 279 9.03 -6.71 15.88
C PRO B 279 9.52 -6.21 17.24
N GLU B 280 9.84 -7.11 18.15
CA GLU B 280 10.20 -6.70 19.48
C GLU B 280 11.46 -5.84 19.53
N ASN B 281 12.52 -6.30 18.88
CA ASN B 281 13.80 -5.57 18.84
C ASN B 281 14.68 -5.80 17.57
N GLN B 282 14.19 -5.32 16.43
CA GLN B 282 14.93 -5.31 15.16
C GLN B 282 14.78 -3.94 14.48
N TRP B 283 15.89 -3.23 14.30
CA TRP B 283 15.86 -1.97 13.59
C TRP B 283 16.32 -2.16 12.15
N GLY B 284 17.53 -2.68 11.97
CA GLY B 284 17.97 -3.10 10.63
C GLY B 284 17.25 -4.35 10.14
N TYR B 285 17.32 -4.58 8.83
CA TYR B 285 16.70 -5.76 8.22
C TYR B 285 17.22 -7.02 8.82
N HIS B 286 16.30 -7.86 9.31
CA HIS B 286 16.58 -9.22 9.81
C HIS B 286 15.70 -10.21 9.04
N LYS B 287 16.30 -11.25 8.49
CA LYS B 287 15.58 -12.10 7.51
C LYS B 287 14.47 -12.98 8.11
N ASP B 288 14.56 -13.26 9.42
CA ASP B 288 13.57 -14.06 10.13
C ASP B 288 12.79 -13.34 11.27
N TRP B 289 11.63 -12.82 10.90
CA TRP B 289 10.72 -12.14 11.86
C TRP B 289 9.88 -13.09 12.72
N SER B 290 9.98 -14.40 12.48
CA SER B 290 9.28 -15.37 13.33
C SER B 290 9.95 -15.56 14.71
N LEU B 291 11.06 -14.88 14.98
CA LEU B 291 11.84 -15.14 16.20
C LEU B 291 11.34 -14.44 17.43
N SER B 292 10.52 -13.40 17.25
CA SER B 292 9.92 -12.61 18.35
C SER B 292 8.53 -12.18 17.90
N TYR B 293 7.78 -11.56 18.81
CA TYR B 293 6.44 -11.05 18.51
C TYR B 293 6.48 -9.83 17.54
N VAL B 294 5.57 -9.84 16.57
CA VAL B 294 5.42 -8.78 15.55
C VAL B 294 4.11 -8.05 15.78
N LYS B 295 4.18 -6.73 15.92
CA LYS B 295 3.02 -5.94 16.26
C LYS B 295 2.08 -5.84 15.08
N THR B 296 0.78 -5.85 15.39
CA THR B 296 -0.24 -5.66 14.40
C THR B 296 -0.42 -4.16 14.20
N PRO B 297 -1.04 -3.75 13.08
CA PRO B 297 -1.25 -2.33 12.83
C PRO B 297 -2.02 -1.58 13.92
N ILE B 298 -3.07 -2.17 14.47
CA ILE B 298 -3.79 -1.51 15.55
C ILE B 298 -2.91 -1.33 16.79
N GLU B 299 -2.04 -2.28 17.07
CA GLU B 299 -1.08 -2.15 18.18
C GLU B 299 -0.11 -0.99 17.93
N VAL B 300 0.22 -0.73 16.67
CA VAL B 300 1.09 0.37 16.31
C VAL B 300 0.33 1.72 16.41
N ILE B 301 -0.87 1.75 15.89
CA ILE B 301 -1.72 2.95 15.94
C ILE B 301 -2.03 3.37 17.39
N ASP B 302 -2.34 2.41 18.21
CA ASP B 302 -2.42 2.65 19.65
C ASP B 302 -1.25 3.44 20.20
N ARG B 303 -0.04 3.01 19.88
CA ARG B 303 1.16 3.65 20.41
C ARG B 303 1.34 5.04 19.86
N ILE B 304 1.00 5.20 18.58
CA ILE B 304 1.09 6.54 17.97
C ILE B 304 0.17 7.52 18.73
N VAL B 305 -1.11 7.13 18.88
CA VAL B 305 -2.07 8.01 19.52
C VAL B 305 -1.69 8.26 20.99
N HIS B 306 -1.17 7.23 21.66
CA HIS B 306 -0.69 7.31 23.05
C HIS B 306 0.33 8.43 23.15
N ALA B 307 1.29 8.43 22.27
CA ALA B 307 2.33 9.46 22.26
C ALA B 307 1.77 10.85 22.08
N VAL B 308 0.93 11.03 21.09
CA VAL B 308 0.35 12.34 20.83
C VAL B 308 -0.55 12.76 22.02
N SER B 309 -1.22 11.81 22.66
CA SER B 309 -2.08 12.14 23.79
C SER B 309 -1.28 12.70 24.94
N MET B 310 0.02 12.45 24.97
CA MET B 310 0.88 12.93 26.03
C MET B 310 1.90 13.94 25.55
N GLY B 311 1.58 14.57 24.43
CA GLY B 311 2.34 15.68 23.95
C GLY B 311 3.63 15.36 23.25
N GLY B 312 3.73 14.16 22.71
CA GLY B 312 4.96 13.77 21.99
C GLY B 312 4.74 13.22 20.59
N ASN B 313 5.85 13.03 19.88
CA ASN B 313 5.85 12.49 18.52
C ASN B 313 6.12 11.03 18.58
N MET B 314 5.72 10.30 17.54
CA MET B 314 6.06 8.91 17.40
C MET B 314 6.68 8.62 16.06
N VAL B 315 7.74 7.81 16.07
CA VAL B 315 8.45 7.42 14.84
C VAL B 315 8.44 5.94 14.74
N VAL B 316 7.92 5.43 13.62
CA VAL B 316 7.84 3.98 13.35
C VAL B 316 8.96 3.55 12.42
N ASN B 317 9.66 2.49 12.82
CA ASN B 317 10.86 2.07 12.11
C ASN B 317 10.62 1.07 10.98
N PHE B 318 11.45 1.21 9.95
CA PHE B 318 11.51 0.31 8.81
C PHE B 318 12.98 -0.04 8.57
N GLY B 319 13.24 -1.31 8.28
CA GLY B 319 14.58 -1.79 7.93
C GLY B 319 14.58 -2.33 6.50
N PRO B 320 14.84 -1.46 5.52
CA PRO B 320 14.85 -1.90 4.14
C PRO B 320 15.78 -3.08 3.83
N GLN B 321 15.37 -3.88 2.85
CA GLN B 321 16.19 -4.99 2.38
C GLN B 321 17.47 -4.49 1.68
N ALA B 322 18.43 -5.41 1.56
CA ALA B 322 19.71 -5.17 0.85
C ALA B 322 19.50 -4.72 -0.61
N ASP B 323 18.48 -5.26 -1.25
CA ASP B 323 18.18 -4.84 -2.65
C ASP B 323 17.55 -3.46 -2.82
N GLY B 324 17.15 -2.82 -1.72
CA GLY B 324 16.60 -1.48 -1.80
C GLY B 324 15.10 -1.45 -1.88
N ASP B 325 14.47 -2.60 -1.68
CA ASP B 325 13.01 -2.66 -1.52
C ASP B 325 12.62 -3.02 -0.06
N PHE B 326 11.36 -2.75 0.28
CA PHE B 326 10.82 -3.10 1.57
C PHE B 326 10.14 -4.45 1.55
N ARG B 327 10.33 -5.20 2.62
CA ARG B 327 9.67 -6.48 2.80
C ARG B 327 8.14 -6.34 2.88
N PRO B 328 7.40 -7.41 2.57
CA PRO B 328 5.93 -7.32 2.52
C PRO B 328 5.21 -6.93 3.81
N GLU B 329 5.70 -7.40 4.95
CA GLU B 329 5.13 -7.06 6.27
C GLU B 329 5.18 -5.55 6.50
N GLU B 330 6.27 -4.91 6.08
CA GLU B 330 6.40 -3.44 6.24
C GLU B 330 5.52 -2.65 5.27
N LYS B 331 5.39 -3.11 4.04
CA LYS B 331 4.43 -2.50 3.09
C LYS B 331 2.99 -2.58 3.58
N ALA B 332 2.64 -3.72 4.15
CA ALA B 332 1.30 -3.93 4.69
C ALA B 332 1.04 -3.00 5.89
N MET B 333 2.02 -2.92 6.80
CA MET B 333 1.98 -1.99 7.92
C MET B 333 1.83 -0.55 7.46
N ALA B 334 2.63 -0.14 6.50
CA ALA B 334 2.53 1.27 6.03
C ALA B 334 1.18 1.62 5.40
N THR B 335 0.68 0.73 4.56
CA THR B 335 -0.61 0.88 3.96
C THR B 335 -1.70 0.97 5.06
N ALA B 336 -1.69 0.04 6.01
CA ALA B 336 -2.74 -0.01 7.07
C ALA B 336 -2.75 1.25 7.92
N ILE B 337 -1.58 1.73 8.31
CA ILE B 337 -1.48 2.97 9.05
C ILE B 337 -2.01 4.13 8.23
N GLY B 338 -1.55 4.24 7.00
CA GLY B 338 -2.07 5.27 6.07
C GLY B 338 -3.59 5.35 5.92
N LYS B 339 -4.23 4.21 5.78
CA LYS B 339 -5.68 4.13 5.66
C LYS B 339 -6.31 4.78 6.91
N TRP B 340 -5.86 4.37 8.09
CA TRP B 340 -6.41 4.85 9.36
C TRP B 340 -6.10 6.32 9.57
N MET B 341 -4.87 6.71 9.31
CA MET B 341 -4.49 8.13 9.41
C MET B 341 -5.29 9.04 8.47
N ASN B 342 -5.57 8.54 7.27
CA ASN B 342 -6.28 9.36 6.31
C ASN B 342 -7.73 9.63 6.79
N ARG B 343 -8.31 8.65 7.45
CA ARG B 343 -9.65 8.80 7.98
C ARG B 343 -9.69 9.57 9.31
N TYR B 344 -8.73 9.33 10.21
CA TYR B 344 -8.82 9.86 11.60
C TYR B 344 -7.69 10.78 12.01
N GLY B 345 -6.85 11.15 11.06
CA GLY B 345 -5.68 11.96 11.35
C GLY B 345 -5.87 13.36 11.84
N LYS B 346 -7.08 13.89 11.75
CA LYS B 346 -7.36 15.17 12.42
C LYS B 346 -7.13 15.12 13.93
N ALA B 347 -7.18 13.91 14.49
CA ALA B 347 -6.96 13.69 15.92
C ALA B 347 -5.49 13.44 16.28
N VAL B 348 -4.62 13.41 15.27
CA VAL B 348 -3.21 13.14 15.45
C VAL B 348 -2.37 14.34 15.04
N TYR B 349 -2.45 14.74 13.76
CA TYR B 349 -1.62 15.84 13.27
C TYR B 349 -1.94 17.13 14.00
N ALA B 350 -0.91 17.85 14.39
CA ALA B 350 -1.05 19.14 15.07
C ALA B 350 -1.85 19.08 16.38
N CYS B 351 -1.92 17.89 16.98
CA CYS B 351 -2.61 17.71 18.24
C CYS B 351 -1.63 17.58 19.41
N ASP B 352 -2.17 17.71 20.61
CA ASP B 352 -1.37 17.75 21.85
C ASP B 352 -2.16 17.19 23.03
N TYR B 353 -1.53 17.22 24.20
CA TYR B 353 -2.13 16.83 25.48
C TYR B 353 -3.37 17.63 25.82
N ALA B 354 -4.45 16.97 26.22
CA ALA B 354 -5.71 17.65 26.44
C ALA B 354 -6.00 18.10 27.87
N GLY B 355 -5.26 17.61 28.83
CA GLY B 355 -5.49 17.94 30.21
C GLY B 355 -6.64 17.24 30.91
N PHE B 356 -7.18 16.18 30.32
CA PHE B 356 -8.29 15.43 30.92
C PHE B 356 -7.78 14.19 31.62
N GLU B 357 -8.49 13.76 32.65
CA GLU B 357 -8.16 12.52 33.35
C GLU B 357 -8.32 11.32 32.38
N LYS B 358 -7.34 10.42 32.35
CA LYS B 358 -7.34 9.25 31.46
C LYS B 358 -8.47 8.28 31.76
N GLN B 359 -9.10 7.78 30.71
CA GLN B 359 -10.20 6.84 30.81
C GLN B 359 -9.86 5.56 30.02
N ASP B 360 -10.56 4.48 30.37
CA ASP B 360 -10.25 3.13 29.87
C ASP B 360 -10.58 2.87 28.37
N TRP B 361 -11.49 3.62 27.80
CA TRP B 361 -11.84 3.46 26.40
C TRP B 361 -10.70 3.85 25.42
N GLY B 362 -9.78 4.70 25.84
CA GLY B 362 -8.75 5.17 24.91
C GLY B 362 -8.06 6.44 25.33
N TYR B 363 -7.92 7.38 24.40
CA TYR B 363 -7.07 8.54 24.61
C TYR B 363 -7.75 9.77 24.18
N TYR B 364 -7.43 10.87 24.82
CA TYR B 364 -7.90 12.17 24.38
C TYR B 364 -6.75 12.85 23.66
N THR B 365 -7.03 13.58 22.58
CA THR B 365 -6.07 14.56 22.07
C THR B 365 -6.75 15.91 21.91
N ARG B 366 -5.95 16.97 21.98
CA ARG B 366 -6.42 18.35 21.83
C ARG B 366 -5.91 18.99 20.55
N GLY B 367 -6.80 19.62 19.83
CA GLY B 367 -6.50 20.29 18.55
C GLY B 367 -5.99 21.72 18.73
N LYS B 368 -5.58 22.34 17.64
CA LYS B 368 -5.11 23.73 17.69
C LYS B 368 -6.13 24.77 18.17
N ASN B 369 -7.40 24.57 17.88
CA ASN B 369 -8.49 25.46 18.29
C ASN B 369 -9.39 24.84 19.32
N ASP B 370 -8.76 24.18 20.30
CA ASP B 370 -9.47 23.57 21.43
C ASP B 370 -10.53 22.54 21.06
N GLU B 371 -10.35 21.83 19.94
CA GLU B 371 -11.14 20.64 19.66
C GLU B 371 -10.60 19.60 20.64
N VAL B 372 -11.47 18.78 21.23
CA VAL B 372 -11.02 17.66 22.07
C VAL B 372 -11.49 16.40 21.40
N TYR B 373 -10.55 15.52 21.01
CA TYR B 373 -10.91 14.28 20.34
C TYR B 373 -10.85 13.12 21.31
N MET B 374 -11.83 12.25 21.23
CA MET B 374 -11.82 10.97 21.98
C MET B 374 -11.45 9.90 20.98
N VAL B 375 -10.31 9.23 21.17
CA VAL B 375 -9.91 8.17 20.26
C VAL B 375 -10.19 6.84 20.98
N VAL B 376 -11.17 6.08 20.47
CA VAL B 376 -11.68 4.91 21.17
C VAL B 376 -11.05 3.63 20.66
N PHE B 377 -10.34 2.95 21.56
CA PHE B 377 -9.67 1.68 21.26
C PHE B 377 -10.33 0.48 21.93
N ASN B 378 -11.09 0.74 23.00
CA ASN B 378 -11.66 -0.33 23.81
C ASN B 378 -13.11 0.00 24.04
N GLN B 379 -13.98 -0.71 23.34
CA GLN B 379 -15.40 -0.39 23.28
C GLN B 379 -16.11 -0.94 24.54
N PRO B 380 -16.71 -0.08 25.33
CA PRO B 380 -17.39 -0.58 26.54
C PRO B 380 -18.71 -1.31 26.25
N TYR B 381 -18.93 -2.47 26.88
CA TYR B 381 -20.24 -3.16 26.84
C TYR B 381 -21.38 -2.29 27.42
N SER B 382 -21.08 -1.41 28.36
CA SER B 382 -22.05 -0.44 28.89
C SER B 382 -22.63 0.50 27.82
N GLU B 383 -21.95 0.63 26.67
CA GLU B 383 -22.34 1.54 25.58
C GLU B 383 -22.15 2.99 25.89
N ARG B 384 -21.43 3.26 26.96
CA ARG B 384 -21.22 4.61 27.44
C ARG B 384 -19.74 4.86 27.66
N LEU B 385 -19.26 5.98 27.12
CA LEU B 385 -17.87 6.38 27.21
C LEU B 385 -17.74 7.47 28.25
N ILE B 386 -17.06 7.18 29.36
CA ILE B 386 -17.05 8.12 30.49
C ILE B 386 -16.09 9.23 30.16
N VAL B 387 -16.53 10.45 30.42
CA VAL B 387 -15.75 11.65 30.19
C VAL B 387 -15.85 12.51 31.43
N LYS B 388 -14.74 12.63 32.15
CA LYS B 388 -14.67 13.45 33.32
C LYS B 388 -13.88 14.72 32.95
N THR B 389 -14.48 15.89 33.15
CA THR B 389 -13.89 17.15 32.71
C THR B 389 -13.16 17.86 33.84
N PRO B 390 -12.15 18.68 33.49
CA PRO B 390 -11.49 19.51 34.48
C PRO B 390 -12.41 20.61 34.98
N LYS B 391 -12.04 21.23 36.12
CA LYS B 391 -12.85 22.27 36.78
C LYS B 391 -13.10 23.36 35.76
N GLY B 392 -14.34 23.80 35.67
CA GLY B 392 -14.72 24.85 34.75
C GLY B 392 -14.96 24.48 33.29
N ILE B 393 -14.86 23.21 32.91
CA ILE B 393 -15.04 22.82 31.53
C ILE B 393 -16.34 22.06 31.40
N THR B 394 -17.08 22.36 30.33
CA THR B 394 -18.32 21.66 29.99
C THR B 394 -18.25 21.12 28.56
N VAL B 395 -19.06 20.12 28.28
CA VAL B 395 -19.15 19.51 26.98
C VAL B 395 -20.48 19.96 26.40
N GLU B 396 -20.44 20.71 25.30
CA GLU B 396 -21.66 21.20 24.62
C GLU B 396 -22.16 20.28 23.50
N LYS B 397 -21.27 19.57 22.85
CA LYS B 397 -21.64 18.76 21.70
C LYS B 397 -20.61 17.62 21.53
N ALA B 398 -21.08 16.49 20.99
CA ALA B 398 -20.24 15.40 20.56
C ALA B 398 -20.61 14.99 19.15
N THR B 399 -19.61 14.68 18.34
CA THR B 399 -19.80 14.43 16.91
C THR B 399 -18.90 13.30 16.44
N LEU B 400 -19.44 12.31 15.73
CA LEU B 400 -18.61 11.26 15.14
C LEU B 400 -17.80 11.85 13.97
N LEU B 401 -16.49 11.78 14.07
CA LEU B 401 -15.61 12.47 13.15
C LEU B 401 -15.80 12.09 11.69
N THR B 402 -15.98 10.81 11.41
CA THR B 402 -16.11 10.36 10.01
C THR B 402 -17.40 10.78 9.32
N THR B 403 -18.53 10.76 10.03
CA THR B 403 -19.84 11.01 9.41
C THR B 403 -20.47 12.35 9.74
N GLY B 404 -20.04 13.03 10.79
CA GLY B 404 -20.72 14.25 11.29
C GLY B 404 -21.95 14.03 12.15
N GLU B 405 -22.35 12.78 12.33
CA GLU B 405 -23.56 12.45 13.11
C GLU B 405 -23.43 12.86 14.59
N ASP B 406 -24.51 13.39 15.14
CA ASP B 406 -24.56 13.87 16.51
C ASP B 406 -24.58 12.67 17.46
N ILE B 407 -23.92 12.85 18.60
CA ILE B 407 -23.72 11.80 19.61
C ILE B 407 -24.26 12.33 20.93
N THR B 408 -25.11 11.52 21.55
CA THR B 408 -25.81 11.91 22.75
C THR B 408 -24.79 12.09 23.87
N VAL B 409 -24.91 13.18 24.62
CA VAL B 409 -24.10 13.40 25.79
C VAL B 409 -25.04 13.56 26.98
N VAL B 410 -24.86 12.75 28.03
CA VAL B 410 -25.69 12.83 29.20
C VAL B 410 -24.85 13.21 30.43
N GLU B 411 -25.24 14.27 31.13
CA GLU B 411 -24.58 14.62 32.37
C GLU B 411 -24.94 13.57 33.42
N THR B 412 -23.95 12.97 34.08
CA THR B 412 -24.20 11.99 35.15
C THR B 412 -23.96 12.59 36.53
N THR B 413 -23.03 13.52 36.62
CA THR B 413 -22.71 14.15 37.89
C THR B 413 -22.04 15.49 37.57
N ARG B 414 -21.69 16.23 38.60
CA ARG B 414 -20.86 17.41 38.41
C ARG B 414 -19.55 16.95 37.73
N ASN B 415 -19.19 17.59 36.63
CA ASN B 415 -17.91 17.32 35.97
C ASN B 415 -17.80 15.96 35.28
N GLU B 416 -18.90 15.29 35.01
CA GLU B 416 -18.83 13.98 34.41
C GLU B 416 -20.01 13.68 33.51
N TYR B 417 -19.69 13.10 32.37
CA TYR B 417 -20.68 12.76 31.38
C TYR B 417 -20.49 11.37 30.85
N ASN B 418 -21.57 10.83 30.28
CA ASN B 418 -21.59 9.58 29.56
C ASN B 418 -21.83 9.97 28.11
N VAL B 419 -20.85 9.74 27.25
CA VAL B 419 -20.96 10.02 25.83
C VAL B 419 -21.35 8.70 25.20
N SER B 420 -22.43 8.64 24.44
CA SER B 420 -22.85 7.36 23.87
C SER B 420 -21.92 6.92 22.78
N VAL B 421 -21.80 5.60 22.62
CA VAL B 421 -21.13 5.05 21.47
C VAL B 421 -21.97 5.39 20.25
N PRO B 422 -21.38 5.29 19.06
CA PRO B 422 -22.20 5.44 17.85
C PRO B 422 -23.21 4.32 17.70
N LYS B 423 -24.32 4.63 17.00
CA LYS B 423 -25.44 3.67 16.84
C LYS B 423 -25.00 2.41 16.10
N LYS B 424 -24.15 2.58 15.07
CA LYS B 424 -23.45 1.45 14.42
C LYS B 424 -21.99 1.37 14.88
N ASN B 425 -21.61 0.20 15.35
CA ASN B 425 -20.24 -0.01 15.81
C ASN B 425 -19.22 0.18 14.67
N PRO B 426 -18.30 1.17 14.78
CA PRO B 426 -17.41 1.46 13.64
C PRO B 426 -16.49 0.33 13.24
N GLY B 427 -16.35 -0.69 14.10
CA GLY B 427 -15.53 -1.89 13.82
C GLY B 427 -13.99 -1.69 13.81
N GLU B 428 -13.55 -0.55 14.32
CA GLU B 428 -12.14 -0.20 14.34
C GLU B 428 -11.98 0.92 15.37
N PRO B 429 -10.75 1.25 15.73
CA PRO B 429 -10.59 2.40 16.59
C PRO B 429 -11.10 3.66 15.90
N TYR B 430 -11.90 4.45 16.61
CA TYR B 430 -12.59 5.56 16.01
C TYR B 430 -12.46 6.85 16.82
N VAL B 431 -12.87 7.96 16.23
CA VAL B 431 -12.82 9.25 16.89
C VAL B 431 -14.19 9.89 17.08
N ILE B 432 -14.40 10.45 18.26
CA ILE B 432 -15.52 11.33 18.54
C ILE B 432 -14.94 12.68 18.90
N GLN B 433 -15.39 13.72 18.20
CA GLN B 433 -14.95 15.07 18.43
C GLN B 433 -15.93 15.78 19.38
N LEU B 434 -15.37 16.47 20.37
CA LEU B 434 -16.12 17.13 21.39
C LEU B 434 -15.94 18.61 21.19
N LYS B 435 -17.01 19.34 21.48
CA LYS B 435 -16.96 20.77 21.55
C LYS B 435 -17.09 21.10 23.01
N VAL B 436 -16.10 21.81 23.53
CA VAL B 436 -16.05 22.15 24.93
C VAL B 436 -16.03 23.66 25.13
N ARG B 437 -16.51 24.08 26.29
CA ARG B 437 -16.59 25.49 26.65
C ARG B 437 -15.97 25.62 28.02
N ALA B 438 -15.08 26.60 28.18
CA ALA B 438 -14.52 26.96 29.49
C ALA B 438 -15.35 28.13 30.10
N ALA B 439 -15.66 28.07 31.39
CA ALA B 439 -16.35 29.20 32.05
C ALA B 439 -15.36 30.38 32.26
N LYS B 440 -15.89 31.61 32.37
CA LYS B 440 -15.03 32.85 32.49
C LYS B 440 -14.34 33.01 33.85
N TYR B 446 -7.52 25.97 28.70
CA TYR B 446 -8.57 26.64 27.88
C TYR B 446 -8.96 27.94 28.57
N ALA C 1 -10.39 -31.39 -48.45
CA ALA C 1 -10.73 -32.77 -47.97
C ALA C 1 -10.97 -32.83 -46.45
N GLU C 2 -12.23 -32.64 -46.03
CA GLU C 2 -12.57 -32.67 -44.60
C GLU C 2 -12.41 -34.08 -44.08
N ILE C 3 -11.60 -34.28 -43.02
CA ILE C 3 -11.56 -35.57 -42.31
C ILE C 3 -12.91 -35.67 -41.59
N PRO C 4 -13.64 -36.81 -41.72
CA PRO C 4 -14.91 -36.90 -40.96
C PRO C 4 -14.63 -37.23 -39.47
N LEU C 5 -15.42 -36.62 -38.59
CA LEU C 5 -15.22 -36.71 -37.13
C LEU C 5 -16.55 -36.74 -36.40
N LYS C 6 -16.70 -37.69 -35.48
CA LYS C 6 -17.84 -37.72 -34.56
C LYS C 6 -17.75 -36.72 -33.40
N TYR C 7 -16.53 -36.45 -32.92
CA TYR C 7 -16.28 -35.64 -31.70
C TYR C 7 -15.40 -34.43 -31.96
N GLY C 8 -15.59 -33.82 -33.13
CA GLY C 8 -14.88 -32.59 -33.49
C GLY C 8 -15.71 -31.39 -33.12
N ALA C 9 -15.52 -30.30 -33.85
CA ALA C 9 -16.17 -29.01 -33.52
C ALA C 9 -17.68 -29.03 -33.72
N THR C 10 -18.39 -28.25 -32.91
CA THR C 10 -19.86 -28.14 -32.96
C THR C 10 -20.29 -26.75 -33.48
N ASN C 11 -19.82 -25.67 -32.82
CA ASN C 11 -20.04 -24.26 -33.26
C ASN C 11 -19.43 -23.97 -34.64
N GLU C 12 -20.08 -23.08 -35.40
CA GLU C 12 -19.59 -22.62 -36.72
C GLU C 12 -18.60 -21.46 -36.60
N GLY C 13 -19.01 -20.37 -35.95
CA GLY C 13 -18.12 -19.25 -35.63
C GLY C 13 -18.31 -18.86 -34.17
N LYS C 14 -18.41 -17.57 -33.89
CA LYS C 14 -18.63 -17.08 -32.55
C LYS C 14 -20.06 -17.25 -32.13
N ARG C 15 -20.28 -17.76 -30.94
CA ARG C 15 -21.62 -17.71 -30.32
C ARG C 15 -22.07 -16.26 -30.15
N GLN C 16 -23.30 -15.95 -30.56
CA GLN C 16 -23.84 -14.59 -30.42
C GLN C 16 -25.09 -14.52 -29.52
N ASP C 17 -25.39 -15.59 -28.80
CA ASP C 17 -26.44 -15.54 -27.78
C ASP C 17 -26.06 -14.56 -26.67
N PRO C 18 -27.06 -14.07 -25.89
CA PRO C 18 -26.75 -13.09 -24.84
C PRO C 18 -25.75 -13.54 -23.78
N ALA C 19 -25.72 -14.84 -23.46
CA ALA C 19 -24.83 -15.36 -22.39
C ALA C 19 -23.35 -15.32 -22.81
N MET C 20 -23.06 -15.67 -24.06
CA MET C 20 -21.73 -15.47 -24.60
C MET C 20 -21.37 -14.00 -24.74
N GLN C 21 -22.32 -13.15 -25.15
CA GLN C 21 -22.09 -11.67 -25.25
C GLN C 21 -21.69 -11.05 -23.91
N LYS C 22 -22.21 -11.62 -22.83
CA LYS C 22 -21.91 -11.16 -21.47
C LYS C 22 -20.51 -11.62 -21.04
N PHE C 23 -20.20 -12.87 -21.32
CA PHE C 23 -18.89 -13.43 -21.12
C PHE C 23 -17.86 -12.53 -21.78
N ARG C 24 -18.08 -12.23 -23.05
CA ARG C 24 -17.22 -11.36 -23.87
C ARG C 24 -17.15 -9.97 -23.32
N ASP C 25 -18.29 -9.33 -23.11
CA ASP C 25 -18.31 -7.92 -22.66
C ASP C 25 -17.65 -7.71 -21.28
N ASN C 26 -17.73 -8.69 -20.39
CA ASN C 26 -17.06 -8.60 -19.11
C ASN C 26 -15.60 -8.19 -19.30
N ARG C 27 -14.92 -8.84 -20.25
CA ARG C 27 -13.48 -8.68 -20.57
C ARG C 27 -12.45 -8.93 -19.46
N LEU C 28 -12.60 -8.29 -18.30
CA LEU C 28 -11.63 -8.44 -17.25
C LEU C 28 -12.14 -9.34 -16.13
N GLY C 29 -11.37 -10.38 -15.82
CA GLY C 29 -11.67 -11.27 -14.72
C GLY C 29 -10.50 -11.52 -13.78
N ALA C 30 -10.77 -12.19 -12.66
CA ALA C 30 -9.75 -12.63 -11.71
C ALA C 30 -9.77 -14.14 -11.58
N PHE C 31 -8.60 -14.71 -11.34
CA PHE C 31 -8.46 -16.14 -11.12
C PHE C 31 -8.13 -16.30 -9.62
N ILE C 32 -8.69 -17.34 -8.99
CA ILE C 32 -8.39 -17.68 -7.63
C ILE C 32 -7.89 -19.10 -7.61
N HIS C 33 -6.65 -19.29 -7.18
CA HIS C 33 -6.08 -20.61 -6.90
C HIS C 33 -5.98 -20.78 -5.40
N TRP C 34 -6.82 -21.65 -4.84
CA TRP C 34 -6.80 -21.96 -3.42
C TRP C 34 -7.03 -23.43 -3.20
N GLY C 35 -6.14 -24.02 -2.42
CA GLY C 35 -6.21 -25.42 -2.10
C GLY C 35 -5.20 -25.70 -1.01
N LEU C 36 -4.95 -26.99 -0.78
CA LEU C 36 -4.08 -27.43 0.32
C LEU C 36 -2.65 -26.95 0.14
N TYR C 37 -2.24 -26.73 -1.11
CA TYR C 37 -0.92 -26.18 -1.44
C TYR C 37 -0.65 -24.83 -0.77
N ALA C 38 -1.70 -24.11 -0.42
CA ALA C 38 -1.49 -22.84 0.24
C ALA C 38 -0.84 -22.93 1.63
N ILE C 39 -0.97 -24.09 2.27
CA ILE C 39 -0.47 -24.29 3.64
C ILE C 39 1.06 -24.38 3.67
N PRO C 40 1.66 -25.38 2.98
CA PRO C 40 3.12 -25.36 2.86
C PRO C 40 3.68 -24.14 2.12
N GLY C 41 3.01 -23.74 1.03
CA GLY C 41 3.34 -22.51 0.31
C GLY C 41 4.69 -22.54 -0.35
N GLY C 42 5.00 -23.66 -1.00
CA GLY C 42 6.28 -23.81 -1.71
C GLY C 42 7.37 -24.55 -0.96
N GLU C 43 7.17 -24.78 0.33
CA GLU C 43 8.18 -25.37 1.18
C GLU C 43 7.71 -26.72 1.68
N TRP C 44 8.56 -27.73 1.51
CA TRP C 44 8.32 -29.05 2.10
C TRP C 44 9.52 -29.56 2.90
N ASN C 45 9.26 -29.86 4.18
CA ASN C 45 10.26 -30.38 5.14
C ASN C 45 11.53 -29.50 5.15
N GLY C 46 11.34 -28.19 5.33
CA GLY C 46 12.46 -27.26 5.34
C GLY C 46 13.17 -26.92 4.02
N LYS C 47 12.81 -27.55 2.91
CA LYS C 47 13.33 -27.19 1.59
C LYS C 47 12.29 -26.34 0.80
N VAL C 48 12.69 -25.14 0.37
CA VAL C 48 11.86 -24.25 -0.46
C VAL C 48 12.07 -24.58 -1.94
N TYR C 49 11.01 -24.98 -2.63
CA TYR C 49 11.09 -25.32 -4.04
C TYR C 49 10.66 -24.13 -4.91
N GLY C 50 11.41 -23.89 -5.98
CA GLY C 50 11.22 -22.72 -6.87
C GLY C 50 10.12 -22.89 -7.90
N GLY C 51 9.73 -24.14 -8.19
CA GLY C 51 8.58 -24.40 -9.06
C GLY C 51 7.24 -23.90 -8.50
N ALA C 52 6.21 -23.96 -9.34
CA ALA C 52 4.87 -23.54 -8.96
C ALA C 52 4.36 -24.23 -7.67
N ALA C 53 3.97 -23.43 -6.70
CA ALA C 53 3.60 -23.94 -5.37
C ALA C 53 2.46 -24.91 -5.42
N GLU C 54 1.54 -24.76 -6.36
CA GLU C 54 0.42 -25.71 -6.49
C GLU C 54 0.84 -27.08 -7.01
N TRP C 55 2.11 -27.20 -7.46
CA TRP C 55 2.70 -28.48 -7.88
C TRP C 55 3.73 -29.03 -6.88
N LEU C 56 3.78 -28.49 -5.67
CA LEU C 56 4.73 -28.93 -4.65
C LEU C 56 4.69 -30.42 -4.36
N LYS C 57 3.50 -31.03 -4.36
CA LYS C 57 3.37 -32.48 -4.21
C LYS C 57 4.24 -33.24 -5.22
N SER C 58 4.37 -32.69 -6.42
CA SER C 58 5.21 -33.31 -7.44
C SER C 58 6.69 -33.02 -7.21
N TRP C 59 7.02 -31.77 -6.94
CA TRP C 59 8.43 -31.38 -6.77
C TRP C 59 9.09 -32.11 -5.61
N ALA C 60 8.37 -32.19 -4.49
CA ALA C 60 8.87 -32.82 -3.26
C ALA C 60 8.50 -34.31 -3.16
N LYS C 61 8.01 -34.90 -4.27
CA LYS C 61 7.71 -36.34 -4.37
C LYS C 61 6.92 -36.88 -3.15
N VAL C 62 5.87 -36.13 -2.78
CA VAL C 62 5.05 -36.41 -1.61
C VAL C 62 3.92 -37.38 -1.98
N PRO C 63 3.76 -38.47 -1.22
CA PRO C 63 2.65 -39.41 -1.52
C PRO C 63 1.27 -38.82 -1.19
N ALA C 64 0.25 -39.28 -1.91
CA ALA C 64 -1.12 -38.78 -1.76
C ALA C 64 -1.59 -38.77 -0.30
N ASP C 65 -1.56 -39.95 0.36
CA ASP C 65 -1.95 -40.10 1.76
C ASP C 65 -1.36 -39.00 2.62
N GLU C 66 -0.06 -38.79 2.50
CA GLU C 66 0.64 -37.77 3.30
C GLU C 66 0.29 -36.32 2.88
N TRP C 67 0.15 -36.08 1.57
CA TRP C 67 -0.25 -34.76 1.05
C TRP C 67 -1.65 -34.36 1.54
N LEU C 68 -2.60 -35.29 1.43
CA LEU C 68 -4.00 -35.02 1.81
C LEU C 68 -4.19 -34.88 3.32
N LYS C 69 -3.24 -35.39 4.12
CA LYS C 69 -3.21 -35.12 5.57
C LYS C 69 -3.11 -33.62 5.90
N LEU C 70 -2.78 -32.78 4.92
CA LEU C 70 -2.83 -31.32 5.12
C LEU C 70 -4.24 -30.80 5.45
N MET C 71 -5.26 -31.55 5.02
CA MET C 71 -6.66 -31.31 5.42
C MET C 71 -6.83 -31.06 6.92
N ASP C 72 -6.02 -31.73 7.75
CA ASP C 72 -6.07 -31.55 9.20
C ASP C 72 -5.64 -30.15 9.66
N GLN C 73 -4.88 -29.41 8.83
CA GLN C 73 -4.51 -28.02 9.13
C GLN C 73 -5.32 -26.98 8.37
N TRP C 74 -6.30 -27.42 7.59
CA TRP C 74 -7.12 -26.51 6.79
C TRP C 74 -8.13 -25.82 7.70
N ASN C 75 -7.78 -24.61 8.11
CA ASN C 75 -8.60 -23.82 9.00
C ASN C 75 -8.40 -22.31 8.74
N PRO C 76 -8.88 -21.83 7.56
CA PRO C 76 -8.71 -20.44 7.18
C PRO C 76 -9.58 -19.48 8.02
N THR C 77 -9.06 -19.13 9.19
CA THR C 77 -9.78 -18.31 10.18
C THR C 77 -10.15 -16.93 9.67
N LYS C 78 -9.26 -16.30 8.90
CA LYS C 78 -9.51 -14.95 8.36
C LYS C 78 -10.35 -14.93 7.07
N PHE C 79 -10.77 -16.09 6.57
CA PHE C 79 -11.63 -16.14 5.37
C PHE C 79 -12.95 -15.42 5.56
N ASP C 80 -13.27 -14.51 4.63
CA ASP C 80 -14.55 -13.80 4.63
C ASP C 80 -14.96 -13.56 3.19
N ALA C 81 -15.94 -14.33 2.73
CA ALA C 81 -16.35 -14.28 1.33
C ALA C 81 -16.77 -12.87 0.88
N LYS C 82 -17.34 -12.10 1.79
CA LYS C 82 -17.80 -10.74 1.47
C LYS C 82 -16.64 -9.81 1.21
N LYS C 83 -15.55 -10.00 1.93
CA LYS C 83 -14.32 -9.21 1.71
C LYS C 83 -13.68 -9.51 0.37
N TRP C 84 -13.57 -10.79 0.05
CA TRP C 84 -13.07 -11.26 -1.23
C TRP C 84 -13.84 -10.63 -2.37
N ALA C 85 -15.17 -10.60 -2.23
CA ALA C 85 -16.02 -10.06 -3.28
C ALA C 85 -15.89 -8.54 -3.44
N LYS C 86 -15.68 -7.85 -2.33
CA LYS C 86 -15.51 -6.42 -2.34
C LYS C 86 -14.17 -6.11 -2.96
N MET C 87 -13.15 -6.90 -2.65
CA MET C 87 -11.84 -6.76 -3.28
C MET C 87 -11.92 -6.89 -4.82
N ALA C 88 -12.66 -7.88 -5.30
CA ALA C 88 -12.90 -8.05 -6.73
C ALA C 88 -13.68 -6.90 -7.37
N LYS C 89 -14.72 -6.40 -6.68
CA LYS C 89 -15.50 -5.22 -7.17
C LYS C 89 -14.62 -3.96 -7.30
N GLU C 90 -13.77 -3.73 -6.29
CA GLU C 90 -12.87 -2.58 -6.23
C GLU C 90 -11.81 -2.67 -7.35
N MET C 91 -11.35 -3.88 -7.67
CA MET C 91 -10.39 -4.08 -8.75
C MET C 91 -10.97 -3.79 -10.17
N GLY C 92 -12.29 -3.89 -10.33
CA GLY C 92 -12.92 -3.71 -11.61
C GLY C 92 -13.14 -5.00 -12.38
N THR C 93 -13.06 -6.15 -11.72
CA THR C 93 -13.31 -7.42 -12.37
C THR C 93 -14.82 -7.65 -12.48
N LYS C 94 -15.24 -8.16 -13.63
CA LYS C 94 -16.63 -8.50 -13.87
C LYS C 94 -16.92 -9.98 -13.63
N TYR C 95 -15.87 -10.79 -13.53
CA TYR C 95 -16.00 -12.21 -13.22
C TYR C 95 -14.82 -12.73 -12.50
N VAL C 96 -15.01 -13.92 -11.93
CA VAL C 96 -14.00 -14.63 -11.16
C VAL C 96 -14.05 -16.10 -11.49
N LYS C 97 -12.86 -16.67 -11.75
CA LYS C 97 -12.70 -18.11 -12.00
C LYS C 97 -12.11 -18.71 -10.75
N ILE C 98 -12.74 -19.76 -10.21
CA ILE C 98 -12.34 -20.34 -8.94
C ILE C 98 -11.90 -21.77 -9.13
N THR C 99 -10.80 -22.14 -8.53
CA THR C 99 -10.40 -23.55 -8.47
C THR C 99 -11.34 -24.35 -7.57
N THR C 100 -12.31 -25.03 -8.18
CA THR C 100 -13.19 -25.92 -7.43
C THR C 100 -12.40 -27.11 -6.90
N LYS C 101 -11.50 -27.60 -7.74
CA LYS C 101 -10.63 -28.74 -7.42
C LYS C 101 -9.38 -28.65 -8.31
N HIS C 102 -8.20 -28.63 -7.72
CA HIS C 102 -6.95 -28.63 -8.52
C HIS C 102 -6.48 -30.06 -8.68
N HIS C 103 -5.29 -30.26 -9.22
CA HIS C 103 -4.71 -31.60 -9.42
C HIS C 103 -4.66 -32.45 -8.16
N GLU C 104 -4.37 -31.82 -7.03
CA GLU C 104 -4.27 -32.50 -5.73
C GLU C 104 -5.53 -33.28 -5.31
N GLY C 105 -6.69 -32.89 -5.86
CA GLY C 105 -7.93 -33.62 -5.64
C GLY C 105 -8.84 -33.06 -4.54
N PHE C 106 -8.31 -32.16 -3.71
CA PHE C 106 -9.08 -31.51 -2.66
C PHE C 106 -10.19 -30.60 -3.21
N CYS C 107 -11.43 -30.88 -2.82
CA CYS C 107 -12.57 -30.13 -3.30
C CYS C 107 -12.95 -28.98 -2.36
N LEU C 108 -13.21 -27.79 -2.91
CA LEU C 108 -13.65 -26.65 -2.11
C LEU C 108 -15.17 -26.60 -1.86
N TRP C 109 -15.87 -27.64 -2.31
CA TRP C 109 -17.26 -27.85 -2.00
C TRP C 109 -17.37 -29.23 -1.38
N PRO C 110 -18.43 -29.49 -0.59
CA PRO C 110 -18.54 -30.78 0.10
C PRO C 110 -19.11 -31.83 -0.85
N SER C 111 -18.26 -32.33 -1.72
CA SER C 111 -18.66 -33.35 -2.66
C SER C 111 -19.09 -34.59 -1.90
N LYS C 112 -20.08 -35.26 -2.46
CA LYS C 112 -20.54 -36.51 -1.87
C LYS C 112 -19.76 -37.69 -2.48
N TYR C 113 -18.98 -37.44 -3.54
CA TYR C 113 -18.28 -38.53 -4.24
C TYR C 113 -16.82 -38.78 -3.83
N THR C 114 -16.34 -38.08 -2.80
CA THR C 114 -15.00 -38.34 -2.24
C THR C 114 -14.95 -37.78 -0.80
N LYS C 115 -14.03 -38.28 0.00
CA LYS C 115 -13.83 -37.75 1.35
C LYS C 115 -12.85 -36.59 1.39
N TYR C 116 -12.18 -36.29 0.27
CA TYR C 116 -11.17 -35.22 0.25
C TYR C 116 -11.83 -33.89 -0.09
N THR C 117 -12.58 -33.38 0.87
CA THR C 117 -13.31 -32.13 0.73
C THR C 117 -13.23 -31.25 1.98
N VAL C 118 -13.58 -29.98 1.80
CA VAL C 118 -13.74 -29.04 2.90
C VAL C 118 -14.54 -29.55 4.11
N ALA C 119 -15.52 -30.42 3.88
CA ALA C 119 -16.37 -31.00 4.95
C ALA C 119 -15.58 -31.77 6.00
N ASN C 120 -14.56 -32.51 5.55
CA ASN C 120 -13.70 -33.26 6.47
C ASN C 120 -12.45 -32.49 6.83
N THR C 121 -12.61 -31.22 7.12
CA THR C 121 -11.55 -30.40 7.65
C THR C 121 -12.07 -29.75 8.92
N PRO C 122 -11.18 -29.25 9.78
CA PRO C 122 -11.65 -28.42 10.90
C PRO C 122 -12.66 -27.30 10.50
N TYR C 123 -12.45 -26.69 9.34
CA TYR C 123 -13.24 -25.57 8.91
C TYR C 123 -14.65 -25.99 8.49
N LYS C 124 -14.81 -27.18 7.92
CA LYS C 124 -16.14 -27.77 7.58
C LYS C 124 -16.98 -27.10 6.48
N ARG C 125 -16.86 -25.79 6.35
CA ARG C 125 -17.79 -25.00 5.57
C ARG C 125 -17.64 -25.12 4.04
N ASP C 126 -18.75 -24.91 3.34
CA ASP C 126 -18.82 -24.92 1.89
C ASP C 126 -18.27 -23.62 1.33
N ILE C 127 -16.94 -23.54 1.25
CA ILE C 127 -16.23 -22.33 0.78
C ILE C 127 -16.68 -21.89 -0.58
N LEU C 128 -16.77 -22.86 -1.48
CA LEU C 128 -17.20 -22.56 -2.82
C LEU C 128 -18.59 -21.95 -2.84
N GLY C 129 -19.51 -22.50 -2.06
CA GLY C 129 -20.88 -21.95 -1.95
C GLY C 129 -20.92 -20.53 -1.40
N GLU C 130 -20.10 -20.27 -0.39
CA GLU C 130 -19.98 -18.92 0.18
C GLU C 130 -19.44 -17.91 -0.84
N LEU C 131 -18.44 -18.33 -1.62
CA LEU C 131 -17.91 -17.47 -2.66
C LEU C 131 -18.92 -17.19 -3.77
N VAL C 132 -19.60 -18.22 -4.25
CA VAL C 132 -20.62 -18.04 -5.29
C VAL C 132 -21.65 -16.99 -4.91
N LYS C 133 -22.16 -17.11 -3.69
CA LYS C 133 -23.15 -16.15 -3.17
C LYS C 133 -22.55 -14.74 -3.06
N ALA C 134 -21.38 -14.62 -2.42
CA ALA C 134 -20.79 -13.31 -2.17
C ALA C 134 -20.45 -12.58 -3.48
N TYR C 135 -19.88 -13.32 -4.45
CA TYR C 135 -19.56 -12.72 -5.75
C TYR C 135 -20.83 -12.33 -6.50
N ASN C 136 -21.78 -13.26 -6.57
CA ASN C 136 -23.08 -12.97 -7.21
C ASN C 136 -23.80 -11.76 -6.59
N ASP C 137 -23.75 -11.61 -5.27
CA ASP C 137 -24.29 -10.40 -4.59
C ASP C 137 -23.64 -9.07 -5.01
N GLU C 138 -22.39 -9.10 -5.45
CA GLU C 138 -21.73 -7.90 -5.99
C GLU C 138 -21.92 -7.75 -7.49
N GLY C 139 -22.71 -8.62 -8.14
CA GLY C 139 -22.96 -8.53 -9.58
C GLY C 139 -21.81 -9.07 -10.42
N ILE C 140 -21.06 -10.00 -9.84
CA ILE C 140 -19.90 -10.59 -10.45
C ILE C 140 -20.20 -12.05 -10.80
N ASP C 141 -20.10 -12.38 -12.09
CA ASP C 141 -20.24 -13.76 -12.57
C ASP C 141 -19.17 -14.67 -11.97
N VAL C 142 -19.54 -15.94 -11.76
CA VAL C 142 -18.61 -16.95 -11.31
C VAL C 142 -18.43 -18.07 -12.34
N HIS C 143 -17.17 -18.43 -12.58
CA HIS C 143 -16.74 -19.50 -13.49
C HIS C 143 -16.01 -20.50 -12.65
N PHE C 144 -16.11 -21.77 -13.04
CA PHE C 144 -15.48 -22.86 -12.29
C PHE C 144 -14.28 -23.45 -13.04
N TYR C 145 -13.12 -23.38 -12.40
CA TYR C 145 -11.95 -24.16 -12.83
C TYR C 145 -12.14 -25.54 -12.28
N PHE C 146 -11.86 -26.54 -13.12
CA PHE C 146 -11.94 -27.95 -12.75
C PHE C 146 -10.79 -28.72 -13.38
N SER C 147 -10.01 -29.41 -12.55
CA SER C 147 -8.94 -30.24 -13.04
C SER C 147 -9.40 -31.67 -13.19
N VAL C 148 -9.34 -32.19 -14.42
CA VAL C 148 -9.69 -33.56 -14.66
C VAL C 148 -8.69 -34.47 -13.96
N MET C 149 -7.40 -34.27 -14.24
CA MET C 149 -6.32 -35.05 -13.60
C MET C 149 -6.47 -34.88 -12.10
N ASP C 150 -6.46 -36.00 -11.37
CA ASP C 150 -6.80 -36.05 -9.95
C ASP C 150 -5.86 -37.00 -9.24
N TRP C 151 -4.89 -36.42 -8.53
CA TRP C 151 -3.84 -37.18 -7.81
C TRP C 151 -4.35 -37.89 -6.55
N SER C 152 -5.61 -37.63 -6.16
CA SER C 152 -6.19 -38.18 -4.94
C SER C 152 -6.95 -39.46 -5.18
N ASN C 153 -7.41 -39.65 -6.42
CA ASN C 153 -8.22 -40.80 -6.74
C ASN C 153 -7.33 -41.84 -7.36
N PRO C 154 -7.22 -43.01 -6.70
CA PRO C 154 -6.32 -44.07 -7.23
C PRO C 154 -6.80 -44.74 -8.53
N ASP C 155 -8.03 -44.47 -8.96
CA ASP C 155 -8.50 -44.89 -10.29
C ASP C 155 -8.01 -44.02 -11.45
N TYR C 156 -7.36 -42.90 -11.16
CA TYR C 156 -6.82 -42.07 -12.23
C TYR C 156 -5.69 -42.83 -12.96
N ARG C 157 -5.63 -42.65 -14.28
CA ARG C 157 -4.58 -43.23 -15.11
C ARG C 157 -3.98 -42.19 -16.09
N TYR C 158 -2.65 -42.18 -16.17
CA TYR C 158 -1.89 -41.33 -17.11
C TYR C 158 -1.95 -41.88 -18.53
N ASP C 159 -1.95 -43.19 -18.65
CA ASP C 159 -2.20 -43.86 -19.92
C ASP C 159 -2.98 -45.18 -19.69
N ILE C 160 -3.65 -45.65 -20.75
CA ILE C 160 -4.29 -46.96 -20.77
C ILE C 160 -3.35 -47.98 -21.44
N LYS C 161 -2.61 -48.74 -20.63
CA LYS C 161 -1.69 -49.76 -21.12
C LYS C 161 -2.20 -51.24 -20.92
N SER C 162 -3.24 -51.43 -20.08
CA SER C 162 -3.85 -52.77 -19.78
C SER C 162 -5.40 -52.76 -19.69
N LYS C 163 -6.01 -53.93 -19.52
CA LYS C 163 -7.47 -54.07 -19.30
C LYS C 163 -7.87 -53.58 -17.88
N GLU C 164 -6.99 -53.77 -16.90
CA GLU C 164 -7.16 -53.27 -15.49
C GLU C 164 -7.16 -51.72 -15.46
N ASP C 165 -6.22 -51.12 -16.19
CA ASP C 165 -6.19 -49.66 -16.42
C ASP C 165 -7.54 -49.17 -16.99
N SER C 166 -8.01 -49.82 -18.04
CA SER C 166 -9.25 -49.42 -18.69
CA SER C 166 -9.25 -49.42 -18.69
C SER C 166 -10.47 -49.49 -17.76
N ILE C 167 -10.51 -50.53 -16.90
CA ILE C 167 -11.59 -50.71 -15.89
C ILE C 167 -11.61 -49.56 -14.88
N ALA C 168 -10.44 -49.32 -14.31
CA ALA C 168 -10.20 -48.24 -13.35
C ALA C 168 -10.52 -46.86 -13.92
N PHE C 169 -10.01 -46.58 -15.12
CA PHE C 169 -10.24 -45.28 -15.77
C PHE C 169 -11.70 -45.06 -16.14
N SER C 170 -12.44 -46.13 -16.48
CA SER C 170 -13.87 -45.94 -16.85
C SER C 170 -14.63 -45.55 -15.63
N ARG C 171 -14.26 -46.11 -14.49
CA ARG C 171 -14.82 -45.69 -13.20
C ARG C 171 -14.46 -44.25 -12.83
N PHE C 172 -13.22 -43.85 -13.10
CA PHE C 172 -12.77 -42.46 -12.90
C PHE C 172 -13.57 -41.41 -13.72
N LEU C 173 -13.82 -41.69 -14.99
CA LEU C 173 -14.68 -40.83 -15.81
C LEU C 173 -16.12 -40.71 -15.30
N GLU C 174 -16.63 -41.77 -14.66
CA GLU C 174 -17.97 -41.73 -14.06
C GLU C 174 -17.96 -40.84 -12.83
N PHE C 175 -16.94 -41.03 -12.00
CA PHE C 175 -16.66 -40.16 -10.86
C PHE C 175 -16.54 -38.70 -11.27
N THR C 176 -15.86 -38.46 -12.38
CA THR C 176 -15.68 -37.08 -12.85
C THR C 176 -16.98 -36.49 -13.31
N ASP C 177 -17.71 -37.27 -14.11
CA ASP C 177 -19.05 -36.88 -14.54
C ASP C 177 -19.95 -36.55 -13.35
N ASN C 178 -19.85 -37.35 -12.29
CA ASN C 178 -20.65 -37.17 -11.09
C ASN C 178 -20.36 -35.87 -10.36
N GLN C 179 -19.07 -35.59 -10.18
CA GLN C 179 -18.67 -34.27 -9.64
C GLN C 179 -19.12 -33.09 -10.51
N LEU C 180 -18.99 -33.20 -11.82
CA LEU C 180 -19.43 -32.12 -12.70
C LEU C 180 -20.95 -31.86 -12.61
N LYS C 181 -21.74 -32.94 -12.64
CA LYS C 181 -23.18 -32.85 -12.45
C LYS C 181 -23.51 -32.22 -11.09
N GLU C 182 -22.80 -32.64 -10.06
CA GLU C 182 -23.00 -32.10 -8.71
C GLU C 182 -22.75 -30.60 -8.63
N LEU C 183 -21.66 -30.14 -9.24
CA LEU C 183 -21.38 -28.69 -9.29
C LEU C 183 -22.43 -27.88 -10.03
N ALA C 184 -22.84 -28.37 -11.19
CA ALA C 184 -23.81 -27.68 -12.04
C ALA C 184 -25.19 -27.54 -11.41
N THR C 185 -25.55 -28.47 -10.51
CA THR C 185 -26.88 -28.50 -9.89
C THR C 185 -26.83 -27.85 -8.52
N ARG C 186 -25.77 -28.06 -7.74
CA ARG C 186 -25.58 -27.30 -6.49
C ARG C 186 -25.43 -25.78 -6.69
N TYR C 187 -24.82 -25.35 -7.80
CA TYR C 187 -24.46 -23.94 -8.00
C TYR C 187 -24.90 -23.46 -9.39
N PRO C 188 -26.22 -23.36 -9.61
CA PRO C 188 -26.74 -23.18 -10.97
C PRO C 188 -26.48 -21.80 -11.59
N THR C 189 -26.00 -20.84 -10.80
CA THR C 189 -25.62 -19.52 -11.36
C THR C 189 -24.26 -19.54 -12.13
N VAL C 190 -23.51 -20.64 -12.04
CA VAL C 190 -22.26 -20.80 -12.79
C VAL C 190 -22.38 -20.46 -14.30
N LYS C 191 -21.44 -19.67 -14.81
CA LYS C 191 -21.49 -19.24 -16.22
C LYS C 191 -20.50 -19.91 -17.15
N ASP C 192 -19.55 -20.65 -16.59
CA ASP C 192 -18.44 -21.20 -17.37
C ASP C 192 -17.79 -22.35 -16.60
N PHE C 193 -17.33 -23.37 -17.32
CA PHE C 193 -16.46 -24.38 -16.79
C PHE C 193 -15.15 -24.36 -17.55
N TRP C 194 -14.07 -24.21 -16.82
CA TRP C 194 -12.73 -24.06 -17.41
C TRP C 194 -11.92 -25.28 -17.03
N PHE C 195 -11.77 -26.20 -17.97
CA PHE C 195 -11.04 -27.43 -17.72
C PHE C 195 -9.52 -27.32 -17.86
N ASP C 196 -8.82 -28.10 -17.05
CA ASP C 196 -7.38 -28.17 -17.01
C ASP C 196 -7.01 -29.62 -16.71
N GLY C 197 -5.73 -29.94 -16.84
CA GLY C 197 -5.28 -31.29 -16.54
C GLY C 197 -5.87 -32.30 -17.49
N THR C 198 -6.03 -31.92 -18.76
CA THR C 198 -6.60 -32.78 -19.81
C THR C 198 -5.59 -33.22 -20.87
N TRP C 199 -4.29 -33.15 -20.55
CA TRP C 199 -3.21 -33.37 -21.56
C TRP C 199 -2.73 -34.83 -21.62
N ASP C 200 -2.98 -35.62 -20.57
CA ASP C 200 -2.50 -37.02 -20.47
C ASP C 200 -3.10 -37.92 -21.53
N ALA C 201 -2.33 -38.93 -21.92
CA ALA C 201 -2.71 -39.85 -23.00
C ALA C 201 -4.10 -40.50 -22.77
N SER C 202 -4.41 -40.80 -21.51
CA SER C 202 -5.70 -41.40 -21.12
C SER C 202 -6.86 -40.56 -21.65
N VAL C 203 -6.75 -39.25 -21.50
CA VAL C 203 -7.80 -38.30 -21.98
C VAL C 203 -7.77 -38.12 -23.50
N LYS C 204 -6.58 -37.97 -24.10
CA LYS C 204 -6.43 -37.89 -25.56
C LYS C 204 -7.06 -39.09 -26.28
N LYS C 205 -6.89 -40.27 -25.68
CA LYS C 205 -7.49 -41.50 -26.20
C LYS C 205 -9.03 -41.59 -26.03
N ASN C 206 -9.62 -40.72 -25.21
CA ASN C 206 -11.05 -40.76 -24.89
C ASN C 206 -11.75 -39.46 -25.30
N GLY C 207 -11.49 -39.00 -26.53
CA GLY C 207 -12.08 -37.77 -27.07
C GLY C 207 -13.57 -37.73 -26.86
N TRP C 208 -14.21 -38.86 -27.11
CA TRP C 208 -15.67 -39.03 -26.99
C TRP C 208 -16.19 -38.46 -25.66
N TRP C 209 -15.43 -38.70 -24.57
CA TRP C 209 -15.82 -38.27 -23.23
C TRP C 209 -15.79 -36.77 -23.08
N THR C 210 -14.76 -36.15 -23.68
CA THR C 210 -14.62 -34.68 -23.63
C THR C 210 -15.80 -34.01 -24.31
N ALA C 211 -16.20 -34.52 -25.46
CA ALA C 211 -17.39 -34.00 -26.19
C ALA C 211 -18.71 -34.24 -25.45
N HIS C 212 -18.75 -35.34 -24.69
CA HIS C 212 -19.91 -35.71 -23.86
C HIS C 212 -20.05 -34.79 -22.64
N ALA C 213 -18.92 -34.50 -22.00
CA ALA C 213 -18.91 -33.58 -20.86
C ALA C 213 -19.38 -32.19 -21.28
N GLU C 214 -18.93 -31.74 -22.45
CA GLU C 214 -19.36 -30.42 -22.99
C GLU C 214 -20.86 -30.40 -23.15
N GLN C 215 -21.36 -31.39 -23.87
CA GLN C 215 -22.80 -31.55 -24.12
C GLN C 215 -23.63 -31.72 -22.83
N MET C 216 -23.16 -32.56 -21.93
CA MET C 216 -23.86 -32.80 -20.67
C MET C 216 -24.04 -31.51 -19.88
N LEU C 217 -22.98 -30.71 -19.79
CA LEU C 217 -23.03 -29.48 -19.01
C LEU C 217 -23.91 -28.41 -19.63
N LYS C 218 -23.91 -28.35 -20.97
CA LYS C 218 -24.78 -27.41 -21.69
C LYS C 218 -26.29 -27.70 -21.54
N GLU C 219 -26.64 -28.97 -21.44
CA GLU C 219 -28.01 -29.38 -21.08
C GLU C 219 -28.40 -29.01 -19.65
N LEU C 220 -27.47 -29.12 -18.72
CA LEU C 220 -27.74 -28.79 -17.31
C LEU C 220 -27.74 -27.31 -16.97
N VAL C 221 -26.99 -26.51 -17.73
CA VAL C 221 -26.84 -25.07 -17.41
C VAL C 221 -27.02 -24.25 -18.69
N PRO C 222 -28.23 -23.66 -18.87
CA PRO C 222 -28.49 -22.91 -20.09
C PRO C 222 -27.46 -21.80 -20.34
N GLY C 223 -26.85 -21.82 -21.53
CA GLY C 223 -25.90 -20.76 -21.94
C GLY C 223 -24.51 -20.81 -21.32
N VAL C 224 -24.15 -21.93 -20.70
CA VAL C 224 -22.86 -22.07 -20.06
C VAL C 224 -21.78 -22.09 -21.13
N ALA C 225 -20.58 -21.63 -20.77
CA ALA C 225 -19.41 -21.63 -21.68
C ALA C 225 -18.44 -22.68 -21.23
N ILE C 226 -17.70 -23.21 -22.18
CA ILE C 226 -16.80 -24.34 -21.96
C ILE C 226 -15.55 -24.06 -22.76
N ASN C 227 -14.39 -24.17 -22.12
CA ASN C 227 -13.11 -23.85 -22.79
C ASN C 227 -12.61 -24.93 -23.74
N SER C 228 -11.84 -24.49 -24.72
CA SER C 228 -11.20 -25.37 -25.68
C SER C 228 -10.32 -26.43 -25.03
N ARG C 229 -9.74 -26.13 -23.87
CA ARG C 229 -8.77 -27.03 -23.23
C ARG C 229 -9.34 -28.38 -22.79
N LEU C 230 -10.65 -28.41 -22.53
CA LEU C 230 -11.35 -29.66 -22.28
C LEU C 230 -11.17 -30.67 -23.42
N ARG C 231 -11.28 -30.16 -24.64
CA ARG C 231 -11.69 -30.99 -25.77
C ARG C 231 -10.54 -31.66 -26.54
N ALA C 232 -10.72 -32.95 -26.79
CA ALA C 232 -9.94 -33.74 -27.77
C ALA C 232 -10.91 -34.31 -28.79
N ASP C 233 -10.44 -34.54 -30.01
CA ASP C 233 -11.30 -35.13 -31.04
C ASP C 233 -11.07 -36.67 -31.15
N ASP C 234 -11.68 -37.26 -32.17
CA ASP C 234 -11.59 -38.72 -32.45
C ASP C 234 -10.13 -39.20 -32.50
N LYS C 235 -9.26 -38.35 -33.04
CA LYS C 235 -7.84 -38.68 -33.29
C LYS C 235 -6.89 -38.21 -32.19
N GLY C 236 -7.42 -37.60 -31.14
CA GLY C 236 -6.63 -37.13 -29.99
C GLY C 236 -5.99 -35.75 -30.13
N LYS C 237 -6.42 -34.96 -31.14
CA LYS C 237 -5.93 -33.58 -31.34
C LYS C 237 -6.73 -32.64 -30.41
N ARG C 238 -6.00 -31.84 -29.64
CA ARG C 238 -6.57 -31.00 -28.58
C ARG C 238 -6.82 -29.55 -29.01
N HIS C 239 -7.80 -28.89 -28.38
CA HIS C 239 -8.21 -27.46 -28.69
C HIS C 239 -8.92 -27.24 -30.04
N PHE C 240 -8.17 -27.43 -31.11
CA PHE C 240 -8.70 -27.37 -32.46
C PHE C 240 -8.68 -28.78 -32.98
N ASP C 241 -9.78 -29.19 -33.61
CA ASP C 241 -9.90 -30.55 -34.14
C ASP C 241 -9.02 -30.75 -35.38
N SER C 242 -9.08 -31.96 -35.94
CA SER C 242 -8.21 -32.37 -37.06
C SER C 242 -8.49 -31.63 -38.38
N ASN C 243 -9.63 -30.94 -38.48
CA ASN C 243 -9.91 -30.00 -39.59
C ASN C 243 -9.59 -28.54 -39.27
N GLY C 244 -8.82 -28.32 -38.20
CA GLY C 244 -8.50 -26.96 -37.72
C GLY C 244 -9.67 -26.10 -37.22
N ARG C 245 -10.78 -26.72 -36.78
CA ARG C 245 -11.93 -25.99 -36.21
C ARG C 245 -11.88 -25.99 -34.67
N LEU C 246 -12.21 -24.84 -34.08
CA LEU C 246 -12.12 -24.66 -32.61
C LEU C 246 -13.20 -25.45 -31.89
N MET C 247 -12.79 -26.31 -30.94
CA MET C 247 -13.75 -27.04 -30.07
C MET C 247 -14.02 -26.24 -28.82
N GLY C 248 -15.18 -26.46 -28.25
CA GLY C 248 -15.64 -25.62 -27.14
C GLY C 248 -15.98 -24.23 -27.63
N ASP C 249 -16.29 -23.34 -26.68
CA ASP C 249 -16.82 -22.02 -27.00
C ASP C 249 -15.79 -20.91 -27.16
N TYR C 250 -14.60 -21.13 -26.64
CA TYR C 250 -13.55 -20.12 -26.69
C TYR C 250 -12.19 -20.76 -26.54
N GLU C 251 -11.20 -20.12 -27.13
CA GLU C 251 -9.85 -20.61 -27.13
C GLU C 251 -9.21 -20.20 -25.81
N SER C 252 -8.51 -21.15 -25.18
CA SER C 252 -7.95 -21.01 -23.82
C SER C 252 -6.54 -21.55 -23.71
N GLY C 253 -5.70 -21.27 -24.69
CA GLY C 253 -4.30 -21.67 -24.67
C GLY C 253 -3.28 -20.59 -24.29
N TYR C 254 -3.69 -19.31 -24.20
CA TYR C 254 -2.76 -18.21 -23.95
C TYR C 254 -2.65 -18.04 -22.46
N GLU C 255 -1.69 -18.78 -21.90
CA GLU C 255 -1.47 -18.89 -20.47
C GLU C 255 -0.07 -18.31 -20.25
N ARG C 256 0.01 -17.14 -19.61
CA ARG C 256 1.28 -16.44 -19.41
C ARG C 256 2.04 -16.01 -20.70
N ARG C 257 1.32 -15.91 -21.81
CA ARG C 257 1.82 -15.28 -23.05
C ARG C 257 0.58 -14.79 -23.85
N LEU C 258 0.83 -13.96 -24.87
CA LEU C 258 -0.26 -13.28 -25.60
C LEU C 258 0.00 -13.28 -27.11
N PRO C 259 -1.06 -13.25 -27.92
CA PRO C 259 -0.82 -13.24 -29.35
C PRO C 259 -0.12 -11.94 -29.81
N ASP C 260 0.68 -12.06 -30.85
CA ASP C 260 1.42 -10.94 -31.36
C ASP C 260 0.46 -10.00 -32.07
N PRO C 261 0.53 -8.69 -31.76
CA PRO C 261 -0.41 -7.69 -32.33
C PRO C 261 -0.33 -7.44 -33.83
N VAL C 262 0.76 -7.87 -34.45
CA VAL C 262 0.94 -7.79 -35.91
C VAL C 262 0.73 -9.13 -36.63
N LYS C 263 1.28 -10.22 -36.08
CA LYS C 263 1.34 -11.53 -36.77
C LYS C 263 0.23 -12.51 -36.44
N ASP C 264 -0.46 -12.35 -35.31
CA ASP C 264 -1.43 -13.32 -34.83
C ASP C 264 -2.84 -12.77 -34.87
N LEU C 265 -3.17 -12.04 -35.93
CA LEU C 265 -4.51 -11.49 -36.12
C LEU C 265 -5.60 -12.55 -36.41
N LYS C 266 -5.20 -13.76 -36.75
CA LYS C 266 -6.14 -14.88 -36.80
C LYS C 266 -7.03 -14.99 -35.53
N VAL C 267 -6.52 -14.62 -34.36
CA VAL C 267 -7.28 -14.82 -33.10
C VAL C 267 -8.55 -14.01 -33.01
N THR C 268 -8.67 -12.95 -33.82
CA THR C 268 -9.84 -12.08 -33.77
C THR C 268 -11.08 -12.76 -34.34
N GLN C 269 -10.88 -13.88 -35.04
CA GLN C 269 -11.96 -14.69 -35.64
C GLN C 269 -12.73 -15.55 -34.64
N TRP C 270 -12.20 -15.73 -33.44
CA TRP C 270 -12.88 -16.50 -32.39
C TRP C 270 -12.78 -15.84 -31.03
N ASP C 271 -13.68 -16.23 -30.15
CA ASP C 271 -13.60 -15.80 -28.76
C ASP C 271 -12.43 -16.50 -28.12
N TRP C 272 -11.73 -15.78 -27.26
CA TRP C 272 -10.62 -16.35 -26.51
C TRP C 272 -10.41 -15.65 -25.18
N GLU C 273 -9.72 -16.35 -24.28
CA GLU C 273 -9.43 -15.83 -22.97
C GLU C 273 -8.02 -16.20 -22.59
N ALA C 274 -7.29 -15.20 -22.14
CA ALA C 274 -5.97 -15.42 -21.61
C ALA C 274 -5.99 -15.35 -20.09
N CYS C 275 -5.04 -16.01 -19.47
CA CYS C 275 -4.80 -15.86 -18.05
C CYS C 275 -3.33 -15.62 -17.80
N MET C 276 -3.06 -15.02 -16.65
CA MET C 276 -1.70 -14.62 -16.29
C MET C 276 -1.48 -14.64 -14.78
N THR C 277 -0.23 -14.77 -14.42
CA THR C 277 0.24 -14.67 -13.06
C THR C 277 0.96 -13.33 -12.86
N ILE C 278 1.04 -12.90 -11.61
CA ILE C 278 1.74 -11.72 -11.25
C ILE C 278 3.28 -11.96 -11.23
N PRO C 279 3.77 -12.97 -10.48
CA PRO C 279 5.14 -13.43 -10.67
C PRO C 279 5.25 -14.24 -11.95
N GLU C 280 6.43 -14.73 -12.24
CA GLU C 280 6.63 -15.38 -13.52
C GLU C 280 5.78 -16.63 -13.66
N ASN C 281 5.83 -17.51 -12.64
CA ASN C 281 5.11 -18.76 -12.65
C ASN C 281 4.71 -19.32 -11.27
N GLN C 282 3.79 -18.61 -10.61
CA GLN C 282 3.17 -19.06 -9.39
C GLN C 282 1.65 -18.81 -9.46
N TRP C 283 0.86 -19.88 -9.36
CA TRP C 283 -0.60 -19.72 -9.32
C TRP C 283 -1.12 -19.84 -7.89
N GLY C 284 -0.84 -20.97 -7.23
CA GLY C 284 -1.07 -21.09 -5.79
C GLY C 284 -0.10 -20.26 -4.96
N TYR C 285 -0.50 -19.98 -3.72
CA TYR C 285 0.32 -19.17 -2.78
C TYR C 285 1.69 -19.76 -2.60
N HIS C 286 2.71 -18.95 -2.84
CA HIS C 286 4.13 -19.33 -2.61
C HIS C 286 4.70 -18.25 -1.69
N LYS C 287 5.33 -18.68 -0.59
CA LYS C 287 5.71 -17.72 0.47
C LYS C 287 6.85 -16.75 0.09
N ASP C 288 7.67 -17.13 -0.88
CA ASP C 288 8.78 -16.31 -1.36
C ASP C 288 8.71 -15.83 -2.84
N TRP C 289 8.19 -14.63 -3.00
CA TRP C 289 8.09 -13.96 -4.32
C TRP C 289 9.38 -13.29 -4.80
N SER C 290 10.43 -13.30 -3.99
CA SER C 290 11.74 -12.81 -4.43
C SER C 290 12.47 -13.79 -5.37
N LEU C 291 11.88 -14.96 -5.68
CA LEU C 291 12.59 -15.96 -6.50
C LEU C 291 12.54 -15.75 -8.00
N SER C 292 11.59 -14.97 -8.48
CA SER C 292 11.39 -14.69 -9.92
C SER C 292 10.86 -13.26 -10.05
N TYR C 293 10.76 -12.77 -11.29
CA TYR C 293 10.33 -11.39 -11.52
C TYR C 293 8.83 -11.23 -11.24
N VAL C 294 8.47 -10.12 -10.59
CA VAL C 294 7.10 -9.77 -10.22
C VAL C 294 6.62 -8.55 -10.98
N LYS C 295 5.50 -8.68 -11.67
CA LYS C 295 5.05 -7.65 -12.59
C LYS C 295 4.53 -6.48 -11.83
N THR C 296 4.75 -5.28 -12.36
CA THR C 296 4.21 -4.03 -11.83
C THR C 296 2.80 -3.85 -12.38
N PRO C 297 1.98 -2.97 -11.74
CA PRO C 297 0.62 -2.77 -12.19
C PRO C 297 0.46 -2.29 -13.61
N ILE C 298 1.30 -1.37 -14.03
CA ILE C 298 1.27 -0.94 -15.42
C ILE C 298 1.60 -2.12 -16.39
N GLU C 299 2.55 -3.00 -16.02
CA GLU C 299 2.83 -4.16 -16.85
C GLU C 299 1.59 -5.05 -16.96
N VAL C 300 0.76 -5.08 -15.91
CA VAL C 300 -0.43 -5.95 -15.92
C VAL C 300 -1.51 -5.29 -16.77
N ILE C 301 -1.67 -3.99 -16.60
CA ILE C 301 -2.64 -3.20 -17.37
C ILE C 301 -2.35 -3.26 -18.89
N ASP C 302 -1.07 -3.13 -19.25
CA ASP C 302 -0.64 -3.37 -20.60
C ASP C 302 -1.18 -4.67 -21.20
N ARG C 303 -1.03 -5.76 -20.47
CA ARG C 303 -1.48 -7.06 -20.93
C ARG C 303 -3.01 -7.15 -21.04
N ILE C 304 -3.72 -6.54 -20.09
CA ILE C 304 -5.20 -6.51 -20.13
C ILE C 304 -5.68 -5.78 -21.37
N VAL C 305 -5.15 -4.58 -21.61
CA VAL C 305 -5.52 -3.83 -22.81
C VAL C 305 -5.10 -4.53 -24.11
N HIS C 306 -3.93 -5.16 -24.11
CA HIS C 306 -3.43 -5.95 -25.25
C HIS C 306 -4.46 -6.99 -25.63
N ALA C 307 -4.89 -7.78 -24.65
CA ALA C 307 -5.90 -8.80 -24.88
C ALA C 307 -7.17 -8.24 -25.50
N VAL C 308 -7.73 -7.22 -24.88
CA VAL C 308 -8.97 -6.63 -25.38
C VAL C 308 -8.73 -6.04 -26.79
N SER C 309 -7.55 -5.46 -27.06
CA SER C 309 -7.27 -4.90 -28.37
C SER C 309 -7.31 -5.94 -29.47
N MET C 310 -7.18 -7.22 -29.12
CA MET C 310 -7.20 -8.31 -30.09
C MET C 310 -8.39 -9.23 -29.91
N GLY C 311 -9.41 -8.73 -29.25
CA GLY C 311 -10.70 -9.41 -29.19
C GLY C 311 -10.79 -10.51 -28.15
N GLY C 312 -9.98 -10.43 -27.11
CA GLY C 312 -10.01 -11.46 -26.05
C GLY C 312 -10.14 -10.92 -24.63
N ASN C 313 -10.36 -11.84 -23.70
CA ASN C 313 -10.51 -11.53 -22.28
C ASN C 313 -9.20 -11.77 -21.59
N MET C 314 -9.02 -11.15 -20.45
CA MET C 314 -7.83 -11.34 -19.63
C MET C 314 -8.20 -11.60 -18.18
N VAL C 315 -7.59 -12.62 -17.60
CA VAL C 315 -7.88 -13.04 -16.24
C VAL C 315 -6.58 -12.99 -15.45
N VAL C 316 -6.59 -12.21 -14.37
CA VAL C 316 -5.43 -12.01 -13.52
C VAL C 316 -5.54 -12.92 -12.31
N ASN C 317 -4.48 -13.67 -12.04
CA ASN C 317 -4.49 -14.64 -10.95
C ASN C 317 -4.08 -14.10 -9.57
N PHE C 318 -4.74 -14.67 -8.54
CA PHE C 318 -4.47 -14.45 -7.13
C PHE C 318 -4.39 -15.81 -6.44
N GLY C 319 -3.39 -15.96 -5.57
CA GLY C 319 -3.20 -17.19 -4.77
C GLY C 319 -3.34 -16.89 -3.29
N PRO C 320 -4.57 -16.97 -2.76
CA PRO C 320 -4.80 -16.59 -1.37
C PRO C 320 -3.95 -17.38 -0.39
N GLN C 321 -3.63 -16.74 0.74
CA GLN C 321 -2.91 -17.40 1.84
C GLN C 321 -3.75 -18.47 2.51
N ALA C 322 -3.07 -19.35 3.23
CA ALA C 322 -3.72 -20.44 3.98
C ALA C 322 -4.78 -19.92 4.98
N ASP C 323 -4.52 -18.78 5.60
CA ASP C 323 -5.46 -18.20 6.56
C ASP C 323 -6.73 -17.62 5.93
N GLY C 324 -6.79 -17.52 4.59
CA GLY C 324 -7.95 -16.98 3.91
C GLY C 324 -7.90 -15.49 3.61
N ASP C 325 -6.74 -14.87 3.83
CA ASP C 325 -6.53 -13.50 3.44
C ASP C 325 -5.53 -13.41 2.25
N PHE C 326 -5.50 -12.26 1.60
CA PHE C 326 -4.57 -12.03 0.49
C PHE C 326 -3.32 -11.30 0.99
N ARG C 327 -2.19 -11.71 0.43
CA ARG C 327 -0.91 -11.08 0.70
C ARG C 327 -0.88 -9.63 0.21
N PRO C 328 0.05 -8.82 0.76
CA PRO C 328 0.00 -7.37 0.49
C PRO C 328 0.24 -6.97 -0.95
N GLU C 329 1.12 -7.70 -1.63
CA GLU C 329 1.46 -7.42 -3.05
C GLU C 329 0.20 -7.58 -3.93
N GLU C 330 -0.63 -8.57 -3.63
CA GLU C 330 -1.87 -8.78 -4.36
C GLU C 330 -2.93 -7.71 -4.05
N LYS C 331 -3.03 -7.28 -2.80
CA LYS C 331 -3.94 -6.16 -2.46
C LYS C 331 -3.56 -4.88 -3.17
N ALA C 332 -2.27 -4.61 -3.20
CA ALA C 332 -1.76 -3.42 -3.87
C ALA C 332 -2.07 -3.49 -5.38
N MET C 333 -1.81 -4.65 -5.99
CA MET C 333 -2.13 -4.88 -7.42
C MET C 333 -3.61 -4.66 -7.73
N ALA C 334 -4.47 -5.21 -6.88
CA ALA C 334 -5.92 -5.05 -7.12
C ALA C 334 -6.39 -3.63 -7.02
N THR C 335 -5.92 -2.93 -6.00
CA THR C 335 -6.22 -1.50 -5.81
C THR C 335 -5.72 -0.66 -6.98
N ALA C 336 -4.48 -0.85 -7.39
CA ALA C 336 -3.91 -0.12 -8.53
C ALA C 336 -4.67 -0.33 -9.85
N ILE C 337 -5.00 -1.57 -10.16
CA ILE C 337 -5.78 -1.88 -11.35
C ILE C 337 -7.13 -1.20 -11.28
N GLY C 338 -7.80 -1.35 -10.15
CA GLY C 338 -9.10 -0.70 -9.94
C GLY C 338 -9.15 0.81 -10.15
N LYS C 339 -8.14 1.51 -9.64
CA LYS C 339 -8.01 2.95 -9.82
C LYS C 339 -7.95 3.29 -11.32
N TRP C 340 -7.09 2.58 -12.06
CA TRP C 340 -6.95 2.83 -13.50
C TRP C 340 -8.20 2.44 -14.27
N MET C 341 -8.76 1.28 -13.96
CA MET C 341 -10.00 0.82 -14.63
C MET C 341 -11.16 1.79 -14.41
N ASN C 342 -11.23 2.39 -13.23
CA ASN C 342 -12.34 3.29 -12.88
C ASN C 342 -12.25 4.58 -13.71
N ARG C 343 -11.05 5.05 -13.95
CA ARG C 343 -10.83 6.20 -14.81
C ARG C 343 -10.91 5.90 -16.35
N TYR C 344 -10.36 4.77 -16.79
CA TYR C 344 -10.21 4.53 -18.24
C TYR C 344 -10.94 3.29 -18.80
N GLY C 345 -11.75 2.65 -17.95
CA GLY C 345 -12.41 1.42 -18.29
C GLY C 345 -13.41 1.47 -19.41
N LYS C 346 -13.81 2.65 -19.84
CA LYS C 346 -14.65 2.75 -21.05
C LYS C 346 -13.93 2.23 -22.30
N ALA C 347 -12.61 2.16 -22.25
CA ALA C 347 -11.79 1.61 -23.34
C ALA C 347 -11.52 0.10 -23.20
N VAL C 348 -12.02 -0.53 -22.14
CA VAL C 348 -11.81 -1.95 -21.87
C VAL C 348 -13.12 -2.73 -21.88
N TYR C 349 -14.04 -2.41 -20.95
CA TYR C 349 -15.29 -3.14 -20.83
C TYR C 349 -16.11 -3.03 -22.12
N ALA C 350 -16.67 -4.14 -22.57
CA ALA C 350 -17.49 -4.18 -23.78
C ALA C 350 -16.77 -3.66 -25.04
N CYS C 351 -15.44 -3.68 -25.03
CA CYS C 351 -14.68 -3.30 -26.19
C CYS C 351 -14.10 -4.51 -26.95
N ASP C 352 -13.63 -4.25 -28.17
CA ASP C 352 -13.17 -5.30 -29.10
C ASP C 352 -12.09 -4.79 -30.02
N TYR C 353 -11.63 -5.67 -30.91
CA TYR C 353 -10.66 -5.36 -31.96
C TYR C 353 -11.14 -4.25 -32.87
N ALA C 354 -10.29 -3.25 -33.14
CA ALA C 354 -10.68 -2.07 -33.92
C ALA C 354 -10.37 -2.11 -35.41
N GLY C 355 -9.57 -3.05 -35.86
CA GLY C 355 -9.25 -3.16 -37.28
C GLY C 355 -8.24 -2.17 -37.79
N PHE C 356 -7.52 -1.48 -36.89
CA PHE C 356 -6.46 -0.52 -37.31
C PHE C 356 -5.08 -1.15 -37.25
N GLU C 357 -4.19 -0.69 -38.10
CA GLU C 357 -2.80 -1.15 -38.09
C GLU C 357 -2.14 -0.72 -36.75
N LYS C 358 -1.45 -1.65 -36.10
CA LYS C 358 -0.83 -1.41 -34.81
C LYS C 358 0.22 -0.31 -34.89
N GLN C 359 0.26 0.56 -33.88
CA GLN C 359 1.26 1.60 -33.74
C GLN C 359 2.01 1.48 -32.40
N ASP C 360 3.18 2.12 -32.34
CA ASP C 360 4.13 1.95 -31.24
C ASP C 360 3.69 2.58 -29.92
N TRP C 361 2.83 3.58 -29.97
CA TRP C 361 2.39 4.27 -28.76
C TRP C 361 1.51 3.41 -27.83
N GLY C 362 0.86 2.39 -28.38
CA GLY C 362 -0.04 1.58 -27.56
C GLY C 362 -1.03 0.76 -28.36
N TYR C 363 -2.28 0.77 -27.94
CA TYR C 363 -3.30 -0.12 -28.50
C TYR C 363 -4.56 0.62 -28.85
N TYR C 364 -5.27 0.15 -29.85
CA TYR C 364 -6.57 0.66 -30.13
C TYR C 364 -7.59 -0.33 -29.56
N THR C 365 -8.69 0.16 -29.03
CA THR C 365 -9.88 -0.68 -28.83
C THR C 365 -11.10 0.00 -29.46
N ARG C 366 -12.08 -0.82 -29.82
CA ARG C 366 -13.34 -0.34 -30.44
C ARG C 366 -14.50 -0.58 -29.50
N GLY C 367 -15.31 0.46 -29.35
CA GLY C 367 -16.50 0.44 -28.46
C GLY C 367 -17.75 -0.06 -29.14
N LYS C 368 -18.82 -0.23 -28.36
CA LYS C 368 -20.08 -0.75 -28.91
C LYS C 368 -20.74 0.13 -30.00
N ASN C 369 -20.59 1.45 -29.89
CA ASN C 369 -21.09 2.42 -30.88
C ASN C 369 -19.98 3.03 -31.75
N ASP C 370 -19.03 2.21 -32.20
CA ASP C 370 -17.92 2.64 -33.08
C ASP C 370 -17.04 3.79 -32.54
N GLU C 371 -16.93 3.89 -31.21
CA GLU C 371 -15.90 4.71 -30.60
C GLU C 371 -14.60 3.98 -30.88
N VAL C 372 -13.53 4.70 -31.20
CA VAL C 372 -12.20 4.11 -31.32
C VAL C 372 -11.32 4.75 -30.28
N TYR C 373 -10.81 3.97 -29.35
CA TYR C 373 -9.99 4.50 -28.28
C TYR C 373 -8.52 4.23 -28.56
N MET C 374 -7.68 5.23 -28.33
CA MET C 374 -6.25 5.07 -28.39
C MET C 374 -5.78 4.97 -26.94
N VAL C 375 -5.19 3.83 -26.54
CA VAL C 375 -4.70 3.68 -25.19
C VAL C 375 -3.17 3.82 -25.26
N VAL C 376 -2.63 4.90 -24.70
CA VAL C 376 -1.24 5.24 -24.90
C VAL C 376 -0.40 4.79 -23.72
N PHE C 377 0.57 3.94 -24.02
CA PHE C 377 1.49 3.40 -23.04
C PHE C 377 2.90 3.89 -23.21
N ASN C 378 3.23 4.37 -24.42
CA ASN C 378 4.60 4.82 -24.74
C ASN C 378 4.54 6.18 -25.41
N GLN C 379 4.94 7.20 -24.67
CA GLN C 379 4.74 8.59 -25.08
C GLN C 379 5.85 9.04 -26.05
N PRO C 380 5.48 9.46 -27.26
CA PRO C 380 6.52 9.85 -28.22
C PRO C 380 7.12 11.21 -27.94
N TYR C 381 8.45 11.32 -28.02
CA TYR C 381 9.16 12.63 -27.89
C TYR C 381 8.79 13.58 -29.01
N SER C 382 8.38 13.04 -30.17
CA SER C 382 7.83 13.84 -31.27
C SER C 382 6.57 14.61 -30.91
N GLU C 383 5.88 14.21 -29.84
CA GLU C 383 4.62 14.80 -29.40
C GLU C 383 3.47 14.53 -30.34
N ARG C 384 3.67 13.58 -31.25
CA ARG C 384 2.65 13.21 -32.23
C ARG C 384 2.39 11.68 -32.21
N LEU C 385 1.12 11.32 -32.14
CA LEU C 385 0.70 9.92 -32.09
C LEU C 385 0.22 9.54 -33.48
N ILE C 386 0.92 8.65 -34.16
CA ILE C 386 0.59 8.33 -35.52
C ILE C 386 -0.63 7.45 -35.53
N VAL C 387 -1.56 7.78 -36.42
CA VAL C 387 -2.78 7.02 -36.60
C VAL C 387 -2.97 6.80 -38.08
N LYS C 388 -2.88 5.55 -38.51
CA LYS C 388 -3.09 5.19 -39.89
C LYS C 388 -4.42 4.48 -39.95
N THR C 389 -5.31 4.97 -40.81
CA THR C 389 -6.70 4.47 -40.89
C THR C 389 -6.89 3.46 -42.02
N PRO C 390 -7.86 2.52 -41.86
CA PRO C 390 -8.18 1.61 -42.95
C PRO C 390 -8.83 2.36 -44.11
N LYS C 391 -8.87 1.73 -45.28
CA LYS C 391 -9.46 2.30 -46.51
C LYS C 391 -10.86 2.75 -46.19
N GLY C 392 -11.19 3.99 -46.58
CA GLY C 392 -12.54 4.52 -46.35
C GLY C 392 -12.89 5.07 -44.96
N ILE C 393 -11.92 5.12 -44.05
CA ILE C 393 -12.15 5.64 -42.71
C ILE C 393 -11.42 6.95 -42.52
N THR C 394 -12.10 7.92 -41.91
CA THR C 394 -11.53 9.23 -41.61
C THR C 394 -11.71 9.51 -40.12
N VAL C 395 -10.89 10.43 -39.61
CA VAL C 395 -10.93 10.81 -38.23
C VAL C 395 -11.49 12.22 -38.22
N GLU C 396 -12.68 12.41 -37.62
CA GLU C 396 -13.32 13.74 -37.51
C GLU C 396 -12.95 14.51 -36.25
N LYS C 397 -12.66 13.81 -35.16
CA LYS C 397 -12.43 14.45 -33.88
C LYS C 397 -11.57 13.56 -33.00
N ALA C 398 -10.77 14.18 -32.14
CA ALA C 398 -10.08 13.51 -31.08
C ALA C 398 -10.34 14.20 -29.76
N THR C 399 -10.51 13.42 -28.70
CA THR C 399 -10.92 13.94 -27.40
C THR C 399 -10.16 13.20 -26.29
N LEU C 400 -9.58 13.92 -25.34
CA LEU C 400 -9.04 13.27 -24.16
C LEU C 400 -10.17 12.73 -23.27
N LEU C 401 -10.15 11.42 -23.00
CA LEU C 401 -11.27 10.77 -22.32
C LEU C 401 -11.60 11.36 -20.95
N THR C 402 -10.57 11.62 -20.13
CA THR C 402 -10.82 12.05 -18.75
C THR C 402 -11.40 13.45 -18.65
N THR C 403 -10.95 14.38 -19.50
CA THR C 403 -11.33 15.81 -19.38
C THR C 403 -12.32 16.33 -20.43
N GLY C 404 -12.50 15.62 -21.54
CA GLY C 404 -13.32 16.12 -22.66
C GLY C 404 -12.60 17.14 -23.56
N GLU C 405 -11.37 17.53 -23.23
CA GLU C 405 -10.64 18.53 -24.02
C GLU C 405 -10.34 18.03 -25.46
N ASP C 406 -10.47 18.94 -26.41
CA ASP C 406 -10.27 18.66 -27.81
C ASP C 406 -8.76 18.48 -28.07
N ILE C 407 -8.45 17.59 -29.00
CA ILE C 407 -7.08 17.23 -29.34
C ILE C 407 -6.90 17.47 -30.84
N THR C 408 -5.83 18.17 -31.19
CA THR C 408 -5.53 18.54 -32.59
C THR C 408 -5.22 17.30 -33.43
N VAL C 409 -5.85 17.18 -34.59
CA VAL C 409 -5.63 16.08 -35.51
C VAL C 409 -5.17 16.70 -36.80
N VAL C 410 -4.01 16.31 -37.28
CA VAL C 410 -3.47 16.85 -38.53
C VAL C 410 -3.31 15.73 -39.56
N GLU C 411 -3.90 15.90 -40.74
CA GLU C 411 -3.71 14.94 -41.82
C GLU C 411 -2.27 15.10 -42.32
N THR C 412 -1.51 14.00 -42.40
CA THR C 412 -0.12 14.04 -42.90
C THR C 412 -0.03 13.46 -44.30
N THR C 413 -0.91 12.51 -44.62
CA THR C 413 -0.89 11.87 -45.92
C THR C 413 -2.26 11.19 -46.12
N ARG C 414 -2.47 10.56 -47.28
CA ARG C 414 -3.69 9.77 -47.52
C ARG C 414 -3.71 8.70 -46.43
N ASN C 415 -4.81 8.61 -45.68
CA ASN C 415 -5.00 7.55 -44.69
C ASN C 415 -4.10 7.65 -43.46
N GLU C 416 -3.55 8.81 -43.16
CA GLU C 416 -2.70 8.92 -42.01
C GLU C 416 -2.75 10.28 -41.36
N TYR C 417 -2.77 10.27 -40.03
CA TYR C 417 -2.81 11.47 -39.24
C TYR C 417 -1.77 11.47 -38.14
N ASN C 418 -1.46 12.67 -37.66
CA ASN C 418 -0.72 12.89 -36.43
C ASN C 418 -1.74 13.44 -35.41
N VAL C 419 -2.00 12.69 -34.35
CA VAL C 419 -2.89 13.12 -33.27
C VAL C 419 -1.99 13.67 -32.18
N SER C 420 -2.19 14.92 -31.74
CA SER C 420 -1.26 15.51 -30.76
C SER C 420 -1.45 14.86 -29.41
N VAL C 421 -0.36 14.83 -28.65
CA VAL C 421 -0.46 14.43 -27.26
C VAL C 421 -1.22 15.52 -26.52
N PRO C 422 -1.71 15.23 -25.33
CA PRO C 422 -2.36 16.28 -24.55
C PRO C 422 -1.36 17.37 -24.13
N LYS C 423 -1.84 18.60 -23.92
CA LYS C 423 -0.99 19.77 -23.56
C LYS C 423 -0.25 19.51 -22.24
N LYS C 424 -0.93 18.90 -21.25
CA LYS C 424 -0.31 18.40 -19.98
C LYS C 424 -0.14 16.88 -20.02
N ASN C 425 1.08 16.41 -19.81
CA ASN C 425 1.36 14.98 -19.84
C ASN C 425 0.60 14.27 -18.71
N PRO C 426 -0.33 13.36 -19.07
CA PRO C 426 -1.14 12.70 -18.04
C PRO C 426 -0.37 11.91 -16.96
N GLY C 427 0.90 11.59 -17.20
CA GLY C 427 1.75 10.90 -16.23
C GLY C 427 1.41 9.44 -15.98
N GLU C 428 0.60 8.85 -16.85
CA GLU C 428 0.19 7.45 -16.75
C GLU C 428 -0.37 7.03 -18.11
N PRO C 429 -0.58 5.73 -18.32
CA PRO C 429 -1.23 5.34 -19.56
C PRO C 429 -2.60 5.96 -19.65
N TYR C 430 -2.92 6.54 -20.79
CA TYR C 430 -4.11 7.32 -20.92
C TYR C 430 -4.88 6.98 -22.18
N VAL C 431 -6.10 7.51 -22.28
CA VAL C 431 -6.96 7.27 -23.43
C VAL C 431 -7.32 8.55 -24.19
N ILE C 432 -7.25 8.47 -25.52
CA ILE C 432 -7.78 9.47 -26.39
C ILE C 432 -8.87 8.79 -27.19
N GLN C 433 -10.07 9.36 -27.17
CA GLN C 433 -11.21 8.85 -27.90
C GLN C 433 -11.29 9.54 -29.25
N LEU C 434 -11.49 8.74 -30.28
CA LEU C 434 -11.58 9.23 -31.62
C LEU C 434 -13.01 9.07 -32.08
N LYS C 435 -13.44 10.02 -32.89
CA LYS C 435 -14.69 9.91 -33.60
C LYS C 435 -14.31 9.68 -35.04
N VAL C 436 -14.80 8.60 -35.62
CA VAL C 436 -14.46 8.24 -36.98
C VAL C 436 -15.71 8.16 -37.84
N ARG C 437 -15.51 8.35 -39.15
CA ARG C 437 -16.58 8.29 -40.14
C ARG C 437 -16.14 7.30 -41.19
N ALA C 438 -17.01 6.35 -41.51
CA ALA C 438 -16.81 5.46 -42.64
C ALA C 438 -17.51 6.10 -43.83
N ALA C 439 -17.26 5.53 -45.00
CA ALA C 439 -17.98 5.84 -46.25
C ALA C 439 -18.99 4.74 -46.65
N LYS C 440 -20.04 5.11 -47.39
CA LYS C 440 -21.15 4.17 -47.75
C LYS C 440 -20.79 3.15 -48.86
N TYR C 446 -17.56 -1.71 -39.88
CA TYR C 446 -18.13 -0.42 -39.48
C TYR C 446 -19.42 -0.12 -40.26
N GLU D 2 -49.55 -56.19 3.08
CA GLU D 2 -48.15 -55.72 2.79
C GLU D 2 -47.88 -55.34 1.28
N ILE D 3 -47.86 -54.02 0.99
CA ILE D 3 -47.72 -53.42 -0.38
C ILE D 3 -46.29 -52.91 -0.75
N PRO D 4 -45.74 -53.30 -1.92
CA PRO D 4 -44.44 -52.69 -2.32
C PRO D 4 -44.60 -51.25 -2.87
N LEU D 5 -43.63 -50.40 -2.54
CA LEU D 5 -43.70 -48.97 -2.87
C LEU D 5 -42.31 -48.44 -3.21
N LYS D 6 -42.22 -47.66 -4.28
CA LYS D 6 -41.01 -46.89 -4.64
C LYS D 6 -40.80 -45.60 -3.79
N TYR D 7 -41.91 -44.94 -3.43
CA TYR D 7 -41.90 -43.61 -2.81
C TYR D 7 -42.59 -43.60 -1.45
N GLY D 8 -42.45 -44.68 -0.69
CA GLY D 8 -42.99 -44.77 0.66
C GLY D 8 -41.94 -44.38 1.66
N ALA D 9 -42.04 -44.95 2.87
CA ALA D 9 -41.17 -44.56 3.97
C ALA D 9 -39.72 -45.00 3.76
N THR D 10 -38.79 -44.21 4.27
CA THR D 10 -37.36 -44.47 4.18
C THR D 10 -36.79 -44.87 5.56
N ASN D 11 -36.99 -44.03 6.58
CA ASN D 11 -36.62 -44.31 7.99
C ASN D 11 -37.38 -45.51 8.57
N GLU D 12 -36.73 -46.24 9.49
CA GLU D 12 -37.37 -47.26 10.34
C GLU D 12 -37.26 -46.57 11.69
N GLY D 13 -38.40 -46.39 12.38
CA GLY D 13 -38.53 -45.54 13.58
C GLY D 13 -37.74 -44.23 13.63
N LYS D 14 -37.29 -43.87 14.83
CA LYS D 14 -36.77 -42.54 15.06
C LYS D 14 -35.33 -42.40 14.61
N ARG D 15 -35.03 -41.31 13.90
CA ARG D 15 -33.65 -40.93 13.67
C ARG D 15 -32.97 -40.66 15.03
N GLN D 16 -31.75 -41.22 15.22
CA GLN D 16 -30.97 -40.96 16.45
C GLN D 16 -29.62 -40.26 16.22
N ASP D 17 -29.40 -39.74 15.01
CA ASP D 17 -28.22 -38.88 14.75
C ASP D 17 -28.27 -37.60 15.58
N PRO D 18 -27.13 -36.92 15.77
CA PRO D 18 -27.11 -35.73 16.64
C PRO D 18 -28.01 -34.60 16.18
N ALA D 19 -28.21 -34.47 14.88
CA ALA D 19 -29.02 -33.37 14.34
C ALA D 19 -30.53 -33.53 14.66
N MET D 20 -31.05 -34.77 14.53
CA MET D 20 -32.39 -35.06 15.01
C MET D 20 -32.53 -34.96 16.53
N GLN D 21 -31.53 -35.40 17.28
CA GLN D 21 -31.52 -35.25 18.74
C GLN D 21 -31.62 -33.83 19.24
N LYS D 22 -31.05 -32.92 18.48
CA LYS D 22 -31.08 -31.50 18.78
C LYS D 22 -32.48 -30.92 18.47
N PHE D 23 -33.02 -31.31 17.30
CA PHE D 23 -34.39 -30.96 16.90
C PHE D 23 -35.38 -31.33 18.01
N ARG D 24 -35.29 -32.58 18.45
CA ARG D 24 -36.07 -33.12 19.55
C ARG D 24 -35.84 -32.37 20.88
N ASP D 25 -34.58 -32.26 21.31
CA ASP D 25 -34.28 -31.68 22.62
C ASP D 25 -34.69 -30.22 22.70
N ASN D 26 -34.67 -29.52 21.57
CA ASN D 26 -35.14 -28.14 21.58
C ASN D 26 -36.56 -28.01 22.21
N ARG D 27 -37.48 -28.89 21.80
CA ARG D 27 -38.88 -28.97 22.23
C ARG D 27 -39.77 -27.76 21.98
N LEU D 28 -39.35 -26.58 22.43
CA LEU D 28 -40.17 -25.41 22.28
C LEU D 28 -39.66 -24.50 21.16
N GLY D 29 -40.53 -24.19 20.20
CA GLY D 29 -40.21 -23.27 19.13
C GLY D 29 -41.26 -22.19 18.93
N ALA D 30 -40.92 -21.19 18.10
CA ALA D 30 -41.86 -20.16 17.67
C ALA D 30 -42.07 -20.20 16.17
N PHE D 31 -43.26 -19.82 15.74
CA PHE D 31 -43.61 -19.75 14.34
C PHE D 31 -43.71 -18.27 14.03
N ILE D 32 -43.23 -17.87 12.87
CA ILE D 32 -43.42 -16.50 12.36
C ILE D 32 -44.16 -16.59 11.03
N HIS D 33 -45.34 -15.99 10.96
CA HIS D 33 -46.08 -15.76 9.69
C HIS D 33 -46.00 -14.29 9.31
N TRP D 34 -45.23 -14.01 8.28
CA TRP D 34 -45.12 -12.63 7.78
C TRP D 34 -45.09 -12.63 6.28
N GLY D 35 -45.96 -11.82 5.74
CA GLY D 35 -46.11 -11.69 4.29
C GLY D 35 -47.00 -10.49 4.02
N LEU D 36 -47.42 -10.37 2.78
CA LEU D 36 -48.18 -9.20 2.30
C LEU D 36 -49.53 -9.08 2.98
N TYR D 37 -50.06 -10.21 3.45
CA TYR D 37 -51.29 -10.22 4.26
C TYR D 37 -51.23 -9.35 5.52
N ALA D 38 -50.04 -9.09 6.02
CA ALA D 38 -49.90 -8.25 7.21
C ALA D 38 -50.35 -6.79 7.01
N ILE D 39 -50.32 -6.32 5.75
CA ILE D 39 -50.67 -4.94 5.41
C ILE D 39 -52.17 -4.66 5.53
N PRO D 40 -53.02 -5.37 4.75
CA PRO D 40 -54.47 -5.25 5.00
C PRO D 40 -54.94 -5.72 6.38
N GLY D 41 -54.37 -6.83 6.84
CA GLY D 41 -54.59 -7.35 8.19
C GLY D 41 -56.02 -7.77 8.45
N GLY D 42 -56.59 -8.50 7.50
CA GLY D 42 -57.95 -9.01 7.64
C GLY D 42 -59.06 -8.18 6.97
N GLU D 43 -58.71 -6.97 6.52
CA GLU D 43 -59.69 -6.05 5.96
C GLU D 43 -59.40 -5.77 4.49
N TRP D 44 -60.42 -5.90 3.66
CA TRP D 44 -60.35 -5.60 2.24
C TRP D 44 -61.54 -4.75 1.79
N ASN D 45 -61.23 -3.57 1.25
CA ASN D 45 -62.23 -2.61 0.76
C ASN D 45 -63.26 -2.26 1.83
N GLY D 46 -62.80 -1.93 3.03
CA GLY D 46 -63.70 -1.60 4.13
C GLY D 46 -64.51 -2.74 4.77
N LYS D 47 -64.39 -3.98 4.28
CA LYS D 47 -65.03 -5.16 4.92
C LYS D 47 -63.96 -5.94 5.70
N VAL D 48 -64.18 -6.12 7.00
CA VAL D 48 -63.31 -6.94 7.88
C VAL D 48 -63.78 -8.39 7.81
N TYR D 49 -62.91 -9.30 7.36
CA TYR D 49 -63.24 -10.72 7.24
C TYR D 49 -62.73 -11.49 8.47
N GLY D 50 -63.58 -12.39 8.98
CA GLY D 50 -63.31 -13.15 10.22
C GLY D 50 -62.40 -14.35 10.06
N GLY D 51 -62.29 -14.87 8.84
CA GLY D 51 -61.31 -15.92 8.52
C GLY D 51 -59.84 -15.53 8.73
N ALA D 52 -58.98 -16.52 8.62
CA ALA D 52 -57.54 -16.32 8.79
C ALA D 52 -57.00 -15.22 7.86
N ALA D 53 -56.35 -14.22 8.45
CA ALA D 53 -55.86 -13.06 7.70
C ALA D 53 -54.93 -13.42 6.55
N GLU D 54 -54.14 -14.47 6.71
CA GLU D 54 -53.23 -14.89 5.64
C GLU D 54 -53.94 -15.49 4.43
N TRP D 55 -55.25 -15.71 4.56
CA TRP D 55 -56.10 -16.24 3.50
C TRP D 55 -57.05 -15.17 2.97
N LEU D 56 -56.83 -13.90 3.33
CA LEU D 56 -57.70 -12.79 2.87
C LEU D 56 -57.88 -12.70 1.37
N LYS D 57 -56.83 -12.96 0.61
CA LYS D 57 -56.94 -13.03 -0.85
C LYS D 57 -58.04 -13.98 -1.30
N SER D 58 -58.23 -15.08 -0.58
CA SER D 58 -59.28 -16.02 -0.90
C SER D 58 -60.65 -15.53 -0.43
N TRP D 59 -60.73 -15.04 0.81
CA TRP D 59 -62.00 -14.61 1.36
C TRP D 59 -62.62 -13.46 0.57
N ALA D 60 -61.79 -12.48 0.24
CA ALA D 60 -62.22 -11.30 -0.49
C ALA D 60 -62.12 -11.45 -2.03
N LYS D 61 -61.92 -12.68 -2.52
CA LYS D 61 -61.85 -12.98 -3.96
C LYS D 61 -60.99 -11.96 -4.76
N VAL D 62 -59.80 -11.68 -4.24
CA VAL D 62 -58.87 -10.71 -4.82
C VAL D 62 -57.99 -11.37 -5.89
N PRO D 63 -57.95 -10.81 -7.11
CA PRO D 63 -57.05 -11.40 -8.12
C PRO D 63 -55.55 -11.21 -7.81
N ALA D 64 -54.74 -12.15 -8.30
CA ALA D 64 -53.31 -12.15 -8.04
C ALA D 64 -52.62 -10.81 -8.30
N ASP D 65 -52.74 -10.33 -9.55
CA ASP D 65 -52.19 -9.03 -10.00
C ASP D 65 -52.45 -7.94 -8.95
N GLU D 66 -53.70 -7.80 -8.54
CA GLU D 66 -54.07 -6.78 -7.54
C GLU D 66 -53.55 -7.08 -6.13
N TRP D 67 -53.55 -8.36 -5.73
CA TRP D 67 -53.03 -8.76 -4.40
C TRP D 67 -51.53 -8.49 -4.28
N LEU D 68 -50.78 -8.90 -5.29
CA LEU D 68 -49.32 -8.71 -5.30
C LEU D 68 -48.88 -7.25 -5.44
N LYS D 69 -49.77 -6.37 -5.90
CA LYS D 69 -49.55 -4.90 -5.84
C LYS D 69 -49.36 -4.35 -4.42
N LEU D 70 -49.69 -5.15 -3.40
CA LEU D 70 -49.32 -4.81 -2.02
C LEU D 70 -47.81 -4.69 -1.75
N MET D 71 -47.00 -5.35 -2.58
CA MET D 71 -45.55 -5.15 -2.61
C MET D 71 -45.11 -3.69 -2.63
N ASP D 72 -45.90 -2.83 -3.29
CA ASP D 72 -45.61 -1.37 -3.35
C ASP D 72 -45.73 -0.68 -1.97
N GLN D 73 -46.46 -1.27 -1.02
CA GLN D 73 -46.54 -0.74 0.36
C GLN D 73 -45.67 -1.49 1.36
N TRP D 74 -44.91 -2.48 0.88
CA TRP D 74 -44.06 -3.28 1.78
C TRP D 74 -42.82 -2.48 2.17
N ASN D 75 -42.90 -1.87 3.35
CA ASN D 75 -41.83 -1.03 3.86
C ASN D 75 -41.77 -1.07 5.40
N PRO D 76 -41.38 -2.23 5.96
CA PRO D 76 -41.41 -2.42 7.42
C PRO D 76 -40.28 -1.62 8.12
N THR D 77 -40.55 -0.35 8.36
CA THR D 77 -39.57 0.61 8.90
C THR D 77 -39.04 0.22 10.28
N LYS D 78 -39.92 -0.30 11.13
CA LYS D 78 -39.54 -0.74 12.50
C LYS D 78 -38.90 -2.14 12.59
N PHE D 79 -38.75 -2.84 11.48
CA PHE D 79 -38.11 -4.15 11.48
C PHE D 79 -36.67 -4.10 11.96
N ASP D 80 -36.34 -4.97 12.90
CA ASP D 80 -34.98 -5.09 13.42
C ASP D 80 -34.78 -6.56 13.78
N ALA D 81 -34.01 -7.27 12.97
CA ALA D 81 -33.79 -8.69 13.17
C ALA D 81 -33.19 -9.04 14.54
N LYS D 82 -32.35 -8.15 15.09
CA LYS D 82 -31.74 -8.35 16.41
C LYS D 82 -32.76 -8.29 17.55
N LYS D 83 -33.75 -7.42 17.42
CA LYS D 83 -34.84 -7.35 18.39
C LYS D 83 -35.70 -8.61 18.38
N TRP D 84 -36.06 -9.05 17.16
CA TRP D 84 -36.84 -10.27 16.96
C TRP D 84 -36.17 -11.45 17.65
N ALA D 85 -34.86 -11.56 17.48
CA ALA D 85 -34.10 -12.65 18.04
C ALA D 85 -33.98 -12.59 19.56
N LYS D 86 -33.87 -11.38 20.12
CA LYS D 86 -33.83 -11.18 21.59
C LYS D 86 -35.22 -11.54 22.15
N MET D 87 -36.30 -11.16 21.45
CA MET D 87 -37.66 -11.56 21.87
C MET D 87 -37.86 -13.10 21.94
N ALA D 88 -37.36 -13.81 20.94
CA ALA D 88 -37.34 -15.27 20.95
C ALA D 88 -36.49 -15.86 22.07
N LYS D 89 -35.31 -15.30 22.32
CA LYS D 89 -34.42 -15.77 23.41
C LYS D 89 -35.10 -15.62 24.78
N GLU D 90 -35.73 -14.47 24.99
CA GLU D 90 -36.42 -14.13 26.25
C GLU D 90 -37.61 -15.07 26.47
N MET D 91 -38.29 -15.46 25.38
CA MET D 91 -39.43 -16.38 25.49
C MET D 91 -39.05 -17.80 25.91
N GLY D 92 -37.79 -18.18 25.68
CA GLY D 92 -37.33 -19.52 25.95
C GLY D 92 -37.40 -20.46 24.75
N THR D 93 -37.59 -19.93 23.54
CA THR D 93 -37.63 -20.77 22.33
C THR D 93 -36.23 -21.17 21.91
N LYS D 94 -36.06 -22.41 21.54
CA LYS D 94 -34.79 -22.91 21.04
C LYS D 94 -34.72 -22.93 19.51
N TYR D 95 -35.87 -22.74 18.85
CA TYR D 95 -35.92 -22.62 17.39
C TYR D 95 -37.07 -21.75 16.95
N VAL D 96 -36.97 -21.32 15.67
CA VAL D 96 -37.95 -20.51 15.03
C VAL D 96 -38.21 -21.01 13.59
N LYS D 97 -39.49 -21.14 13.25
CA LYS D 97 -39.93 -21.57 11.91
C LYS D 97 -40.43 -20.34 11.21
N ILE D 98 -39.89 -20.04 10.02
CA ILE D 98 -40.20 -18.78 9.35
C ILE D 98 -40.89 -19.05 8.03
N THR D 99 -41.95 -18.31 7.75
CA THR D 99 -42.58 -18.38 6.44
C THR D 99 -41.66 -17.76 5.37
N THR D 100 -40.92 -18.61 4.66
CA THR D 100 -40.11 -18.14 3.54
C THR D 100 -41.02 -17.65 2.42
N LYS D 101 -42.10 -18.39 2.19
CA LYS D 101 -43.10 -18.05 1.18
C LYS D 101 -44.43 -18.69 1.64
N HIS D 102 -45.50 -17.90 1.75
CA HIS D 102 -46.83 -18.46 2.04
C HIS D 102 -47.57 -18.70 0.71
N HIS D 103 -48.84 -19.09 0.77
CA HIS D 103 -49.67 -19.40 -0.41
C HIS D 103 -49.73 -18.24 -1.42
N GLU D 104 -49.73 -17.00 -0.93
CA GLU D 104 -49.73 -15.81 -1.77
C GLU D 104 -48.57 -15.71 -2.78
N GLY D 105 -47.45 -16.37 -2.51
CA GLY D 105 -46.32 -16.45 -3.43
C GLY D 105 -45.16 -15.48 -3.14
N PHE D 106 -45.40 -14.48 -2.30
CA PHE D 106 -44.41 -13.48 -1.96
C PHE D 106 -43.24 -14.05 -1.15
N CYS D 107 -42.02 -13.92 -1.68
CA CYS D 107 -40.84 -14.49 -1.07
C CYS D 107 -40.15 -13.49 -0.15
N LEU D 108 -39.76 -13.94 1.04
CA LEU D 108 -39.03 -13.09 2.00
C LEU D 108 -37.50 -13.10 1.77
N TRP D 109 -37.05 -13.80 0.73
CA TRP D 109 -35.68 -13.76 0.27
C TRP D 109 -35.72 -13.32 -1.21
N PRO D 110 -34.61 -12.77 -1.74
CA PRO D 110 -34.62 -12.27 -3.10
C PRO D 110 -34.40 -13.40 -4.09
N SER D 111 -35.46 -14.16 -4.33
CA SER D 111 -35.39 -15.29 -5.26
C SER D 111 -35.09 -14.77 -6.65
N LYS D 112 -34.31 -15.56 -7.37
CA LYS D 112 -33.96 -15.28 -8.74
C LYS D 112 -35.04 -15.85 -9.69
N TYR D 113 -35.93 -16.71 -9.17
CA TYR D 113 -36.92 -17.40 -10.02
C TYR D 113 -38.33 -16.78 -10.08
N THR D 114 -38.52 -15.62 -9.47
CA THR D 114 -39.78 -14.87 -9.60
C THR D 114 -39.53 -13.41 -9.22
N LYS D 115 -40.39 -12.53 -9.73
CA LYS D 115 -40.28 -11.11 -9.41
C LYS D 115 -41.01 -10.76 -8.09
N TYR D 116 -41.77 -11.71 -7.53
CA TYR D 116 -42.59 -11.43 -6.32
C TYR D 116 -41.78 -11.71 -5.08
N THR D 117 -40.83 -10.82 -4.83
CA THR D 117 -39.91 -10.95 -3.71
C THR D 117 -39.65 -9.61 -3.04
N VAL D 118 -39.09 -9.68 -1.84
CA VAL D 118 -38.60 -8.52 -1.10
C VAL D 118 -37.75 -7.53 -1.90
N ALA D 119 -36.97 -8.04 -2.86
CA ALA D 119 -36.10 -7.21 -3.72
C ALA D 119 -36.86 -6.13 -4.53
N ASN D 120 -38.02 -6.47 -5.05
CA ASN D 120 -38.84 -5.52 -5.78
C ASN D 120 -39.88 -4.86 -4.87
N THR D 121 -39.48 -4.49 -3.66
CA THR D 121 -40.30 -3.68 -2.78
C THR D 121 -39.48 -2.45 -2.44
N PRO D 122 -40.13 -1.40 -1.94
CA PRO D 122 -39.36 -0.27 -1.39
C PRO D 122 -38.27 -0.67 -0.39
N TYR D 123 -38.54 -1.69 0.44
CA TYR D 123 -37.61 -2.12 1.47
C TYR D 123 -36.37 -2.80 0.92
N LYS D 124 -36.50 -3.55 -0.18
CA LYS D 124 -35.36 -4.22 -0.90
C LYS D 124 -34.62 -5.35 -0.20
N ARG D 125 -34.50 -5.26 1.12
CA ARG D 125 -33.57 -6.08 1.86
C ARG D 125 -33.97 -7.55 2.02
N ASP D 126 -32.94 -8.40 2.17
CA ASP D 126 -33.11 -9.84 2.35
C ASP D 126 -33.49 -10.14 3.78
N ILE D 127 -34.78 -9.97 4.07
CA ILE D 127 -35.34 -10.16 5.41
C ILE D 127 -35.02 -11.52 5.95
N LEU D 128 -35.26 -12.54 5.14
CA LEU D 128 -34.96 -13.89 5.57
C LEU D 128 -33.50 -14.06 5.98
N GLY D 129 -32.57 -13.51 5.20
CA GLY D 129 -31.14 -13.61 5.51
C GLY D 129 -30.78 -12.89 6.81
N GLU D 130 -31.39 -11.73 7.03
CA GLU D 130 -31.19 -10.99 8.27
C GLU D 130 -31.68 -11.77 9.49
N LEU D 131 -32.85 -12.43 9.36
CA LEU D 131 -33.39 -13.24 10.43
C LEU D 131 -32.52 -14.45 10.72
N VAL D 132 -32.10 -15.17 9.69
CA VAL D 132 -31.21 -16.33 9.87
C VAL D 132 -29.99 -15.99 10.70
N LYS D 133 -29.35 -14.88 10.34
CA LYS D 133 -28.15 -14.44 11.04
C LYS D 133 -28.45 -14.05 12.49
N ALA D 134 -29.48 -13.23 12.68
CA ALA D 134 -29.81 -12.73 14.01
C ALA D 134 -30.21 -13.87 14.96
N TYR D 135 -31.00 -14.82 14.46
CA TYR D 135 -31.41 -15.95 15.29
C TYR D 135 -30.21 -16.82 15.60
N ASN D 136 -29.45 -17.17 14.55
CA ASN D 136 -28.25 -17.99 14.73
C ASN D 136 -27.25 -17.38 15.74
N ASP D 137 -27.10 -16.05 15.71
CA ASP D 137 -26.29 -15.34 16.71
C ASP D 137 -26.76 -15.50 18.15
N GLU D 138 -28.05 -15.72 18.38
CA GLU D 138 -28.56 -15.98 19.70
C GLU D 138 -28.56 -17.47 20.08
N GLY D 139 -28.01 -18.33 19.21
CA GLY D 139 -27.97 -19.77 19.44
C GLY D 139 -29.31 -20.45 19.18
N ILE D 140 -30.12 -19.86 18.31
CA ILE D 140 -31.46 -20.34 18.01
C ILE D 140 -31.47 -20.92 16.59
N ASP D 141 -31.79 -22.22 16.48
CA ASP D 141 -31.92 -22.89 15.18
C ASP D 141 -33.05 -22.24 14.33
N VAL D 142 -32.88 -22.26 13.01
CA VAL D 142 -33.89 -21.76 12.10
C VAL D 142 -34.39 -22.87 11.18
N HIS D 143 -35.70 -22.93 11.05
CA HIS D 143 -36.44 -23.88 10.20
C HIS D 143 -37.22 -23.07 9.20
N PHE D 144 -37.41 -23.63 8.01
CA PHE D 144 -38.08 -22.91 6.92
C PHE D 144 -39.44 -23.50 6.64
N TYR D 145 -40.45 -22.67 6.79
CA TYR D 145 -41.79 -22.98 6.27
C TYR D 145 -41.78 -22.64 4.78
N PHE D 146 -42.34 -23.54 4.00
CA PHE D 146 -42.45 -23.35 2.54
C PHE D 146 -43.81 -23.89 2.08
N SER D 147 -44.58 -23.03 1.42
CA SER D 147 -45.83 -23.44 0.84
C SER D 147 -45.63 -23.88 -0.61
N VAL D 148 -45.94 -25.14 -0.90
CA VAL D 148 -45.88 -25.60 -2.28
C VAL D 148 -46.93 -24.87 -3.12
N MET D 149 -48.19 -24.90 -2.68
CA MET D 149 -49.29 -24.21 -3.37
C MET D 149 -48.89 -22.73 -3.46
N ASP D 150 -49.01 -22.17 -4.67
CA ASP D 150 -48.50 -20.82 -4.97
C ASP D 150 -49.49 -20.11 -5.88
N TRP D 151 -50.23 -19.17 -5.28
CA TRP D 151 -51.26 -18.38 -5.95
C TRP D 151 -50.70 -17.30 -6.89
N SER D 152 -49.39 -17.09 -6.89
CA SER D 152 -48.75 -16.08 -7.72
C SER D 152 -48.30 -16.63 -9.08
N ASN D 153 -48.09 -17.94 -9.15
CA ASN D 153 -47.59 -18.59 -10.35
C ASN D 153 -48.74 -19.24 -11.12
N PRO D 154 -49.05 -18.74 -12.33
CA PRO D 154 -50.18 -19.27 -13.11
C PRO D 154 -49.99 -20.71 -13.63
N ASP D 155 -48.79 -21.28 -13.54
CA ASP D 155 -48.57 -22.71 -13.82
C ASP D 155 -49.02 -23.65 -12.69
N TYR D 156 -49.43 -23.09 -11.54
CA TYR D 156 -49.94 -23.94 -10.46
C TYR D 156 -51.27 -24.60 -10.90
N ARG D 157 -51.46 -25.86 -10.51
CA ARG D 157 -52.69 -26.61 -10.77
C ARG D 157 -53.21 -27.35 -9.53
N TYR D 158 -54.52 -27.23 -9.31
CA TYR D 158 -55.22 -27.91 -8.20
C TYR D 158 -55.41 -29.38 -8.51
N ASP D 159 -55.67 -29.70 -9.77
CA ASP D 159 -55.70 -31.08 -10.25
C ASP D 159 -55.14 -31.16 -11.67
N ILE D 160 -54.71 -32.37 -12.04
CA ILE D 160 -54.32 -32.71 -13.41
C ILE D 160 -55.48 -33.42 -14.13
N LYS D 161 -56.26 -32.67 -14.91
CA LYS D 161 -57.36 -33.26 -15.75
C LYS D 161 -57.06 -33.30 -17.26
N SER D 162 -56.01 -32.63 -17.74
CA SER D 162 -55.62 -32.60 -19.16
C SER D 162 -54.12 -32.75 -19.39
N LYS D 163 -53.71 -32.83 -20.67
CA LYS D 163 -52.27 -32.82 -21.04
C LYS D 163 -51.65 -31.42 -20.85
N GLU D 164 -52.45 -30.36 -21.03
CA GLU D 164 -52.00 -28.96 -20.79
C GLU D 164 -51.69 -28.71 -19.32
N ASP D 165 -52.63 -29.15 -18.47
CA ASP D 165 -52.45 -29.13 -17.02
C ASP D 165 -51.12 -29.81 -16.64
N SER D 166 -50.89 -31.00 -17.18
CA SER D 166 -49.67 -31.76 -16.89
C SER D 166 -48.38 -31.02 -17.32
N ILE D 167 -48.41 -30.37 -18.49
CA ILE D 167 -47.28 -29.61 -19.03
C ILE D 167 -46.94 -28.40 -18.11
N ALA D 168 -47.98 -27.63 -17.76
CA ALA D 168 -47.90 -26.48 -16.84
C ALA D 168 -47.40 -26.86 -15.44
N PHE D 169 -48.00 -27.91 -14.87
CA PHE D 169 -47.61 -28.40 -13.55
C PHE D 169 -46.20 -28.97 -13.51
N SER D 170 -45.72 -29.56 -14.61
CA SER D 170 -44.35 -30.05 -14.65
C SER D 170 -43.37 -28.88 -14.54
N ARG D 171 -43.72 -27.77 -15.19
CA ARG D 171 -42.93 -26.55 -15.09
C ARG D 171 -42.93 -25.96 -13.68
N PHE D 172 -44.11 -25.97 -13.06
CA PHE D 172 -44.28 -25.52 -11.68
C PHE D 172 -43.39 -26.30 -10.65
N LEU D 173 -43.35 -27.63 -10.76
CA LEU D 173 -42.45 -28.44 -9.93
C LEU D 173 -40.97 -28.15 -10.14
N GLU D 174 -40.57 -27.75 -11.35
CA GLU D 174 -39.16 -27.33 -11.64
C GLU D 174 -38.85 -26.01 -10.93
N PHE D 175 -39.78 -25.07 -11.09
CA PHE D 175 -39.78 -23.79 -10.37
C PHE D 175 -39.68 -23.96 -8.85
N THR D 176 -40.45 -24.91 -8.34
CA THR D 176 -40.43 -25.20 -6.92
C THR D 176 -39.08 -25.77 -6.51
N ASP D 177 -38.62 -26.76 -7.26
CA ASP D 177 -37.28 -27.37 -7.01
C ASP D 177 -36.20 -26.32 -7.00
N ASN D 178 -36.29 -25.37 -7.94
CA ASN D 178 -35.32 -24.30 -8.04
C ASN D 178 -35.28 -23.39 -6.81
N GLN D 179 -36.46 -22.96 -6.36
CA GLN D 179 -36.55 -22.19 -5.11
C GLN D 179 -36.02 -22.96 -3.91
N LEU D 180 -36.36 -24.24 -3.80
CA LEU D 180 -35.84 -25.06 -2.69
C LEU D 180 -34.30 -25.18 -2.68
N LYS D 181 -33.72 -25.48 -3.85
CA LYS D 181 -32.26 -25.51 -4.02
C LYS D 181 -31.65 -24.17 -3.64
N GLU D 182 -32.26 -23.09 -4.10
CA GLU D 182 -31.80 -21.76 -3.82
C GLU D 182 -31.76 -21.47 -2.30
N LEU D 183 -32.84 -21.84 -1.59
CA LEU D 183 -32.90 -21.64 -0.13
C LEU D 183 -31.84 -22.46 0.63
N ALA D 184 -31.67 -23.72 0.23
CA ALA D 184 -30.70 -24.61 0.90
C ALA D 184 -29.23 -24.22 0.71
N THR D 185 -28.91 -23.55 -0.40
CA THR D 185 -27.53 -23.13 -0.70
C THR D 185 -27.27 -21.70 -0.25
N ARG D 186 -28.25 -20.79 -0.39
CA ARG D 186 -28.13 -19.45 0.19
C ARG D 186 -28.04 -19.43 1.71
N TYR D 187 -28.73 -20.35 2.38
CA TYR D 187 -28.87 -20.31 3.85
C TYR D 187 -28.55 -21.68 4.43
N PRO D 188 -27.26 -22.08 4.36
CA PRO D 188 -26.90 -23.47 4.71
C PRO D 188 -26.98 -23.85 6.19
N THR D 189 -27.15 -22.88 7.11
CA THR D 189 -27.43 -23.22 8.52
C THR D 189 -28.86 -23.78 8.82
N VAL D 190 -29.78 -23.71 7.84
CA VAL D 190 -31.14 -24.24 7.96
C VAL D 190 -31.19 -25.68 8.49
N LYS D 191 -32.06 -25.95 9.46
CA LYS D 191 -32.12 -27.28 10.10
C LYS D 191 -33.32 -28.12 9.71
N ASP D 192 -34.29 -27.50 9.06
CA ASP D 192 -35.55 -28.15 8.80
C ASP D 192 -36.27 -27.43 7.68
N PHE D 193 -36.96 -28.20 6.85
CA PHE D 193 -37.93 -27.64 5.91
C PHE D 193 -39.34 -28.16 6.26
N TRP D 194 -40.27 -27.25 6.48
CA TRP D 194 -41.65 -27.61 6.91
C TRP D 194 -42.62 -27.25 5.79
N PHE D 195 -43.03 -28.26 5.05
CA PHE D 195 -43.89 -28.05 3.91
C PHE D 195 -45.37 -27.94 4.28
N ASP D 196 -46.07 -27.11 3.51
CA ASP D 196 -47.49 -26.83 3.66
C ASP D 196 -48.07 -26.65 2.27
N GLY D 197 -49.39 -26.62 2.17
CA GLY D 197 -50.04 -26.45 0.88
C GLY D 197 -49.80 -27.62 -0.06
N THR D 198 -49.76 -28.84 0.49
CA THR D 198 -49.44 -30.06 -0.28
C THR D 198 -50.63 -31.02 -0.42
N TRP D 199 -51.82 -30.51 -0.16
CA TRP D 199 -53.02 -31.37 -0.02
C TRP D 199 -53.78 -31.53 -1.33
N ASP D 200 -53.53 -30.64 -2.30
CA ASP D 200 -54.25 -30.69 -3.59
C ASP D 200 -53.96 -31.96 -4.37
N ALA D 201 -54.96 -32.37 -5.17
CA ALA D 201 -54.87 -33.60 -5.97
C ALA D 201 -53.62 -33.65 -6.86
N SER D 202 -53.20 -32.49 -7.38
CA SER D 202 -52.00 -32.41 -8.22
C SER D 202 -50.78 -33.00 -7.54
N VAL D 203 -50.61 -32.67 -6.27
CA VAL D 203 -49.47 -33.15 -5.49
C VAL D 203 -49.66 -34.62 -5.08
N LYS D 204 -50.87 -35.00 -4.65
CA LYS D 204 -51.20 -36.42 -4.33
C LYS D 204 -50.93 -37.37 -5.53
N LYS D 205 -51.21 -36.90 -6.75
CA LYS D 205 -50.89 -37.64 -7.99
C LYS D 205 -49.37 -37.70 -8.33
N ASN D 206 -48.53 -36.89 -7.68
CA ASN D 206 -47.10 -36.82 -7.99
C ASN D 206 -46.22 -37.16 -6.79
N GLY D 207 -46.55 -38.27 -6.13
CA GLY D 207 -45.83 -38.73 -4.93
C GLY D 207 -44.33 -38.74 -5.15
N TRP D 208 -43.94 -39.23 -6.33
CA TRP D 208 -42.52 -39.33 -6.72
C TRP D 208 -41.77 -38.03 -6.45
N TRP D 209 -42.43 -36.89 -6.72
CA TRP D 209 -41.80 -35.59 -6.55
C TRP D 209 -41.55 -35.28 -5.08
N THR D 210 -42.52 -35.61 -4.22
CA THR D 210 -42.40 -35.33 -2.78
C THR D 210 -41.22 -36.08 -2.22
N ALA D 211 -41.06 -37.34 -2.62
CA ALA D 211 -39.89 -38.16 -2.19
C ALA D 211 -38.56 -37.65 -2.75
N HIS D 212 -38.61 -37.08 -3.95
CA HIS D 212 -37.45 -36.49 -4.63
C HIS D 212 -37.00 -35.18 -3.92
N ALA D 213 -37.97 -34.34 -3.55
CA ALA D 213 -37.67 -33.13 -2.82
C ALA D 213 -37.02 -33.45 -1.48
N GLU D 214 -37.52 -34.47 -0.80
CA GLU D 214 -36.94 -34.90 0.48
C GLU D 214 -35.48 -35.28 0.28
N GLN D 215 -35.24 -36.20 -0.66
CA GLN D 215 -33.87 -36.74 -0.99
C GLN D 215 -32.94 -35.62 -1.48
N MET D 216 -33.45 -34.76 -2.36
CA MET D 216 -32.68 -33.62 -2.86
C MET D 216 -32.18 -32.71 -1.74
N LEU D 217 -33.07 -32.35 -0.82
CA LEU D 217 -32.70 -31.45 0.25
C LEU D 217 -31.71 -32.08 1.25
N LYS D 218 -31.86 -33.39 1.49
CA LYS D 218 -30.99 -34.09 2.40
C LYS D 218 -29.54 -34.16 1.89
N GLU D 219 -29.39 -34.29 0.56
CA GLU D 219 -28.08 -34.24 -0.08
C GLU D 219 -27.44 -32.86 0.00
N LEU D 220 -28.26 -31.82 -0.09
CA LEU D 220 -27.75 -30.46 0.01
C LEU D 220 -27.45 -29.94 1.41
N VAL D 221 -28.13 -30.48 2.42
CA VAL D 221 -28.01 -29.96 3.80
C VAL D 221 -27.85 -31.13 4.77
N PRO D 222 -26.62 -31.42 5.21
CA PRO D 222 -26.38 -32.58 6.09
C PRO D 222 -27.24 -32.54 7.36
N GLY D 223 -27.98 -33.62 7.61
CA GLY D 223 -28.81 -33.74 8.83
C GLY D 223 -30.10 -32.92 8.90
N VAL D 224 -30.55 -32.39 7.76
CA VAL D 224 -31.76 -31.57 7.71
C VAL D 224 -32.95 -32.46 8.01
N ALA D 225 -33.98 -31.85 8.60
CA ALA D 225 -35.23 -32.56 8.88
C ALA D 225 -36.27 -32.12 7.89
N ILE D 226 -37.21 -33.00 7.63
CA ILE D 226 -38.29 -32.76 6.66
C ILE D 226 -39.59 -33.29 7.26
N ASN D 227 -40.66 -32.49 7.25
CA ASN D 227 -41.94 -32.90 7.85
C ASN D 227 -42.75 -33.87 7.01
N SER D 228 -43.58 -34.65 7.71
CA SER D 228 -44.44 -35.63 7.08
C SER D 228 -45.41 -35.01 6.08
N ARG D 229 -45.76 -33.73 6.28
CA ARG D 229 -46.78 -33.06 5.46
C ARG D 229 -46.38 -32.91 3.98
N LEU D 230 -45.08 -32.89 3.71
CA LEU D 230 -44.58 -32.89 2.36
C LEU D 230 -45.07 -34.10 1.58
N ARG D 231 -45.05 -35.26 2.22
CA ARG D 231 -44.91 -36.54 1.54
C ARG D 231 -46.21 -37.23 1.20
N ALA D 232 -46.26 -37.70 -0.06
CA ALA D 232 -47.29 -38.64 -0.55
C ALA D 232 -46.57 -39.83 -1.12
N ASP D 233 -47.21 -40.98 -1.08
CA ASP D 233 -46.60 -42.20 -1.66
C ASP D 233 -47.08 -42.47 -3.11
N ASP D 234 -46.68 -43.63 -3.65
CA ASP D 234 -47.05 -44.09 -5.02
C ASP D 234 -48.56 -43.99 -5.28
N LYS D 235 -49.36 -44.29 -4.25
CA LYS D 235 -50.84 -44.33 -4.33
C LYS D 235 -51.55 -43.07 -3.91
N GLY D 236 -50.80 -42.03 -3.52
CA GLY D 236 -51.38 -40.75 -3.06
C GLY D 236 -51.81 -40.64 -1.59
N LYS D 237 -51.41 -41.60 -0.74
CA LYS D 237 -51.64 -41.55 0.74
C LYS D 237 -50.60 -40.60 1.39
N ARG D 238 -51.09 -39.60 2.14
CA ARG D 238 -50.25 -38.53 2.71
C ARG D 238 -49.83 -38.80 4.16
N HIS D 239 -48.68 -38.26 4.57
CA HIS D 239 -48.08 -38.42 5.93
C HIS D 239 -47.52 -39.81 6.26
N PHE D 240 -48.41 -40.79 6.35
CA PHE D 240 -48.05 -42.19 6.50
C PHE D 240 -48.37 -42.89 5.18
N ASP D 241 -47.43 -43.72 4.72
CA ASP D 241 -47.61 -44.44 3.46
C ASP D 241 -48.65 -45.57 3.57
N SER D 242 -48.85 -46.28 2.46
CA SER D 242 -49.89 -47.32 2.36
C SER D 242 -49.67 -48.56 3.26
N ASN D 243 -48.46 -48.73 3.79
CA ASN D 243 -48.15 -49.73 4.83
C ASN D 243 -48.17 -49.15 6.26
N GLY D 244 -48.75 -47.96 6.41
CA GLY D 244 -48.82 -47.28 7.71
C GLY D 244 -47.48 -46.84 8.31
N ARG D 245 -46.45 -46.64 7.48
CA ARG D 245 -45.14 -46.17 7.97
C ARG D 245 -45.00 -44.65 7.72
N LEU D 246 -44.37 -43.97 8.68
CA LEU D 246 -44.28 -42.50 8.65
C LEU D 246 -43.27 -42.04 7.62
N MET D 247 -43.69 -41.16 6.72
CA MET D 247 -42.76 -40.56 5.74
C MET D 247 -42.21 -39.27 6.29
N GLY D 248 -41.03 -38.92 5.83
CA GLY D 248 -40.33 -37.78 6.39
C GLY D 248 -39.81 -38.12 7.77
N ASP D 249 -39.26 -37.12 8.45
CA ASP D 249 -38.55 -37.35 9.70
C ASP D 249 -39.39 -37.20 10.96
N TYR D 250 -40.54 -36.54 10.83
CA TYR D 250 -41.41 -36.32 11.99
C TYR D 250 -42.83 -36.03 11.55
N GLU D 251 -43.76 -36.41 12.40
CA GLU D 251 -45.19 -36.25 12.12
C GLU D 251 -45.61 -34.81 12.42
N SER D 252 -46.34 -34.19 11.48
CA SER D 252 -46.66 -32.78 11.52
C SER D 252 -48.12 -32.48 11.19
N GLY D 253 -49.03 -33.29 11.70
CA GLY D 253 -50.47 -33.07 11.50
C GLY D 253 -51.22 -32.35 12.62
N TYR D 254 -50.61 -32.16 13.79
CA TYR D 254 -51.33 -31.66 14.99
C TYR D 254 -51.24 -30.17 14.97
N GLU D 255 -52.22 -29.54 14.31
CA GLU D 255 -52.26 -28.11 14.03
C GLU D 255 -53.51 -27.58 14.75
N ARG D 256 -53.31 -26.81 15.81
CA ARG D 256 -54.38 -26.33 16.66
C ARG D 256 -55.21 -27.42 17.39
N ARG D 257 -54.64 -28.62 17.54
CA ARG D 257 -55.22 -29.69 18.35
C ARG D 257 -54.05 -30.63 18.77
N LEU D 258 -54.30 -31.53 19.73
CA LEU D 258 -53.26 -32.33 20.33
C LEU D 258 -53.71 -33.76 20.59
N PRO D 259 -52.77 -34.73 20.55
CA PRO D 259 -53.20 -36.10 20.78
C PRO D 259 -53.74 -36.30 22.20
N ASP D 260 -54.67 -37.24 22.33
CA ASP D 260 -55.33 -37.50 23.60
C ASP D 260 -54.33 -38.21 24.48
N PRO D 261 -54.14 -37.71 25.72
CA PRO D 261 -53.18 -38.32 26.65
C PRO D 261 -53.42 -39.75 27.10
N VAL D 262 -54.65 -40.26 26.90
CA VAL D 262 -54.99 -41.65 27.24
C VAL D 262 -55.10 -42.55 26.01
N LYS D 263 -55.74 -42.07 24.96
CA LYS D 263 -56.07 -42.88 23.79
C LYS D 263 -55.05 -42.85 22.62
N ASP D 264 -54.22 -41.81 22.54
CA ASP D 264 -53.35 -41.59 21.38
C ASP D 264 -51.89 -41.78 21.71
N LEU D 265 -51.60 -42.81 22.52
CA LEU D 265 -50.24 -43.13 22.95
C LEU D 265 -49.37 -43.68 21.82
N LYS D 266 -49.99 -44.11 20.73
CA LYS D 266 -49.24 -44.44 19.52
C LYS D 266 -48.22 -43.36 19.10
N VAL D 267 -48.51 -42.09 19.36
CA VAL D 267 -47.62 -41.01 18.91
C VAL D 267 -46.24 -41.02 19.53
N THR D 268 -46.07 -41.73 20.64
CA THR D 268 -44.79 -41.74 21.35
C THR D 268 -43.74 -42.59 20.62
N GLN D 269 -44.20 -43.40 19.67
CA GLN D 269 -43.35 -44.23 18.82
C GLN D 269 -42.57 -43.46 17.73
N TRP D 270 -42.95 -42.22 17.47
CA TRP D 270 -42.25 -41.40 16.47
C TRP D 270 -42.07 -39.97 16.94
N ASP D 271 -41.13 -39.29 16.28
CA ASP D 271 -40.95 -37.86 16.49
C ASP D 271 -42.14 -37.12 15.87
N TRP D 272 -42.59 -36.07 16.54
CA TRP D 272 -43.67 -35.24 16.06
C TRP D 272 -43.62 -33.82 16.59
N GLU D 273 -44.27 -32.92 15.87
CA GLU D 273 -44.30 -31.53 16.24
C GLU D 273 -45.70 -31.01 16.03
N ALA D 274 -46.20 -30.29 17.02
CA ALA D 274 -47.44 -29.58 16.91
C ALA D 274 -47.18 -28.08 16.77
N CYS D 275 -48.13 -27.39 16.16
CA CYS D 275 -48.13 -25.93 16.15
C CYS D 275 -49.49 -25.41 16.60
N MET D 276 -49.51 -24.16 17.05
CA MET D 276 -50.73 -23.53 17.55
C MET D 276 -50.75 -22.02 17.37
N THR D 277 -51.96 -21.46 17.40
CA THR D 277 -52.20 -20.04 17.36
C THR D 277 -52.67 -19.59 18.68
N ILE D 278 -52.52 -18.29 18.93
CA ILE D 278 -52.93 -17.65 20.18
C ILE D 278 -54.44 -17.40 20.18
N PRO D 279 -54.96 -16.68 19.17
CA PRO D 279 -56.40 -16.72 18.92
C PRO D 279 -56.83 -18.05 18.31
N GLU D 280 -58.11 -18.22 18.05
CA GLU D 280 -58.60 -19.51 17.61
C GLU D 280 -58.01 -19.95 16.29
N ASN D 281 -58.04 -19.05 15.31
CA ASN D 281 -57.51 -19.33 13.98
C ASN D 281 -57.00 -18.12 13.19
N GLN D 282 -55.91 -17.53 13.66
CA GLN D 282 -55.18 -16.47 12.97
C GLN D 282 -53.67 -16.76 12.99
N TRP D 283 -53.06 -16.94 11.83
CA TRP D 283 -51.60 -17.12 11.75
C TRP D 283 -50.90 -15.82 11.34
N GLY D 284 -51.30 -15.24 10.21
CA GLY D 284 -50.88 -13.88 9.84
C GLY D 284 -51.55 -12.80 10.70
N TYR D 285 -50.96 -11.62 10.73
CA TYR D 285 -51.50 -10.49 11.47
C TYR D 285 -52.92 -10.16 11.06
N HIS D 286 -53.82 -10.10 12.04
CA HIS D 286 -55.20 -9.67 11.86
C HIS D 286 -55.46 -8.54 12.84
N LYS D 287 -55.99 -7.43 12.37
CA LYS D 287 -56.08 -6.22 13.20
C LYS D 287 -57.07 -6.30 14.38
N ASP D 288 -58.07 -7.16 14.28
CA ASP D 288 -59.09 -7.35 15.32
C ASP D 288 -59.15 -8.73 15.98
N TRP D 289 -58.46 -8.85 17.10
CA TRP D 289 -58.43 -10.08 17.90
C TRP D 289 -59.66 -10.28 18.82
N SER D 290 -60.57 -9.31 18.85
CA SER D 290 -61.82 -9.49 19.59
C SER D 290 -62.84 -10.44 18.88
N LEU D 291 -62.49 -10.96 17.70
CA LEU D 291 -63.48 -11.74 16.92
C LEU D 291 -63.62 -13.20 17.32
N SER D 292 -62.62 -13.72 18.03
CA SER D 292 -62.59 -15.13 18.49
C SER D 292 -61.86 -15.16 19.81
N TYR D 293 -61.88 -16.32 20.47
CA TYR D 293 -61.25 -16.47 21.77
C TYR D 293 -59.71 -16.43 21.67
N VAL D 294 -59.09 -15.74 22.62
CA VAL D 294 -57.64 -15.54 22.70
C VAL D 294 -57.10 -16.25 23.93
N LYS D 295 -56.14 -17.14 23.73
CA LYS D 295 -55.66 -17.99 24.80
C LYS D 295 -54.83 -17.20 25.77
N THR D 296 -54.96 -17.55 27.05
CA THR D 296 -54.16 -16.95 28.10
C THR D 296 -52.84 -17.70 28.15
N PRO D 297 -51.80 -17.11 28.79
CA PRO D 297 -50.52 -17.77 28.88
C PRO D 297 -50.51 -19.15 29.51
N ILE D 298 -51.28 -19.32 30.58
CA ILE D 298 -51.37 -20.64 31.19
C ILE D 298 -52.01 -21.66 30.25
N GLU D 299 -53.01 -21.25 29.46
CA GLU D 299 -53.60 -22.15 28.44
C GLU D 299 -52.56 -22.55 27.38
N VAL D 300 -51.60 -21.67 27.10
CA VAL D 300 -50.57 -21.98 26.14
C VAL D 300 -49.55 -22.91 26.76
N ILE D 301 -49.15 -22.61 27.99
CA ILE D 301 -48.16 -23.43 28.71
C ILE D 301 -48.67 -24.87 28.90
N ASP D 302 -49.94 -25.01 29.24
CA ASP D 302 -50.60 -26.32 29.27
C ASP D 302 -50.36 -27.13 28.00
N ARG D 303 -50.59 -26.51 26.86
CA ARG D 303 -50.41 -27.19 25.59
C ARG D 303 -48.97 -27.55 25.30
N ILE D 304 -48.05 -26.66 25.65
CA ILE D 304 -46.62 -26.94 25.49
C ILE D 304 -46.23 -28.20 26.29
N VAL D 305 -46.58 -28.21 27.56
CA VAL D 305 -46.24 -29.35 28.45
C VAL D 305 -46.93 -30.63 28.01
N HIS D 306 -48.19 -30.50 27.56
CA HIS D 306 -48.95 -31.62 27.02
C HIS D 306 -48.14 -32.27 25.89
N ALA D 307 -47.69 -31.47 24.93
CA ALA D 307 -46.91 -31.99 23.81
C ALA D 307 -45.67 -32.72 24.26
N VAL D 308 -44.89 -32.09 25.13
CA VAL D 308 -43.66 -32.72 25.62
C VAL D 308 -43.97 -33.99 26.42
N SER D 309 -45.07 -34.00 27.17
CA SER D 309 -45.45 -35.20 27.93
C SER D 309 -45.74 -36.39 27.07
N MET D 310 -46.04 -36.16 25.79
CA MET D 310 -46.31 -37.24 24.85
C MET D 310 -45.25 -37.36 23.75
N GLY D 311 -44.07 -36.82 24.02
CA GLY D 311 -42.91 -37.03 23.18
C GLY D 311 -42.80 -36.15 21.95
N GLY D 312 -43.44 -35.00 21.98
CA GLY D 312 -43.44 -34.11 20.82
C GLY D 312 -43.04 -32.69 21.12
N ASN D 313 -42.82 -31.93 20.06
CA ASN D 313 -42.46 -30.50 20.15
C ASN D 313 -43.70 -29.67 20.04
N MET D 314 -43.64 -28.44 20.56
CA MET D 314 -44.70 -27.47 20.36
C MET D 314 -44.15 -26.14 19.79
N VAL D 315 -44.84 -25.59 18.79
CA VAL D 315 -44.44 -24.32 18.16
C VAL D 315 -45.57 -23.35 18.30
N VAL D 316 -45.27 -22.20 18.90
CA VAL D 316 -46.26 -21.16 19.15
C VAL D 316 -46.13 -20.07 18.10
N ASN D 317 -47.25 -19.70 17.48
CA ASN D 317 -47.22 -18.76 16.37
C ASN D 317 -47.33 -17.28 16.73
N PHE D 318 -46.63 -16.47 15.92
CA PHE D 318 -46.65 -15.00 15.98
C PHE D 318 -46.87 -14.47 14.56
N GLY D 319 -47.75 -13.47 14.43
CA GLY D 319 -48.03 -12.79 13.16
C GLY D 319 -47.60 -11.34 13.24
N PRO D 320 -46.33 -11.06 12.96
CA PRO D 320 -45.86 -9.66 13.05
C PRO D 320 -46.68 -8.64 12.26
N GLN D 321 -46.70 -7.41 12.75
CA GLN D 321 -47.34 -6.29 12.05
C GLN D 321 -46.60 -5.90 10.77
N ALA D 322 -47.31 -5.17 9.92
CA ALA D 322 -46.77 -4.67 8.63
C ALA D 322 -45.52 -3.80 8.82
N ASP D 323 -45.49 -3.02 9.89
CA ASP D 323 -44.31 -2.19 10.18
C ASP D 323 -43.07 -2.95 10.68
N GLY D 324 -43.19 -4.25 10.97
CA GLY D 324 -42.05 -5.04 11.41
C GLY D 324 -41.89 -5.14 12.92
N ASP D 325 -42.90 -4.66 13.66
CA ASP D 325 -42.94 -4.85 15.09
C ASP D 325 -44.08 -5.84 15.49
N PHE D 326 -44.00 -6.37 16.72
CA PHE D 326 -45.04 -7.25 17.26
C PHE D 326 -46.08 -6.49 18.07
N ARG D 327 -47.32 -6.88 17.92
CA ARG D 327 -48.42 -6.31 18.67
C ARG D 327 -48.24 -6.57 20.18
N PRO D 328 -48.90 -5.76 21.04
CA PRO D 328 -48.74 -5.89 22.52
C PRO D 328 -49.16 -7.22 23.15
N GLU D 329 -50.22 -7.84 22.66
CA GLU D 329 -50.68 -9.14 23.15
C GLU D 329 -49.62 -10.21 22.94
N GLU D 330 -48.93 -10.18 21.80
CA GLU D 330 -47.87 -11.15 21.51
C GLU D 330 -46.60 -10.92 22.36
N LYS D 331 -46.22 -9.67 22.57
CA LYS D 331 -45.12 -9.36 23.50
C LYS D 331 -45.39 -9.84 24.93
N ALA D 332 -46.61 -9.60 25.38
CA ALA D 332 -47.03 -10.04 26.72
C ALA D 332 -46.97 -11.60 26.84
N MET D 333 -47.51 -12.28 25.82
CA MET D 333 -47.44 -13.75 25.75
C MET D 333 -46.01 -14.28 25.79
N ALA D 334 -45.13 -13.69 25.00
CA ALA D 334 -43.76 -14.16 24.96
C ALA D 334 -43.08 -13.98 26.30
N THR D 335 -43.28 -12.82 26.92
CA THR D 335 -42.69 -12.50 28.22
C THR D 335 -43.21 -13.48 29.28
N ALA D 336 -44.52 -13.71 29.32
CA ALA D 336 -45.13 -14.64 30.30
C ALA D 336 -44.63 -16.08 30.17
N ILE D 337 -44.54 -16.56 28.94
CA ILE D 337 -44.01 -17.89 28.69
C ILE D 337 -42.56 -17.96 29.17
N GLY D 338 -41.76 -16.98 28.77
CA GLY D 338 -40.34 -16.92 29.19
C GLY D 338 -40.09 -16.97 30.70
N LYS D 339 -40.90 -16.23 31.46
CA LYS D 339 -40.85 -16.22 32.91
C LYS D 339 -41.06 -17.67 33.44
N TRP D 340 -42.12 -18.34 32.98
CA TRP D 340 -42.46 -19.67 33.44
C TRP D 340 -41.40 -20.66 32.99
N MET D 341 -41.00 -20.59 31.73
CA MET D 341 -39.96 -21.49 31.21
C MET D 341 -38.62 -21.36 31.96
N ASN D 342 -38.29 -20.16 32.36
CA ASN D 342 -37.05 -19.92 33.08
C ASN D 342 -37.04 -20.59 34.44
N ARG D 343 -38.19 -20.58 35.10
CA ARG D 343 -38.35 -21.23 36.39
C ARG D 343 -38.53 -22.77 36.30
N TYR D 344 -39.31 -23.26 35.32
CA TYR D 344 -39.72 -24.66 35.32
C TYR D 344 -39.28 -25.45 34.09
N GLY D 345 -38.44 -24.84 33.26
CA GLY D 345 -38.02 -25.41 31.99
C GLY D 345 -37.18 -26.64 32.03
N LYS D 346 -36.63 -26.97 33.19
CA LYS D 346 -35.96 -28.29 33.35
C LYS D 346 -36.94 -29.49 33.14
N ALA D 347 -38.25 -29.24 33.26
CA ALA D 347 -39.31 -30.22 32.97
C ALA D 347 -39.80 -30.22 31.51
N VAL D 348 -39.29 -29.29 30.68
CA VAL D 348 -39.66 -29.18 29.26
C VAL D 348 -38.49 -29.50 28.32
N TYR D 349 -37.40 -28.72 28.41
CA TYR D 349 -36.27 -28.89 27.49
C TYR D 349 -35.65 -30.25 27.66
N ALA D 350 -35.36 -30.91 26.54
CA ALA D 350 -34.72 -32.22 26.55
C ALA D 350 -35.51 -33.29 27.35
N CYS D 351 -36.81 -33.08 27.50
CA CYS D 351 -37.67 -34.05 28.16
C CYS D 351 -38.53 -34.84 27.14
N ASP D 352 -39.11 -35.95 27.61
CA ASP D 352 -39.83 -36.88 26.78
C ASP D 352 -40.94 -37.57 27.60
N TYR D 353 -41.66 -38.48 26.94
CA TYR D 353 -42.70 -39.29 27.51
C TYR D 353 -42.18 -40.13 28.67
N ALA D 354 -42.90 -40.16 29.78
CA ALA D 354 -42.44 -40.86 30.99
C ALA D 354 -42.95 -42.28 31.18
N GLY D 355 -43.92 -42.71 30.39
CA GLY D 355 -44.44 -44.07 30.53
C GLY D 355 -45.39 -44.31 31.69
N PHE D 356 -45.88 -43.24 32.34
CA PHE D 356 -46.82 -43.37 33.47
C PHE D 356 -48.26 -43.13 33.03
N GLU D 357 -49.18 -43.78 33.70
CA GLU D 357 -50.62 -43.59 33.46
C GLU D 357 -51.00 -42.14 33.79
N LYS D 358 -51.74 -41.51 32.91
CA LYS D 358 -52.14 -40.10 33.08
C LYS D 358 -53.04 -39.88 34.28
N GLN D 359 -52.83 -38.77 34.97
CA GLN D 359 -53.58 -38.39 36.12
C GLN D 359 -54.15 -36.99 35.93
N ASP D 360 -55.20 -36.69 36.72
CA ASP D 360 -55.98 -35.46 36.56
C ASP D 360 -55.26 -34.16 36.94
N TRP D 361 -54.27 -34.22 37.80
CA TRP D 361 -53.59 -33.01 38.23
C TRP D 361 -52.73 -32.35 37.14
N GLY D 362 -52.33 -33.13 36.13
CA GLY D 362 -51.43 -32.56 35.13
C GLY D 362 -50.69 -33.60 34.34
N TYR D 363 -49.40 -33.38 34.13
CA TYR D 363 -48.62 -34.16 33.17
C TYR D 363 -47.33 -34.61 33.75
N TYR D 364 -46.86 -35.78 33.34
CA TYR D 364 -45.52 -36.21 33.69
C TYR D 364 -44.59 -35.94 32.50
N THR D 365 -43.35 -35.53 32.75
CA THR D 365 -42.30 -35.60 31.76
C THR D 365 -41.08 -36.29 32.34
N ARG D 366 -40.31 -36.93 31.45
CA ARG D 366 -39.10 -37.65 31.80
C ARG D 366 -37.86 -36.93 31.30
N GLY D 367 -36.87 -36.78 32.19
CA GLY D 367 -35.60 -36.10 31.92
C GLY D 367 -34.52 -37.04 31.37
N LYS D 368 -33.40 -36.45 30.97
CA LYS D 368 -32.33 -37.23 30.33
C LYS D 368 -31.70 -38.29 31.24
N ASN D 369 -31.63 -38.01 32.55
CA ASN D 369 -31.12 -38.94 33.55
C ASN D 369 -32.25 -39.57 34.43
N ASP D 370 -33.36 -39.95 33.81
CA ASP D 370 -34.49 -40.61 34.48
C ASP D 370 -35.11 -39.82 35.64
N GLU D 371 -35.02 -38.50 35.59
CA GLU D 371 -35.82 -37.65 36.45
C GLU D 371 -37.25 -37.79 35.95
N VAL D 372 -38.24 -37.89 36.85
CA VAL D 372 -39.65 -37.86 36.47
C VAL D 372 -40.26 -36.62 37.08
N TYR D 373 -40.73 -35.69 36.24
CA TYR D 373 -41.33 -34.45 36.71
C TYR D 373 -42.85 -34.54 36.68
N MET D 374 -43.49 -34.02 37.73
CA MET D 374 -44.94 -33.90 37.79
C MET D 374 -45.21 -32.44 37.58
N VAL D 375 -45.92 -32.09 36.51
CA VAL D 375 -46.23 -30.68 36.23
C VAL D 375 -47.70 -30.50 36.56
N VAL D 376 -47.97 -29.76 37.62
CA VAL D 376 -49.30 -29.67 38.17
C VAL D 376 -50.06 -28.45 37.71
N PHE D 377 -51.18 -28.70 37.04
CA PHE D 377 -52.04 -27.65 36.48
C PHE D 377 -53.39 -27.55 37.17
N ASN D 378 -53.81 -28.62 37.85
CA ASN D 378 -55.12 -28.66 38.49
C ASN D 378 -54.95 -29.17 39.93
N GLN D 379 -55.05 -28.27 40.90
CA GLN D 379 -54.69 -28.55 42.28
C GLN D 379 -55.86 -29.30 42.96
N PRO D 380 -55.61 -30.51 43.47
CA PRO D 380 -56.70 -31.24 44.16
C PRO D 380 -57.03 -30.73 45.55
N TYR D 381 -58.33 -30.56 45.84
CA TYR D 381 -58.76 -30.20 47.20
C TYR D 381 -58.37 -31.25 48.25
N SER D 382 -58.23 -32.50 47.81
CA SER D 382 -57.74 -33.58 48.66
C SER D 382 -56.33 -33.35 49.21
N GLU D 383 -55.59 -32.45 48.57
CA GLU D 383 -54.20 -32.16 48.93
C GLU D 383 -53.24 -33.28 48.61
N ARG D 384 -53.70 -34.24 47.81
CA ARG D 384 -52.93 -35.41 47.45
C ARG D 384 -52.91 -35.62 45.94
N LEU D 385 -51.72 -35.84 45.40
CA LEU D 385 -51.50 -35.98 43.97
C LEU D 385 -51.26 -37.42 43.69
N ILE D 386 -52.20 -38.07 43.02
CA ILE D 386 -52.12 -39.51 42.85
C ILE D 386 -51.06 -39.81 41.81
N VAL D 387 -50.22 -40.80 42.12
CA VAL D 387 -49.16 -41.25 41.26
C VAL D 387 -49.20 -42.75 41.22
N LYS D 388 -49.57 -43.30 40.07
CA LYS D 388 -49.62 -44.72 39.87
C LYS D 388 -48.42 -45.09 38.99
N THR D 389 -47.60 -46.02 39.46
CA THR D 389 -46.35 -46.35 38.80
C THR D 389 -46.47 -47.58 37.96
N PRO D 390 -45.61 -47.71 36.93
CA PRO D 390 -45.62 -48.94 36.13
C PRO D 390 -45.06 -50.08 36.94
N LYS D 391 -45.28 -51.31 36.47
CA LYS D 391 -44.79 -52.55 37.11
C LYS D 391 -43.28 -52.44 37.32
N GLY D 392 -42.82 -52.73 38.54
CA GLY D 392 -41.40 -52.64 38.87
C GLY D 392 -40.80 -51.28 39.23
N ILE D 393 -41.60 -50.23 39.26
CA ILE D 393 -41.07 -48.89 39.53
C ILE D 393 -41.55 -48.43 40.89
N THR D 394 -40.66 -47.80 41.64
CA THR D 394 -40.96 -47.23 42.95
C THR D 394 -40.55 -45.77 42.97
N VAL D 395 -41.14 -45.04 43.90
CA VAL D 395 -40.83 -43.65 44.12
C VAL D 395 -40.09 -43.55 45.44
N GLU D 396 -38.82 -43.11 45.39
CA GLU D 396 -37.96 -42.97 46.59
C GLU D 396 -38.02 -41.59 47.23
N LYS D 397 -38.24 -40.56 46.42
CA LYS D 397 -38.20 -39.21 46.94
C LYS D 397 -39.05 -38.32 46.03
N ALA D 398 -39.63 -37.29 46.63
CA ALA D 398 -40.26 -36.20 45.92
C ALA D 398 -39.75 -34.84 46.39
N THR D 399 -39.55 -33.90 45.46
CA THR D 399 -38.85 -32.65 45.74
C THR D 399 -39.53 -31.54 44.96
N LEU D 400 -39.86 -30.42 45.61
CA LEU D 400 -40.35 -29.26 44.89
C LEU D 400 -39.22 -28.59 44.09
N LEU D 401 -39.39 -28.48 42.78
CA LEU D 401 -38.31 -28.09 41.89
C LEU D 401 -37.71 -26.73 42.22
N THR D 402 -38.55 -25.75 42.50
CA THR D 402 -38.07 -24.39 42.71
C THR D 402 -37.27 -24.24 43.99
N THR D 403 -37.69 -24.89 45.08
CA THR D 403 -37.07 -24.67 46.40
C THR D 403 -36.15 -25.78 46.92
N GLY D 404 -36.22 -26.98 46.35
CA GLY D 404 -35.53 -28.16 46.89
C GLY D 404 -36.21 -28.82 48.10
N GLU D 405 -37.30 -28.25 48.62
CA GLU D 405 -37.97 -28.79 49.80
C GLU D 405 -38.53 -30.21 49.56
N ASP D 406 -38.39 -31.05 50.58
CA ASP D 406 -38.84 -32.44 50.53
C ASP D 406 -40.37 -32.49 50.58
N ILE D 407 -40.95 -33.46 49.86
CA ILE D 407 -42.40 -33.62 49.72
C ILE D 407 -42.76 -35.03 50.16
N THR D 408 -43.75 -35.11 51.05
CA THR D 408 -44.15 -36.40 51.63
C THR D 408 -44.72 -37.31 50.54
N VAL D 409 -44.29 -38.56 50.50
CA VAL D 409 -44.83 -39.55 49.61
C VAL D 409 -45.37 -40.70 50.44
N VAL D 410 -46.64 -41.05 50.27
CA VAL D 410 -47.24 -42.13 51.05
C VAL D 410 -47.71 -43.26 50.12
N GLU D 411 -47.26 -44.48 50.37
CA GLU D 411 -47.77 -45.62 49.63
C GLU D 411 -49.22 -45.87 50.03
N THR D 412 -50.13 -45.95 49.07
CA THR D 412 -51.55 -46.23 49.35
C THR D 412 -51.93 -47.64 48.98
N THR D 413 -51.30 -48.20 47.97
CA THR D 413 -51.59 -49.55 47.52
C THR D 413 -50.36 -50.06 46.72
N ARG D 414 -50.40 -51.29 46.23
CA ARG D 414 -49.38 -51.81 45.31
C ARG D 414 -49.38 -50.86 44.09
N ASN D 415 -48.24 -50.32 43.76
CA ASN D 415 -48.10 -49.47 42.57
C ASN D 415 -48.79 -48.13 42.63
N GLU D 416 -49.10 -47.63 43.81
CA GLU D 416 -49.72 -46.33 43.87
C GLU D 416 -49.34 -45.55 45.13
N TYR D 417 -49.12 -44.26 44.95
CA TYR D 417 -48.80 -43.36 45.99
C TYR D 417 -49.69 -42.13 45.99
N ASN D 418 -49.72 -41.44 47.14
CA ASN D 418 -50.23 -40.11 47.28
C ASN D 418 -48.99 -39.22 47.52
N VAL D 419 -48.74 -38.28 46.63
CA VAL D 419 -47.68 -37.30 46.80
C VAL D 419 -48.32 -36.04 47.29
N SER D 420 -47.87 -35.49 48.41
CA SER D 420 -48.55 -34.31 48.98
C SER D 420 -48.29 -33.10 48.13
N VAL D 421 -49.25 -32.19 48.14
CA VAL D 421 -49.01 -30.86 47.58
C VAL D 421 -47.99 -30.13 48.47
N PRO D 422 -47.39 -29.05 47.94
CA PRO D 422 -46.48 -28.27 48.80
C PRO D 422 -47.23 -27.59 49.93
N LYS D 423 -46.54 -27.31 51.03
CA LYS D 423 -47.14 -26.69 52.22
C LYS D 423 -47.75 -25.34 51.90
N LYS D 424 -47.03 -24.55 51.09
CA LYS D 424 -47.53 -23.28 50.52
C LYS D 424 -47.98 -23.49 49.06
N ASN D 425 -49.21 -23.12 48.74
CA ASN D 425 -49.69 -23.23 47.37
C ASN D 425 -48.88 -22.34 46.44
N PRO D 426 -48.14 -22.92 45.48
CA PRO D 426 -47.32 -22.11 44.59
C PRO D 426 -48.02 -21.01 43.77
N GLY D 427 -49.36 -21.08 43.66
CA GLY D 427 -50.17 -20.07 42.94
C GLY D 427 -50.04 -20.06 41.43
N GLU D 428 -49.44 -21.10 40.86
CA GLU D 428 -49.22 -21.21 39.44
C GLU D 428 -48.94 -22.69 39.14
N PRO D 429 -49.02 -23.09 37.86
CA PRO D 429 -48.58 -24.43 37.54
C PRO D 429 -47.16 -24.66 37.97
N TYR D 430 -46.91 -25.79 38.64
CA TYR D 430 -45.63 -26.02 39.29
C TYR D 430 -45.11 -27.40 39.04
N VAL D 431 -43.85 -27.62 39.39
CA VAL D 431 -43.20 -28.91 39.18
C VAL D 431 -42.76 -29.55 40.48
N ILE D 432 -43.04 -30.85 40.60
CA ILE D 432 -42.46 -31.69 41.63
C ILE D 432 -41.62 -32.71 40.92
N GLN D 433 -40.37 -32.83 41.33
CA GLN D 433 -39.45 -33.78 40.76
C GLN D 433 -39.46 -35.03 41.62
N LEU D 434 -39.51 -36.17 40.95
CA LEU D 434 -39.50 -37.44 41.59
C LEU D 434 -38.18 -38.13 41.31
N LYS D 435 -37.72 -38.90 42.30
CA LYS D 435 -36.64 -39.82 42.12
C LYS D 435 -37.29 -41.17 42.12
N VAL D 436 -37.06 -41.93 41.06
CA VAL D 436 -37.60 -43.26 40.93
C VAL D 436 -36.52 -44.33 40.78
N ARG D 437 -36.85 -45.57 41.17
CA ARG D 437 -35.93 -46.71 41.11
C ARG D 437 -36.68 -47.82 40.39
N ALA D 438 -36.04 -48.42 39.41
CA ALA D 438 -36.54 -49.62 38.75
C ALA D 438 -35.95 -50.86 39.42
N ALA D 439 -36.72 -51.94 39.55
CA ALA D 439 -36.14 -53.26 39.90
C ALA D 439 -35.36 -53.82 38.68
N LYS D 440 -34.61 -54.93 38.89
CA LYS D 440 -33.69 -55.53 37.88
C LYS D 440 -34.29 -56.68 37.04
N TYR D 446 -36.57 -47.84 31.94
CA TYR D 446 -35.76 -47.16 33.00
C TYR D 446 -34.26 -47.60 33.25
#